data_8ET0
#
_entry.id   8ET0
#
_cell.length_a   141.526
_cell.length_b   141.526
_cell.length_c   90.429
_cell.angle_alpha   90.000
_cell.angle_beta   90.000
_cell.angle_gamma   90.000
#
_symmetry.space_group_name_H-M   'P 41'
#
loop_
_entity.id
_entity.type
_entity.pdbx_description
1 polymer 'Prostaglandin G/H synthase 2'
2 polymer 'anti-cox-2 alpaca nanobody F9'
3 branched 2-acetamido-2-deoxy-beta-D-glucopyranose-(1-4)-2-acetamido-2-deoxy-beta-D-glucopyranose
4 non-polymer 2-acetamido-2-deoxy-beta-D-glucopyranose
5 non-polymer IBUPROFEN
6 water water
#
loop_
_entity_poly.entity_id
_entity_poly.type
_entity_poly.pdbx_seq_one_letter_code
_entity_poly.pdbx_strand_id
1 'polypeptide(L)'
;ANPCCSNPCQNRGECMSTGFDQYKCDCTRTGFYGENCTTPEFLTRIKLLLKPTPNTVHYILTHFKGVWNIVNNIPFLRSL
IMKYVLTSRSYLIDSPPTYNVHYGYKSWEAFSNLSYYTRALPPVADDCPTPMGVKGNKELPDSKEVLEKVLLRREFIPDP
QGSNMMFAFFAQHFTHQFFKTDHKRGPGFTRGLGHGVDLNHIYGETLDRQHKLRLFKDGKLKYQVIGGEVYPPTVKDTQV
EMIYPPHIPENLQFAVGQEVFGLVPGLMMYATIWLREHNRVCDILKQEHPEWGDEQLFQTSRLILIGETIKIVIEDYVQH
LSGYHFKLKFDPELLFNQQFQYQNRIASEFNTLYHWHPLLPDTFNIEDQEYSFKQFLYNNSILLEHGLTQFVESFTRQIA
GRVAGGRNVPIAVQAVAKASIDQSREMKYQSLNEYRKRFSLKPYTSFEELTGEKEMAAELKALYSDIDVMELYPALLVEK
PRPDAIFGETMVELGAPFSLKGLMGNPICSPQYWKPSTFGGEVGFKIINTASIQSLICNNVKGCPFTSFNVQDPQPTKTA
TINASASHSRLDDINPTVLIKRRSTEL
;
A,B
2 'polypeptide(L)'
;AQVQLQESGGGLVQPGGSLRLSCAASGSIFSIREWGWYRQAPGKQRELVATITSGGTTNYADSVRGRFTISRDNAKDTVY
LQMNSLTPEDTAVYYCNAESDGWYGLSYWGQGTQVTVGPGGQHHHHHHGAYPYDVPDYAS
;
C,D
#
# COMPACT_ATOMS: atom_id res chain seq x y z
N ALA A 1 -7.82 16.58 -30.05
CA ALA A 1 -7.46 15.45 -30.90
C ALA A 1 -8.09 14.17 -30.37
N ASN A 2 -7.95 13.94 -29.08
CA ASN A 2 -8.52 12.74 -28.46
C ASN A 2 -10.05 12.82 -28.50
N PRO A 3 -10.73 11.77 -28.92
CA PRO A 3 -12.21 11.81 -28.97
C PRO A 3 -12.86 12.04 -27.63
N CYS A 4 -12.16 11.77 -26.52
CA CYS A 4 -12.76 11.92 -25.19
C CYS A 4 -12.52 13.30 -24.59
N CYS A 5 -11.87 14.22 -25.31
CA CYS A 5 -11.50 15.51 -24.74
C CYS A 5 -12.71 16.31 -24.26
N SER A 6 -13.88 16.10 -24.84
CA SER A 6 -15.05 16.87 -24.45
C SER A 6 -15.72 16.34 -23.20
N ASN A 7 -15.23 15.24 -22.63
CA ASN A 7 -15.85 14.57 -21.50
C ASN A 7 -17.31 14.24 -21.79
N PRO A 8 -17.58 13.45 -22.83
CA PRO A 8 -18.97 13.27 -23.28
C PRO A 8 -19.80 12.35 -22.39
N CYS A 9 -19.17 11.43 -21.65
CA CYS A 9 -19.92 10.45 -20.90
C CYS A 9 -20.35 11.03 -19.55
N GLN A 10 -21.64 10.90 -19.24
CA GLN A 10 -22.23 11.46 -18.03
C GLN A 10 -22.47 10.36 -16.99
N ASN A 11 -22.79 10.80 -15.78
CA ASN A 11 -23.24 9.92 -14.70
C ASN A 11 -22.19 8.85 -14.37
N ARG A 12 -20.93 9.25 -14.36
CA ARG A 12 -19.79 8.39 -13.99
C ARG A 12 -19.53 7.32 -15.04
N GLY A 13 -20.11 7.44 -16.22
CA GLY A 13 -19.66 6.66 -17.35
C GLY A 13 -18.23 7.00 -17.75
N GLU A 14 -17.57 6.04 -18.37
CA GLU A 14 -16.16 6.16 -18.71
C GLU A 14 -15.99 6.22 -20.21
N CYS A 15 -15.19 7.17 -20.68
CA CYS A 15 -14.98 7.39 -22.10
C CYS A 15 -13.75 6.62 -22.59
N MET A 16 -13.91 5.93 -23.70
CA MET A 16 -12.83 5.19 -24.34
C MET A 16 -12.82 5.53 -25.82
N SER A 17 -11.65 5.85 -26.35
CA SER A 17 -11.55 6.09 -27.79
C SER A 17 -11.64 4.77 -28.54
N THR A 18 -12.40 4.78 -29.64
CA THR A 18 -12.48 3.61 -30.51
C THR A 18 -12.08 4.02 -31.93
N GLY A 19 -10.88 4.57 -32.07
CA GLY A 19 -10.42 5.17 -33.30
C GLY A 19 -9.98 6.60 -33.08
N PHE A 20 -9.52 7.22 -34.16
CA PHE A 20 -8.98 8.57 -34.05
C PHE A 20 -10.05 9.62 -33.82
N ASP A 21 -11.31 9.35 -34.19
CA ASP A 21 -12.32 10.40 -34.16
C ASP A 21 -13.68 9.89 -33.66
N GLN A 22 -13.69 8.87 -32.81
CA GLN A 22 -14.94 8.45 -32.19
C GLN A 22 -14.65 7.82 -30.84
N TYR A 23 -15.62 7.94 -29.95
CA TYR A 23 -15.52 7.44 -28.59
C TYR A 23 -16.64 6.44 -28.32
N LYS A 24 -16.51 5.76 -27.20
CA LYS A 24 -17.53 4.85 -26.69
C LYS A 24 -17.62 5.07 -25.18
N CYS A 25 -18.84 5.16 -24.66
CA CYS A 25 -19.05 5.32 -23.23
C CYS A 25 -19.37 3.97 -22.60
N ASP A 26 -18.65 3.63 -21.53
CA ASP A 26 -18.94 2.43 -20.73
C ASP A 26 -19.91 2.85 -19.63
N CYS A 27 -21.19 2.52 -19.80
CA CYS A 27 -22.21 2.93 -18.84
C CYS A 27 -22.46 1.88 -17.75
N THR A 28 -21.55 0.90 -17.62
CA THR A 28 -21.74 -0.20 -16.68
C THR A 28 -22.00 0.31 -15.28
N ARG A 29 -23.12 -0.13 -14.70
CA ARG A 29 -23.50 0.13 -13.31
C ARG A 29 -23.66 1.61 -13.00
N THR A 30 -23.87 2.44 -14.03
CA THR A 30 -24.17 3.85 -13.80
C THR A 30 -25.64 4.11 -13.51
N GLY A 31 -26.52 3.14 -13.76
CA GLY A 31 -27.94 3.36 -13.74
C GLY A 31 -28.50 3.98 -15.02
N PHE A 32 -27.64 4.28 -15.99
CA PHE A 32 -28.01 4.91 -17.25
C PHE A 32 -27.50 4.05 -18.40
N TYR A 33 -28.02 4.34 -19.59
CA TYR A 33 -27.50 3.74 -20.82
C TYR A 33 -27.60 4.78 -21.92
N GLY A 34 -27.32 4.37 -23.14
CA GLY A 34 -27.26 5.27 -24.28
C GLY A 34 -25.83 5.68 -24.60
N GLU A 35 -25.71 6.46 -25.68
CA GLU A 35 -24.40 6.83 -26.21
C GLU A 35 -23.54 7.53 -25.17
N ASN A 36 -24.14 8.32 -24.28
CA ASN A 36 -23.38 9.08 -23.30
C ASN A 36 -23.87 8.84 -21.88
N CYS A 37 -24.56 7.73 -21.65
CA CYS A 37 -25.06 7.36 -20.32
C CYS A 37 -26.01 8.43 -19.76
N THR A 38 -26.93 8.91 -20.61
CA THR A 38 -27.91 9.91 -20.20
C THR A 38 -29.35 9.41 -20.24
N THR A 39 -29.60 8.22 -20.78
CA THR A 39 -30.94 7.65 -20.75
C THR A 39 -31.08 6.83 -19.47
N PRO A 40 -31.90 7.24 -18.51
CA PRO A 40 -31.98 6.51 -17.24
C PRO A 40 -32.77 5.22 -17.36
N GLU A 41 -32.34 4.23 -16.60
CA GLU A 41 -33.14 3.03 -16.42
C GLU A 41 -34.37 3.36 -15.59
N PHE A 42 -35.35 2.45 -15.62
CA PHE A 42 -36.61 2.71 -14.94
C PHE A 42 -36.39 2.96 -13.45
N LEU A 43 -35.62 2.09 -12.79
CA LEU A 43 -35.35 2.27 -11.37
C LEU A 43 -34.61 3.58 -11.11
N THR A 44 -33.73 3.97 -12.03
CA THR A 44 -33.01 5.24 -11.89
C THR A 44 -33.97 6.43 -11.92
N ARG A 45 -34.96 6.39 -12.82
CA ARG A 45 -35.94 7.47 -12.88
C ARG A 45 -36.66 7.65 -11.54
N ILE A 46 -37.09 6.54 -10.94
CA ILE A 46 -37.80 6.63 -9.65
C ILE A 46 -36.90 7.22 -8.59
N LYS A 47 -35.65 6.76 -8.53
CA LYS A 47 -34.73 7.25 -7.49
C LYS A 47 -34.40 8.73 -7.70
N LEU A 48 -34.25 9.16 -8.95
CA LEU A 48 -33.99 10.57 -9.22
C LEU A 48 -35.18 11.44 -8.83
N LEU A 49 -36.40 10.95 -9.07
CA LEU A 49 -37.58 11.72 -8.71
C LEU A 49 -37.71 11.89 -7.20
N LEU A 50 -37.18 10.94 -6.42
CA LEU A 50 -37.33 10.95 -4.97
C LEU A 50 -36.10 11.47 -4.24
N LYS A 51 -35.00 11.71 -4.94
CA LYS A 51 -33.76 12.13 -4.28
C LYS A 51 -33.80 13.63 -4.00
N PRO A 52 -33.64 14.05 -2.75
CA PRO A 52 -33.57 15.49 -2.48
C PRO A 52 -32.18 16.05 -2.75
N THR A 53 -32.14 17.34 -3.07
CA THR A 53 -30.87 18.00 -3.34
C THR A 53 -30.04 18.10 -2.06
N PRO A 54 -28.71 18.24 -2.21
CA PRO A 54 -27.89 18.49 -1.02
C PRO A 54 -28.32 19.72 -0.23
N ASN A 55 -28.71 20.79 -0.94
CA ASN A 55 -29.16 21.99 -0.25
C ASN A 55 -30.41 21.72 0.57
N THR A 56 -31.30 20.85 0.07
CA THR A 56 -32.50 20.50 0.82
C THR A 56 -32.16 19.67 2.06
N VAL A 57 -31.29 18.68 1.92
CA VAL A 57 -30.89 17.87 3.07
C VAL A 57 -30.13 18.72 4.08
N HIS A 58 -29.24 19.59 3.60
CA HIS A 58 -28.52 20.51 4.49
C HIS A 58 -29.50 21.36 5.30
N TYR A 59 -30.57 21.84 4.66
CA TYR A 59 -31.57 22.63 5.38
C TYR A 59 -32.18 21.83 6.53
N ILE A 60 -32.53 20.56 6.26
CA ILE A 60 -33.15 19.73 7.29
C ILE A 60 -32.19 19.50 8.45
N LEU A 61 -30.92 19.26 8.15
CA LEU A 61 -29.92 19.02 9.20
C LEU A 61 -29.56 20.29 9.97
N THR A 62 -29.81 21.47 9.41
CA THR A 62 -29.47 22.72 10.09
C THR A 62 -30.69 23.42 10.68
N HIS A 63 -31.86 22.80 10.62
CA HIS A 63 -33.05 23.35 11.26
C HIS A 63 -33.71 22.26 12.10
N PHE A 64 -34.89 22.55 12.66
CA PHE A 64 -35.64 21.57 13.47
C PHE A 64 -34.81 21.08 14.65
N LYS A 65 -34.23 22.02 15.38
CA LYS A 65 -33.31 21.65 16.45
C LYS A 65 -33.99 20.83 17.54
N GLY A 66 -35.26 21.15 17.82
CA GLY A 66 -35.98 20.39 18.85
C GLY A 66 -36.25 18.96 18.43
N VAL A 67 -36.50 18.74 17.13
CA VAL A 67 -36.72 17.38 16.64
C VAL A 67 -35.42 16.59 16.67
N TRP A 68 -34.31 17.22 16.28
CA TRP A 68 -33.03 16.52 16.31
C TRP A 68 -32.62 16.16 17.73
N ASN A 69 -33.02 16.97 18.72
CA ASN A 69 -32.67 16.67 20.10
C ASN A 69 -33.32 15.37 20.56
N ILE A 70 -34.54 15.10 20.09
CA ILE A 70 -35.20 13.82 20.38
C ILE A 70 -34.50 12.70 19.63
N VAL A 71 -34.20 12.91 18.35
CA VAL A 71 -33.51 11.91 17.55
C VAL A 71 -32.14 11.57 18.14
N ASN A 72 -31.41 12.59 18.60
CA ASN A 72 -30.08 12.36 19.16
C ASN A 72 -30.12 11.50 20.42
N ASN A 73 -31.27 11.43 21.10
CA ASN A 73 -31.41 10.69 22.34
C ASN A 73 -32.09 9.33 22.14
N ILE A 74 -32.32 8.93 20.90
CA ILE A 74 -32.79 7.57 20.61
C ILE A 74 -31.65 6.85 19.90
N PRO A 75 -30.90 5.99 20.61
CA PRO A 75 -29.67 5.43 20.03
C PRO A 75 -29.89 4.68 18.72
N PHE A 76 -30.98 3.91 18.62
CA PHE A 76 -31.25 3.19 17.38
C PHE A 76 -31.43 4.14 16.20
N LEU A 77 -32.11 5.27 16.43
CA LEU A 77 -32.35 6.21 15.34
C LEU A 77 -31.09 6.98 14.99
N ARG A 78 -30.30 7.38 15.99
CA ARG A 78 -29.02 8.04 15.74
C ARG A 78 -28.10 7.14 14.94
N SER A 79 -28.08 5.84 15.25
CA SER A 79 -27.23 4.91 14.53
C SER A 79 -27.70 4.74 13.09
N LEU A 80 -29.01 4.66 12.88
CA LEU A 80 -29.53 4.47 11.53
C LEU A 80 -29.18 5.64 10.64
N ILE A 81 -29.21 6.86 11.18
CA ILE A 81 -28.94 8.06 10.37
C ILE A 81 -27.44 8.22 10.13
N MET A 82 -26.63 7.96 11.14
CA MET A 82 -25.18 8.01 10.94
C MET A 82 -24.73 6.96 9.93
N LYS A 83 -25.33 5.76 10.00
CA LYS A 83 -25.01 4.72 9.03
C LYS A 83 -25.30 5.17 7.61
N TYR A 84 -26.46 5.81 7.40
CA TYR A 84 -26.80 6.28 6.05
C TYR A 84 -25.83 7.36 5.57
N VAL A 85 -25.42 8.24 6.48
CA VAL A 85 -24.41 9.26 6.14
C VAL A 85 -23.12 8.60 5.66
N LEU A 86 -22.61 7.65 6.46
CA LEU A 86 -21.37 6.97 6.10
C LEU A 86 -21.49 6.27 4.75
N THR A 87 -22.55 5.49 4.55
CA THR A 87 -22.64 4.66 3.35
C THR A 87 -22.89 5.51 2.10
N SER A 88 -23.70 6.55 2.21
CA SER A 88 -23.98 7.38 1.03
C SER A 88 -22.77 8.22 0.64
N ARG A 89 -22.06 8.78 1.63
CA ARG A 89 -20.81 9.47 1.34
C ARG A 89 -19.79 8.53 0.70
N SER A 90 -19.62 7.34 1.27
CA SER A 90 -18.60 6.41 0.81
C SER A 90 -18.85 5.97 -0.63
N TYR A 91 -20.11 5.93 -1.05
CA TYR A 91 -20.43 5.50 -2.41
C TYR A 91 -19.82 6.40 -3.47
N LEU A 92 -19.51 7.65 -3.13
CA LEU A 92 -18.97 8.59 -4.11
C LEU A 92 -17.48 8.41 -4.37
N ILE A 93 -16.78 7.59 -3.59
CA ILE A 93 -15.33 7.44 -3.69
C ILE A 93 -15.00 6.10 -4.34
N ASP A 94 -14.21 6.14 -5.41
CA ASP A 94 -13.69 4.90 -5.99
C ASP A 94 -12.70 4.26 -5.02
N SER A 95 -12.96 3.01 -4.63
CA SER A 95 -12.12 2.32 -3.68
C SER A 95 -12.21 0.82 -3.94
N PRO A 96 -11.14 0.17 -4.43
CA PRO A 96 -9.79 0.63 -4.79
C PRO A 96 -9.73 1.85 -5.72
N PRO A 97 -8.65 2.63 -5.60
CA PRO A 97 -8.56 3.87 -6.38
C PRO A 97 -8.24 3.61 -7.84
N THR A 98 -8.44 4.64 -8.66
CA THR A 98 -8.30 4.50 -10.11
C THR A 98 -7.24 5.44 -10.67
N TYR A 99 -7.63 6.65 -11.08
CA TYR A 99 -6.77 7.52 -11.87
C TYR A 99 -5.73 8.25 -11.00
N ASN A 100 -4.76 8.86 -11.67
CA ASN A 100 -3.87 9.83 -11.03
C ASN A 100 -3.43 10.84 -12.10
N VAL A 101 -2.48 11.70 -11.75
CA VAL A 101 -2.09 12.79 -12.64
C VAL A 101 -1.51 12.28 -13.95
N HIS A 102 -0.99 11.05 -13.98
CA HIS A 102 -0.37 10.53 -15.20
C HIS A 102 -1.24 9.53 -15.94
N TYR A 103 -2.37 9.13 -15.38
CA TYR A 103 -3.18 8.06 -15.97
C TYR A 103 -4.64 8.48 -15.92
N GLY A 104 -5.18 8.88 -17.08
CA GLY A 104 -6.59 9.13 -17.28
C GLY A 104 -7.39 7.89 -17.58
N TYR A 105 -6.72 6.74 -17.59
CA TYR A 105 -7.33 5.43 -17.68
C TYR A 105 -6.79 4.58 -16.54
N LYS A 106 -7.52 3.52 -16.22
CA LYS A 106 -7.09 2.63 -15.15
C LYS A 106 -5.86 1.83 -15.59
N SER A 107 -4.87 1.72 -14.71
CA SER A 107 -3.64 1.01 -15.01
C SER A 107 -3.10 0.43 -13.72
N TRP A 108 -2.28 -0.62 -13.85
CA TRP A 108 -1.67 -1.19 -12.65
C TRP A 108 -0.67 -0.21 -12.03
N GLU A 109 -0.04 0.64 -12.83
CA GLU A 109 0.85 1.66 -12.28
C GLU A 109 0.08 2.64 -11.40
N ALA A 110 -1.08 3.10 -11.86
CA ALA A 110 -1.87 4.03 -11.06
C ALA A 110 -2.43 3.36 -9.81
N PHE A 111 -2.73 2.06 -9.86
CA PHE A 111 -3.21 1.41 -8.65
C PHE A 111 -2.08 1.21 -7.65
N SER A 112 -0.92 0.73 -8.13
CA SER A 112 0.06 0.19 -7.22
C SER A 112 1.01 1.25 -6.67
N ASN A 113 1.23 2.35 -7.39
CA ASN A 113 2.25 3.33 -7.02
C ASN A 113 1.69 4.28 -5.97
N LEU A 114 2.06 4.05 -4.71
CA LEU A 114 1.53 4.81 -3.59
C LEU A 114 2.09 6.24 -3.51
N SER A 115 3.10 6.57 -4.31
CA SER A 115 3.68 7.90 -4.28
C SER A 115 2.78 8.94 -4.95
N TYR A 116 1.80 8.50 -5.72
CA TYR A 116 0.83 9.40 -6.33
C TYR A 116 -0.31 9.71 -5.37
N TYR A 117 -0.74 10.97 -5.34
CA TYR A 117 -2.11 11.24 -4.96
C TYR A 117 -3.03 10.61 -5.99
N THR A 118 -4.16 10.07 -5.54
CA THR A 118 -5.09 9.54 -6.53
C THR A 118 -5.97 10.68 -7.06
N ARG A 119 -6.86 10.36 -7.99
CA ARG A 119 -7.67 11.37 -8.64
C ARG A 119 -9.12 10.92 -8.76
N ALA A 120 -10.04 11.73 -8.22
CA ALA A 120 -11.46 11.46 -8.38
C ALA A 120 -11.91 11.61 -9.83
N LEU A 121 -11.29 12.55 -10.57
CA LEU A 121 -11.52 12.63 -12.00
C LEU A 121 -10.20 12.53 -12.73
N PRO A 122 -10.16 11.89 -13.90
CA PRO A 122 -8.91 11.77 -14.64
C PRO A 122 -8.44 13.14 -15.12
N PRO A 123 -7.15 13.29 -15.40
CA PRO A 123 -6.67 14.56 -15.95
C PRO A 123 -7.14 14.75 -17.40
N VAL A 124 -7.24 16.03 -17.78
CA VAL A 124 -7.43 16.37 -19.19
C VAL A 124 -6.21 15.90 -19.97
N ALA A 125 -6.45 15.20 -21.07
CA ALA A 125 -5.36 14.68 -21.89
C ALA A 125 -4.53 15.82 -22.45
N ASP A 126 -3.25 15.53 -22.71
CA ASP A 126 -2.31 16.57 -23.14
C ASP A 126 -2.69 17.12 -24.52
N ASP A 127 -3.18 16.26 -25.42
CA ASP A 127 -3.50 16.69 -26.78
C ASP A 127 -4.89 17.27 -26.92
N CYS A 128 -5.55 17.63 -25.81
CA CYS A 128 -6.84 18.32 -25.95
C CYS A 128 -6.60 19.79 -26.31
N PRO A 129 -7.44 20.37 -27.16
CA PRO A 129 -7.16 21.73 -27.67
C PRO A 129 -7.21 22.82 -26.61
N THR A 130 -7.93 22.63 -25.51
CA THR A 130 -8.07 23.63 -24.46
C THR A 130 -7.74 23.01 -23.12
N PRO A 131 -7.37 23.83 -22.12
CA PRO A 131 -7.02 23.27 -20.80
C PRO A 131 -8.13 22.43 -20.19
N MET A 132 -9.38 22.82 -20.37
CA MET A 132 -10.49 22.08 -19.77
C MET A 132 -11.05 20.99 -20.67
N GLY A 133 -10.48 20.80 -21.86
CA GLY A 133 -10.99 19.81 -22.79
C GLY A 133 -11.20 20.36 -24.19
N VAL A 134 -12.42 20.83 -24.47
CA VAL A 134 -12.69 21.53 -25.72
C VAL A 134 -13.30 22.91 -25.52
N LYS A 135 -13.88 23.21 -24.37
CA LYS A 135 -14.53 24.49 -24.13
C LYS A 135 -13.52 25.54 -23.67
N GLY A 136 -13.90 26.81 -23.81
CA GLY A 136 -13.09 27.90 -23.32
C GLY A 136 -12.02 28.34 -24.30
N ASN A 137 -11.20 29.27 -23.84
CA ASN A 137 -10.13 29.83 -24.65
C ASN A 137 -8.94 28.87 -24.68
N LYS A 138 -7.96 29.20 -25.53
CA LYS A 138 -6.78 28.34 -25.66
C LYS A 138 -6.00 28.28 -24.36
N GLU A 139 -6.06 29.34 -23.55
CA GLU A 139 -5.35 29.43 -22.29
C GLU A 139 -6.32 29.91 -21.21
N LEU A 140 -6.13 29.39 -20.00
CA LEU A 140 -6.90 29.85 -18.87
C LEU A 140 -6.46 31.27 -18.49
N PRO A 141 -7.31 32.03 -17.80
CA PRO A 141 -6.94 33.40 -17.44
C PRO A 141 -5.75 33.44 -16.50
N ASP A 142 -5.09 34.60 -16.48
CA ASP A 142 -3.96 34.81 -15.59
C ASP A 142 -4.37 34.57 -14.14
N SER A 143 -3.75 33.59 -13.51
CA SER A 143 -4.13 33.25 -12.13
C SER A 143 -3.85 34.40 -11.17
N LYS A 144 -2.88 35.27 -11.51
CA LYS A 144 -2.65 36.46 -10.72
C LYS A 144 -3.85 37.40 -10.77
N GLU A 145 -4.50 37.51 -11.93
CA GLU A 145 -5.70 38.35 -12.03
C GLU A 145 -6.89 37.71 -11.31
N VAL A 146 -7.04 36.39 -11.43
CA VAL A 146 -8.07 35.69 -10.69
C VAL A 146 -7.88 35.93 -9.19
N LEU A 147 -6.65 35.77 -8.71
CA LEU A 147 -6.35 35.97 -7.30
C LEU A 147 -6.73 37.38 -6.84
N GLU A 148 -6.23 38.39 -7.55
CA GLU A 148 -6.41 39.76 -7.07
C GLU A 148 -7.86 40.22 -7.16
N LYS A 149 -8.61 39.76 -8.16
CA LYS A 149 -9.92 40.32 -8.41
C LYS A 149 -11.01 39.73 -7.51
N VAL A 150 -10.92 38.44 -7.16
CA VAL A 150 -12.02 37.81 -6.43
C VAL A 150 -11.55 37.03 -5.19
N LEU A 151 -10.24 36.85 -5.03
CA LEU A 151 -9.75 36.03 -3.92
C LEU A 151 -9.13 36.85 -2.79
N LEU A 152 -8.39 37.91 -3.10
CA LEU A 152 -7.61 38.59 -2.07
C LEU A 152 -8.50 39.34 -1.09
N ARG A 153 -8.11 39.29 0.18
CA ARG A 153 -8.86 39.93 1.24
C ARG A 153 -8.74 41.46 1.14
N ARG A 154 -9.88 42.13 1.25
CA ARG A 154 -9.91 43.59 1.45
C ARG A 154 -9.96 43.85 2.95
N GLU A 155 -11.13 43.60 3.54
CA GLU A 155 -11.31 43.61 4.98
C GLU A 155 -11.52 42.17 5.47
N PHE A 156 -11.11 41.91 6.70
CA PHE A 156 -11.24 40.57 7.26
C PHE A 156 -12.72 40.20 7.39
N ILE A 157 -13.08 39.05 6.82
CA ILE A 157 -14.44 38.53 6.91
C ILE A 157 -14.43 37.38 7.91
N PRO A 158 -14.97 37.55 9.10
CA PRO A 158 -15.00 36.45 10.07
C PRO A 158 -15.95 35.35 9.62
N ASP A 159 -15.67 34.14 10.08
CA ASP A 159 -16.54 33.02 9.80
C ASP A 159 -17.83 33.16 10.59
N PRO A 160 -19.00 33.20 9.94
CA PRO A 160 -20.25 33.28 10.70
C PRO A 160 -20.58 32.01 11.45
N GLN A 161 -19.96 30.87 11.14
CA GLN A 161 -20.10 29.68 11.96
C GLN A 161 -19.25 29.73 13.22
N GLY A 162 -18.44 30.77 13.39
CA GLY A 162 -17.70 30.93 14.62
C GLY A 162 -16.45 30.09 14.77
N SER A 163 -15.93 29.53 13.66
CA SER A 163 -14.68 28.78 13.72
C SER A 163 -13.58 29.63 14.32
N ASN A 164 -12.86 29.09 15.30
CA ASN A 164 -11.82 29.81 16.01
C ASN A 164 -10.45 29.34 15.54
N MET A 165 -9.40 29.79 16.22
CA MET A 165 -8.05 29.43 15.83
C MET A 165 -7.62 28.07 16.36
N MET A 166 -8.22 27.59 17.45
CA MET A 166 -8.04 26.19 17.83
C MET A 166 -8.51 25.28 16.69
N PHE A 167 -9.61 25.64 16.03
CA PHE A 167 -10.06 24.88 14.87
C PHE A 167 -9.07 25.01 13.72
N ALA A 168 -8.64 26.24 13.42
CA ALA A 168 -7.78 26.45 12.26
C ALA A 168 -6.48 25.68 12.39
N PHE A 169 -5.83 25.76 13.56
CA PHE A 169 -4.58 25.05 13.73
C PHE A 169 -4.79 23.54 13.84
N PHE A 170 -5.97 23.11 14.31
CA PHE A 170 -6.27 21.67 14.32
C PHE A 170 -6.40 21.13 12.90
N ALA A 171 -7.13 21.86 12.04
CA ALA A 171 -7.23 21.46 10.64
C ALA A 171 -5.87 21.39 9.98
N GLN A 172 -5.01 22.38 10.23
CA GLN A 172 -3.66 22.36 9.69
C GLN A 172 -2.87 21.18 10.24
N HIS A 173 -2.88 21.00 11.56
CA HIS A 173 -2.11 19.92 12.17
C HIS A 173 -2.60 18.55 11.72
N PHE A 174 -3.93 18.34 11.76
CA PHE A 174 -4.50 17.04 11.42
C PHE A 174 -4.23 16.67 9.96
N THR A 175 -4.51 17.59 9.03
CA THR A 175 -4.35 17.25 7.62
C THR A 175 -2.89 17.19 7.18
N HIS A 176 -1.97 17.75 7.96
CA HIS A 176 -0.57 17.66 7.58
C HIS A 176 0.00 16.25 7.69
N GLN A 177 -0.80 15.27 8.13
CA GLN A 177 -0.31 13.90 8.12
C GLN A 177 -0.61 13.16 6.83
N PHE A 178 -1.61 13.59 6.04
CA PHE A 178 -1.86 12.93 4.78
C PHE A 178 -1.78 13.86 3.57
N PHE A 179 -1.58 15.16 3.77
CA PHE A 179 -1.21 16.08 2.69
C PHE A 179 0.28 16.40 2.89
N LYS A 180 1.15 15.58 2.29
CA LYS A 180 2.61 15.72 2.39
C LYS A 180 3.18 15.65 0.99
N THR A 181 3.01 16.74 0.23
CA THR A 181 3.35 16.74 -1.18
C THR A 181 4.85 16.59 -1.37
N ASP A 182 5.23 15.68 -2.26
CA ASP A 182 6.64 15.48 -2.63
C ASP A 182 6.92 16.33 -3.86
N HIS A 183 7.32 17.57 -3.63
CA HIS A 183 7.55 18.49 -4.75
C HIS A 183 8.78 18.12 -5.57
N LYS A 184 9.66 17.26 -5.05
CA LYS A 184 10.75 16.75 -5.88
C LYS A 184 10.21 16.06 -7.13
N ARG A 185 9.11 15.32 -6.98
CA ARG A 185 8.46 14.70 -8.13
C ARG A 185 7.42 15.60 -8.77
N GLY A 186 6.64 16.32 -7.97
CA GLY A 186 5.62 17.19 -8.50
C GLY A 186 4.44 17.33 -7.56
N PRO A 187 3.53 18.27 -7.87
CA PRO A 187 2.38 18.50 -6.98
C PRO A 187 1.41 17.33 -6.91
N GLY A 188 1.46 16.40 -7.85
CA GLY A 188 0.61 15.23 -7.82
C GLY A 188 1.15 14.06 -7.03
N PHE A 189 2.26 14.22 -6.33
CA PHE A 189 2.89 13.15 -5.58
C PHE A 189 2.89 13.46 -4.08
N THR A 190 2.98 12.41 -3.27
CA THR A 190 2.90 12.53 -1.82
C THR A 190 3.98 11.71 -1.14
N ARG A 191 4.36 12.15 0.07
CA ARG A 191 5.28 11.41 0.93
C ARG A 191 4.54 10.57 1.97
N GLY A 192 3.24 10.78 2.15
CA GLY A 192 2.46 10.05 3.14
C GLY A 192 1.94 8.76 2.59
N LEU A 193 2.78 7.73 2.61
CA LEU A 193 2.43 6.45 1.98
C LEU A 193 1.33 5.72 2.73
N GLY A 194 1.07 6.06 3.98
CA GLY A 194 -0.08 5.50 4.68
C GLY A 194 -1.42 5.98 4.15
N HIS A 195 -1.44 7.14 3.48
CA HIS A 195 -2.64 7.65 2.80
C HIS A 195 -3.83 7.81 3.73
N GLY A 196 -3.58 8.29 4.95
CA GLY A 196 -4.68 8.44 5.88
C GLY A 196 -4.23 8.80 7.28
N VAL A 197 -5.05 8.41 8.25
CA VAL A 197 -4.87 8.84 9.64
C VAL A 197 -4.04 7.77 10.33
N ASP A 198 -2.72 7.87 10.17
CA ASP A 198 -1.77 6.99 10.85
C ASP A 198 -0.98 7.72 11.93
N LEU A 199 -1.15 9.04 12.04
CA LEU A 199 -0.44 9.86 13.02
C LEU A 199 1.07 9.87 12.78
N ASN A 200 1.48 9.77 11.51
CA ASN A 200 2.90 9.93 11.18
C ASN A 200 3.41 11.32 11.52
N HIS A 201 2.52 12.31 11.62
CA HIS A 201 2.93 13.65 12.04
C HIS A 201 3.27 13.71 13.52
N ILE A 202 2.99 12.65 14.27
CA ILE A 202 3.44 12.51 15.65
C ILE A 202 4.61 11.55 15.76
N TYR A 203 4.53 10.40 15.08
CA TYR A 203 5.48 9.32 15.25
C TYR A 203 6.49 9.19 14.12
N GLY A 204 6.36 9.98 13.06
CA GLY A 204 7.29 9.84 11.95
C GLY A 204 6.78 8.87 10.89
N GLU A 205 7.09 9.20 9.63
CA GLU A 205 6.66 8.37 8.51
C GLU A 205 7.44 7.07 8.43
N THR A 206 8.74 7.10 8.75
CA THR A 206 9.61 5.94 8.64
C THR A 206 9.99 5.42 10.02
N LEU A 207 10.39 4.14 10.05
CA LEU A 207 10.73 3.48 11.31
C LEU A 207 11.95 4.11 11.98
N ASP A 208 12.95 4.52 11.20
CA ASP A 208 14.13 5.11 11.82
C ASP A 208 13.82 6.47 12.43
N ARG A 209 12.89 7.23 11.83
CA ARG A 209 12.48 8.49 12.44
C ARG A 209 11.67 8.23 13.70
N GLN A 210 10.81 7.21 13.68
CA GLN A 210 10.07 6.84 14.89
C GLN A 210 11.01 6.47 16.03
N HIS A 211 12.05 5.68 15.73
CA HIS A 211 12.93 5.23 16.80
C HIS A 211 13.74 6.39 17.40
N LYS A 212 14.13 7.35 16.57
CA LYS A 212 14.81 8.53 17.09
C LYS A 212 13.91 9.36 18.00
N LEU A 213 12.59 9.33 17.77
CA LEU A 213 11.65 10.08 18.59
C LEU A 213 11.25 9.34 19.86
N ARG A 214 11.52 8.04 19.95
CA ARG A 214 11.05 7.23 21.07
C ARG A 214 12.04 7.20 22.22
N LEU A 215 11.50 7.11 23.43
CA LEU A 215 12.32 6.98 24.64
C LEU A 215 12.78 5.54 24.87
N PHE A 216 12.06 4.56 24.33
CA PHE A 216 12.30 3.14 24.53
C PHE A 216 12.20 2.74 26.00
N LYS A 217 11.48 3.54 26.80
CA LYS A 217 11.09 3.17 28.14
C LYS A 217 9.61 3.47 28.30
N ASP A 218 8.85 2.48 28.77
CA ASP A 218 7.42 2.60 29.06
C ASP A 218 6.61 2.97 27.81
N GLY A 219 7.13 2.70 26.62
CA GLY A 219 6.43 3.01 25.40
C GLY A 219 6.37 4.49 25.05
N LYS A 220 7.05 5.34 25.80
CA LYS A 220 6.85 6.77 25.69
C LYS A 220 7.72 7.37 24.58
N LEU A 221 7.39 8.61 24.22
CA LEU A 221 8.21 9.41 23.33
C LEU A 221 9.20 10.23 24.14
N LYS A 222 10.35 10.51 23.55
CA LYS A 222 11.30 11.41 24.18
C LYS A 222 10.68 12.77 24.38
N TYR A 223 11.13 13.47 25.42
CA TYR A 223 10.61 14.78 25.76
C TYR A 223 11.67 15.53 26.56
N GLN A 224 11.46 16.84 26.68
CA GLN A 224 12.28 17.69 27.54
C GLN A 224 11.34 18.49 28.44
N VAL A 225 11.93 19.11 29.47
CA VAL A 225 11.20 19.92 30.44
C VAL A 225 11.68 21.35 30.31
N ILE A 226 10.75 22.28 30.09
CA ILE A 226 11.05 23.70 29.98
C ILE A 226 10.11 24.43 30.93
N GLY A 227 10.66 25.02 31.98
CA GLY A 227 9.84 25.70 32.98
C GLY A 227 8.84 24.79 33.65
N GLY A 228 9.24 23.56 33.96
CA GLY A 228 8.35 22.62 34.60
C GLY A 228 7.27 22.04 33.72
N GLU A 229 7.35 22.22 32.40
CA GLU A 229 6.34 21.72 31.49
C GLU A 229 6.98 20.81 30.44
N VAL A 230 6.20 19.82 30.01
CA VAL A 230 6.69 18.82 29.05
C VAL A 230 6.53 19.37 27.64
N TYR A 231 7.59 19.26 26.85
CA TYR A 231 7.62 19.69 25.47
C TYR A 231 8.35 18.62 24.66
N PRO A 232 8.23 18.65 23.34
CA PRO A 232 8.99 17.70 22.51
C PRO A 232 10.49 17.88 22.70
N PRO A 233 11.28 16.86 22.42
CA PRO A 233 12.73 16.94 22.62
C PRO A 233 13.38 17.76 21.52
N THR A 234 14.71 17.87 21.62
CA THR A 234 15.48 18.70 20.70
C THR A 234 16.02 17.87 19.54
N VAL A 235 16.33 18.58 18.45
CA VAL A 235 17.01 17.97 17.32
C VAL A 235 18.37 17.41 17.74
N LYS A 236 19.07 18.12 18.62
CA LYS A 236 20.38 17.66 19.07
C LYS A 236 20.28 16.31 19.80
N ASP A 237 19.27 16.15 20.66
CA ASP A 237 19.18 14.93 21.45
C ASP A 237 18.68 13.76 20.62
N THR A 238 17.92 14.01 19.55
CA THR A 238 17.30 12.95 18.78
C THR A 238 17.91 12.72 17.41
N GLN A 239 18.62 13.71 16.85
CA GLN A 239 19.16 13.63 15.50
C GLN A 239 18.05 13.50 14.45
N VAL A 240 16.88 14.06 14.74
CA VAL A 240 15.73 14.00 13.84
C VAL A 240 15.81 15.16 12.85
N GLU A 241 15.61 14.85 11.57
CA GLU A 241 15.59 15.87 10.53
C GLU A 241 14.38 16.77 10.68
N MET A 242 14.62 18.07 10.82
CA MET A 242 13.57 19.07 10.92
C MET A 242 13.92 20.23 9.99
N ILE A 243 12.92 21.05 9.69
CA ILE A 243 13.10 22.23 8.86
C ILE A 243 12.98 23.44 9.78
N TYR A 244 14.10 24.14 9.99
CA TYR A 244 14.14 25.37 10.76
C TYR A 244 14.94 26.42 10.00
N PRO A 245 14.55 27.69 10.07
CA PRO A 245 15.40 28.74 9.51
C PRO A 245 16.71 28.81 10.28
N PRO A 246 17.78 29.29 9.64
CA PRO A 246 19.10 29.19 10.26
C PRO A 246 19.27 29.97 11.56
N HIS A 247 18.38 30.91 11.88
CA HIS A 247 18.55 31.71 13.09
C HIS A 247 17.96 31.07 14.35
N ILE A 248 17.32 29.90 14.23
CA ILE A 248 16.74 29.24 15.40
C ILE A 248 17.85 28.57 16.22
N PRO A 249 18.01 28.90 17.50
CA PRO A 249 19.05 28.24 18.30
C PRO A 249 18.70 26.77 18.53
N GLU A 250 19.74 25.99 18.83
CA GLU A 250 19.53 24.56 19.12
C GLU A 250 18.52 24.35 20.24
N ASN A 251 18.52 25.24 21.24
CA ASN A 251 17.59 25.11 22.37
C ASN A 251 16.13 25.12 21.93
N LEU A 252 15.83 25.67 20.76
CA LEU A 252 14.46 25.81 20.28
C LEU A 252 14.18 24.97 19.05
N GLN A 253 15.11 24.11 18.63
CA GLN A 253 14.86 23.20 17.50
C GLN A 253 14.18 21.94 18.03
N PHE A 254 12.85 22.03 18.14
CA PHE A 254 12.05 20.90 18.59
C PHE A 254 11.97 19.83 17.50
N ALA A 255 12.06 18.58 17.92
CA ALA A 255 11.97 17.43 17.03
C ALA A 255 10.60 16.78 17.20
N VAL A 256 9.83 16.72 16.12
CA VAL A 256 8.52 16.07 16.11
C VAL A 256 8.35 15.28 14.82
N GLY A 257 7.24 14.53 14.75
CA GLY A 257 7.04 13.61 13.64
C GLY A 257 7.03 14.29 12.28
N GLN A 258 6.44 15.48 12.20
CA GLN A 258 6.35 16.24 10.95
C GLN A 258 7.42 17.33 10.97
N GLU A 259 8.21 17.40 9.90
CA GLU A 259 9.40 18.25 9.94
C GLU A 259 9.10 19.75 9.81
N VAL A 260 7.89 20.15 9.44
CA VAL A 260 7.58 21.58 9.32
C VAL A 260 6.86 22.13 10.55
N PHE A 261 6.53 21.28 11.54
CA PHE A 261 5.69 21.73 12.64
C PHE A 261 6.40 22.74 13.54
N GLY A 262 7.73 22.78 13.55
CA GLY A 262 8.45 23.79 14.31
C GLY A 262 8.40 25.18 13.71
N LEU A 263 7.83 25.32 12.51
CA LEU A 263 7.76 26.60 11.82
C LEU A 263 6.59 27.45 12.26
N VAL A 264 5.54 26.87 12.82
CA VAL A 264 4.42 27.70 13.27
C VAL A 264 4.05 27.31 14.70
N PRO A 265 4.00 28.27 15.62
CA PRO A 265 3.74 27.93 17.03
C PRO A 265 2.38 27.30 17.26
N GLY A 266 1.41 27.55 16.38
CA GLY A 266 0.13 26.91 16.50
C GLY A 266 0.20 25.41 16.27
N LEU A 267 1.11 24.97 15.39
CA LEU A 267 1.31 23.55 15.18
C LEU A 267 2.13 22.93 16.31
N MET A 268 3.11 23.67 16.82
CA MET A 268 3.86 23.17 17.97
C MET A 268 2.98 23.03 19.19
N MET A 269 1.93 23.85 19.30
CA MET A 269 0.95 23.68 20.36
C MET A 269 0.31 22.30 20.31
N TYR A 270 -0.23 21.92 19.14
CA TYR A 270 -0.85 20.61 19.02
C TYR A 270 0.17 19.48 19.05
N ALA A 271 1.38 19.71 18.52
CA ALA A 271 2.43 18.69 18.62
C ALA A 271 2.79 18.40 20.07
N THR A 272 2.74 19.42 20.92
CA THR A 272 3.01 19.21 22.33
C THR A 272 1.86 18.51 23.02
N ILE A 273 0.62 18.92 22.71
CA ILE A 273 -0.56 18.32 23.34
C ILE A 273 -0.62 16.83 23.01
N TRP A 274 -0.41 16.48 21.74
CA TRP A 274 -0.52 15.07 21.35
C TRP A 274 0.62 14.23 21.90
N LEU A 275 1.82 14.81 22.02
CA LEU A 275 2.92 14.08 22.65
C LEU A 275 2.60 13.79 24.11
N ARG A 276 2.09 14.79 24.85
CA ARG A 276 1.67 14.54 26.23
C ARG A 276 0.58 13.48 26.29
N GLU A 277 -0.33 13.49 25.32
CA GLU A 277 -1.41 12.50 25.32
C GLU A 277 -0.85 11.09 25.14
N HIS A 278 0.15 10.92 24.26
CA HIS A 278 0.78 9.62 24.09
C HIS A 278 1.37 9.11 25.39
N ASN A 279 2.20 9.93 26.05
CA ASN A 279 2.84 9.49 27.28
C ASN A 279 1.82 9.29 28.39
N ARG A 280 0.71 10.03 28.37
CA ARG A 280 -0.35 9.83 29.35
C ARG A 280 -0.99 8.46 29.17
N VAL A 281 -1.20 8.04 27.93
CA VAL A 281 -1.79 6.73 27.66
C VAL A 281 -0.80 5.62 28.01
N CYS A 282 0.50 5.87 27.80
CA CYS A 282 1.51 4.93 28.26
C CYS A 282 1.40 4.70 29.76
N ASP A 283 1.24 5.77 30.55
CA ASP A 283 1.09 5.61 31.98
C ASP A 283 -0.17 4.81 32.32
N ILE A 284 -1.27 5.07 31.62
CA ILE A 284 -2.51 4.35 31.88
C ILE A 284 -2.34 2.88 31.54
N LEU A 285 -1.75 2.59 30.37
CA LEU A 285 -1.56 1.20 29.94
C LEU A 285 -0.54 0.47 30.80
N LYS A 286 0.46 1.18 31.33
CA LYS A 286 1.44 0.52 32.19
C LYS A 286 0.80 0.10 33.51
N GLN A 287 -0.11 0.91 34.04
CA GLN A 287 -0.85 0.53 35.23
C GLN A 287 -1.75 -0.67 34.97
N GLU A 288 -2.36 -0.73 33.78
CA GLU A 288 -3.19 -1.88 33.43
C GLU A 288 -2.35 -3.11 33.13
N HIS A 289 -1.13 -2.93 32.63
CA HIS A 289 -0.27 -4.03 32.20
C HIS A 289 1.15 -3.80 32.71
N PRO A 290 1.43 -4.10 33.98
CA PRO A 290 2.83 -4.03 34.44
C PRO A 290 3.73 -5.05 33.76
N GLU A 291 3.17 -6.10 33.16
CA GLU A 291 3.95 -7.12 32.49
C GLU A 291 4.30 -6.76 31.04
N TRP A 292 3.78 -5.65 30.52
CA TRP A 292 4.04 -5.27 29.14
C TRP A 292 5.42 -4.61 29.00
N GLY A 293 6.04 -4.84 27.84
CA GLY A 293 7.30 -4.22 27.52
C GLY A 293 7.11 -2.88 26.82
N ASP A 294 8.24 -2.22 26.55
CA ASP A 294 8.21 -0.91 25.93
C ASP A 294 7.57 -0.93 24.56
N GLU A 295 7.85 -1.96 23.75
CA GLU A 295 7.35 -1.98 22.39
C GLU A 295 5.83 -2.09 22.34
N GLN A 296 5.26 -2.99 23.15
CA GLN A 296 3.81 -3.13 23.14
C GLN A 296 3.12 -1.92 23.73
N LEU A 297 3.70 -1.30 24.76
CA LEU A 297 3.16 -0.05 25.27
C LEU A 297 3.13 1.03 24.20
N PHE A 298 4.21 1.16 23.42
CA PHE A 298 4.24 2.18 22.37
C PHE A 298 3.22 1.89 21.29
N GLN A 299 3.16 0.65 20.81
CA GLN A 299 2.26 0.34 19.69
C GLN A 299 0.80 0.49 20.09
N THR A 300 0.46 0.08 21.32
CA THR A 300 -0.93 0.16 21.76
C THR A 300 -1.34 1.61 22.00
N SER A 301 -0.44 2.42 22.56
CA SER A 301 -0.72 3.84 22.72
C SER A 301 -0.96 4.51 21.37
N ARG A 302 -0.19 4.12 20.35
CA ARG A 302 -0.39 4.70 19.02
C ARG A 302 -1.75 4.34 18.46
N LEU A 303 -2.18 3.07 18.61
CA LEU A 303 -3.50 2.69 18.14
C LEU A 303 -4.60 3.42 18.90
N ILE A 304 -4.38 3.67 20.20
CA ILE A 304 -5.36 4.43 20.96
C ILE A 304 -5.45 5.87 20.45
N LEU A 305 -4.29 6.50 20.21
CA LEU A 305 -4.32 7.88 19.74
C LEU A 305 -4.93 8.01 18.34
N ILE A 306 -4.72 7.01 17.48
CA ILE A 306 -5.43 7.00 16.21
C ILE A 306 -6.93 6.98 16.43
N GLY A 307 -7.39 6.10 17.34
CA GLY A 307 -8.81 6.07 17.66
C GLY A 307 -9.31 7.39 18.21
N GLU A 308 -8.58 7.97 19.16
CA GLU A 308 -8.95 9.29 19.68
C GLU A 308 -9.06 10.32 18.57
N THR A 309 -8.11 10.29 17.63
CA THR A 309 -8.10 11.25 16.53
C THR A 309 -9.36 11.15 15.69
N ILE A 310 -9.67 9.94 15.22
CA ILE A 310 -10.87 9.75 14.42
C ILE A 310 -12.11 10.14 15.23
N LYS A 311 -12.13 9.79 16.52
CA LYS A 311 -13.26 10.14 17.37
C LYS A 311 -13.44 11.65 17.45
N ILE A 312 -12.35 12.38 17.68
CA ILE A 312 -12.44 13.83 17.81
C ILE A 312 -12.78 14.48 16.47
N VAL A 313 -12.20 13.97 15.39
CA VAL A 313 -12.43 14.58 14.08
C VAL A 313 -13.90 14.46 13.68
N ILE A 314 -14.55 13.35 14.04
CA ILE A 314 -15.94 13.16 13.65
C ILE A 314 -16.88 13.95 14.56
N GLU A 315 -16.75 13.77 15.88
CA GLU A 315 -17.77 14.26 16.80
C GLU A 315 -17.50 15.67 17.31
N ASP A 316 -16.32 16.23 17.07
CA ASP A 316 -16.05 17.62 17.37
C ASP A 316 -15.73 18.44 16.13
N TYR A 317 -14.77 17.98 15.33
CA TYR A 317 -14.28 18.76 14.20
C TYR A 317 -15.31 18.81 13.07
N VAL A 318 -15.67 17.64 12.53
CA VAL A 318 -16.68 17.61 11.49
C VAL A 318 -18.04 18.05 12.02
N GLN A 319 -18.34 17.72 13.28
CA GLN A 319 -19.58 18.17 13.90
C GLN A 319 -19.73 19.69 13.80
N HIS A 320 -18.70 20.43 14.21
CA HIS A 320 -18.73 21.88 14.12
C HIS A 320 -18.83 22.35 12.67
N LEU A 321 -17.98 21.80 11.79
CA LEU A 321 -17.96 22.22 10.39
C LEU A 321 -19.31 22.03 9.73
N SER A 322 -19.97 20.89 9.99
CA SER A 322 -21.24 20.58 9.35
C SER A 322 -22.32 21.59 9.74
N GLY A 323 -22.29 22.10 10.97
CA GLY A 323 -23.40 22.88 11.47
C GLY A 323 -24.67 22.10 11.74
N TYR A 324 -24.64 20.77 11.62
CA TYR A 324 -25.85 19.98 11.80
C TYR A 324 -26.30 19.98 13.25
N HIS A 325 -27.60 19.88 13.45
CA HIS A 325 -28.14 19.64 14.78
C HIS A 325 -28.16 18.17 15.13
N PHE A 326 -27.98 17.30 14.14
CA PHE A 326 -27.81 15.88 14.39
C PHE A 326 -26.43 15.61 14.99
N LYS A 327 -26.40 14.77 16.03
CA LYS A 327 -25.17 14.46 16.75
C LYS A 327 -24.45 13.33 16.01
N LEU A 328 -23.38 13.68 15.30
CA LEU A 328 -22.59 12.68 14.58
C LEU A 328 -21.95 11.72 15.57
N LYS A 329 -21.58 10.54 15.07
CA LYS A 329 -21.13 9.46 15.93
C LYS A 329 -19.98 8.71 15.26
N PHE A 330 -18.89 8.53 15.99
CA PHE A 330 -17.83 7.60 15.58
C PHE A 330 -18.17 6.23 16.12
N ASP A 331 -18.61 5.34 15.23
CA ASP A 331 -19.02 3.99 15.62
C ASP A 331 -18.75 3.06 14.46
N PRO A 332 -17.59 2.39 14.47
CA PRO A 332 -17.26 1.46 13.37
C PRO A 332 -18.27 0.36 13.17
N GLU A 333 -18.99 -0.05 14.24
CA GLU A 333 -19.96 -1.13 14.12
C GLU A 333 -21.08 -0.81 13.14
N LEU A 334 -21.35 0.46 12.89
CA LEU A 334 -22.41 0.83 11.96
C LEU A 334 -22.17 0.26 10.57
N LEU A 335 -20.91 0.01 10.21
CA LEU A 335 -20.56 -0.45 8.87
C LEU A 335 -20.39 -1.96 8.78
N PHE A 336 -20.61 -2.70 9.89
CA PHE A 336 -20.27 -4.12 9.88
C PHE A 336 -21.26 -4.94 9.05
N ASN A 337 -22.52 -4.53 8.97
CA ASN A 337 -23.50 -5.20 8.12
C ASN A 337 -23.69 -4.48 6.78
N GLN A 338 -22.72 -3.67 6.38
CA GLN A 338 -22.76 -2.93 5.12
C GLN A 338 -21.57 -3.32 4.27
N GLN A 339 -21.63 -2.96 2.99
CA GLN A 339 -20.48 -3.09 2.10
C GLN A 339 -19.60 -1.85 2.27
N PHE A 340 -18.32 -2.07 2.57
CA PHE A 340 -17.40 -0.97 2.81
C PHE A 340 -15.97 -1.46 2.68
N GLN A 341 -15.13 -0.70 1.99
CA GLN A 341 -13.73 -1.05 1.80
C GLN A 341 -12.88 -0.38 2.88
N TYR A 342 -12.27 -1.18 3.76
CA TYR A 342 -11.38 -0.65 4.79
C TYR A 342 -10.01 -0.35 4.18
N GLN A 343 -9.97 0.70 3.38
CA GLN A 343 -8.75 1.18 2.75
C GLN A 343 -9.01 2.59 2.24
N ASN A 344 -7.93 3.33 2.02
CA ASN A 344 -8.08 4.71 1.56
C ASN A 344 -6.86 5.10 0.75
N ARG A 345 -7.09 5.91 -0.28
CA ARG A 345 -6.04 6.54 -1.06
C ARG A 345 -6.35 8.03 -1.13
N ILE A 346 -5.40 8.87 -0.73
CA ILE A 346 -5.65 10.30 -0.62
C ILE A 346 -5.72 10.92 -2.00
N ALA A 347 -6.80 11.66 -2.26
CA ALA A 347 -7.04 12.25 -3.57
C ALA A 347 -6.42 13.64 -3.66
N SER A 348 -5.85 13.94 -4.83
CA SER A 348 -5.32 15.28 -5.10
C SER A 348 -6.37 16.35 -4.88
N GLU A 349 -7.61 16.09 -5.34
CA GLU A 349 -8.67 17.07 -5.19
C GLU A 349 -9.04 17.30 -3.73
N PHE A 350 -8.89 16.27 -2.89
CA PHE A 350 -9.06 16.46 -1.45
C PHE A 350 -8.00 17.41 -0.90
N ASN A 351 -6.76 17.22 -1.33
CA ASN A 351 -5.68 18.15 -0.97
C ASN A 351 -5.98 19.55 -1.48
N THR A 352 -6.43 19.67 -2.73
CA THR A 352 -6.67 20.99 -3.31
C THR A 352 -7.78 21.73 -2.57
N LEU A 353 -8.91 21.05 -2.31
CA LEU A 353 -10.03 21.73 -1.67
C LEU A 353 -9.73 22.11 -0.23
N TYR A 354 -8.69 21.53 0.37
CA TYR A 354 -8.36 21.80 1.77
C TYR A 354 -7.43 22.99 1.95
N HIS A 355 -7.08 23.69 0.86
CA HIS A 355 -6.24 24.88 0.93
C HIS A 355 -7.08 26.07 1.41
N TRP A 356 -7.46 26.00 2.69
CA TRP A 356 -8.38 26.96 3.26
C TRP A 356 -7.67 28.25 3.69
N HIS A 357 -6.90 28.84 2.77
CA HIS A 357 -6.18 30.07 3.06
C HIS A 357 -7.02 31.18 3.68
N PRO A 358 -8.28 31.39 3.30
CA PRO A 358 -9.07 32.45 3.99
C PRO A 358 -9.28 32.22 5.48
N LEU A 359 -9.09 30.99 5.99
CA LEU A 359 -9.19 30.75 7.43
C LEU A 359 -8.26 31.66 8.22
N LEU A 360 -7.08 31.93 7.68
CA LEU A 360 -6.05 32.63 8.44
C LEU A 360 -6.53 34.04 8.79
N PRO A 361 -6.34 34.48 10.03
CA PRO A 361 -6.70 35.84 10.41
C PRO A 361 -5.64 36.82 9.92
N ASP A 362 -5.84 38.10 10.25
CA ASP A 362 -4.84 39.11 9.91
C ASP A 362 -3.72 39.15 10.93
N THR A 363 -4.01 38.86 12.19
CA THR A 363 -3.01 38.77 13.25
C THR A 363 -3.31 37.56 14.10
N PHE A 364 -2.31 37.12 14.86
CA PHE A 364 -2.44 36.01 15.79
C PHE A 364 -2.49 36.61 17.20
N ASN A 365 -3.68 36.58 17.80
CA ASN A 365 -3.94 37.31 19.04
C ASN A 365 -3.78 36.37 20.22
N ILE A 366 -2.75 36.60 21.03
CA ILE A 366 -2.45 35.79 22.20
C ILE A 366 -2.39 36.73 23.40
N GLU A 367 -3.15 36.41 24.44
CA GLU A 367 -3.39 37.34 25.55
C GLU A 367 -3.84 38.68 25.00
N ASP A 368 -3.01 39.71 25.18
CA ASP A 368 -3.30 41.04 24.64
C ASP A 368 -2.42 41.42 23.45
N GLN A 369 -1.47 40.57 23.07
CA GLN A 369 -0.65 40.84 21.90
C GLN A 369 -1.40 40.49 20.62
N GLU A 370 -1.05 41.18 19.54
CA GLU A 370 -1.57 40.89 18.20
C GLU A 370 -0.35 40.70 17.29
N TYR A 371 0.08 39.46 17.14
CA TYR A 371 1.29 39.16 16.39
C TYR A 371 1.02 39.14 14.89
N SER A 372 1.90 39.78 14.14
CA SER A 372 1.85 39.68 12.69
C SER A 372 2.45 38.35 12.23
N PHE A 373 2.24 38.03 10.95
CA PHE A 373 2.83 36.84 10.36
C PHE A 373 4.34 36.83 10.54
N LYS A 374 5.00 37.98 10.32
CA LYS A 374 6.45 38.06 10.47
C LYS A 374 6.88 37.78 11.91
N GLN A 375 6.11 38.26 12.89
CA GLN A 375 6.43 38.03 14.29
C GLN A 375 6.07 36.62 14.73
N PHE A 376 4.94 36.09 14.24
CA PHE A 376 4.42 34.82 14.73
C PHE A 376 5.18 33.64 14.13
N LEU A 377 5.50 33.70 12.84
CA LEU A 377 6.12 32.57 12.17
C LEU A 377 7.52 32.31 12.72
N TYR A 378 7.81 31.03 12.96
CA TYR A 378 9.11 30.51 13.35
C TYR A 378 9.51 30.87 14.77
N ASN A 379 8.67 31.58 15.51
CA ASN A 379 9.02 32.12 16.83
C ASN A 379 8.31 31.29 17.90
N ASN A 380 8.94 30.18 18.28
CA ASN A 380 8.35 29.33 19.31
C ASN A 380 8.58 29.85 20.73
N SER A 381 9.39 30.89 20.91
CA SER A 381 9.50 31.47 22.25
C SER A 381 8.24 32.22 22.63
N ILE A 382 7.40 32.59 21.65
CA ILE A 382 6.07 33.11 21.93
C ILE A 382 5.24 32.07 22.67
N LEU A 383 5.29 30.81 22.22
CA LEU A 383 4.59 29.73 22.91
C LEU A 383 5.14 29.53 24.32
N LEU A 384 6.46 29.51 24.47
CA LEU A 384 7.05 29.27 25.79
C LEU A 384 6.74 30.39 26.76
N GLU A 385 6.78 31.65 26.30
CA GLU A 385 6.58 32.78 27.21
C GLU A 385 5.12 32.88 27.65
N HIS A 386 4.18 32.77 26.71
CA HIS A 386 2.77 32.82 27.09
C HIS A 386 2.34 31.54 27.78
N GLY A 387 2.89 30.41 27.37
CA GLY A 387 2.51 29.12 27.92
C GLY A 387 1.45 28.43 27.08
N LEU A 388 1.40 27.11 27.21
CA LEU A 388 0.43 26.31 26.48
C LEU A 388 -0.99 26.67 26.90
N THR A 389 -1.22 26.87 28.20
CA THR A 389 -2.56 27.20 28.69
C THR A 389 -3.07 28.48 28.04
N GLN A 390 -2.22 29.49 27.93
CA GLN A 390 -2.66 30.76 27.39
C GLN A 390 -2.93 30.66 25.90
N PHE A 391 -2.10 29.90 25.17
CA PHE A 391 -2.37 29.64 23.76
C PHE A 391 -3.74 29.06 23.55
N VAL A 392 -4.12 28.07 24.37
CA VAL A 392 -5.43 27.43 24.23
C VAL A 392 -6.54 28.43 24.51
N GLU A 393 -6.40 29.23 25.58
CA GLU A 393 -7.44 30.19 25.92
C GLU A 393 -7.58 31.25 24.85
N SER A 394 -6.46 31.77 24.33
CA SER A 394 -6.52 32.83 23.34
C SER A 394 -7.09 32.33 22.01
N PHE A 395 -6.59 31.19 21.53
CA PHE A 395 -7.03 30.70 20.23
C PHE A 395 -8.45 30.17 20.27
N THR A 396 -8.95 29.80 21.45
CA THR A 396 -10.37 29.49 21.59
C THR A 396 -11.23 30.72 21.35
N ARG A 397 -10.74 31.90 21.73
CA ARG A 397 -11.50 33.14 21.62
C ARG A 397 -11.36 33.82 20.26
N GLN A 398 -10.25 33.62 19.55
CA GLN A 398 -10.03 34.36 18.31
C GLN A 398 -10.80 33.74 17.16
N ILE A 399 -11.55 34.58 16.45
CA ILE A 399 -12.34 34.14 15.31
C ILE A 399 -11.44 33.90 14.11
N ALA A 400 -11.79 32.90 13.31
CA ALA A 400 -11.11 32.62 12.06
C ALA A 400 -11.92 33.17 10.88
N GLY A 401 -11.33 33.09 9.69
CA GLY A 401 -11.93 33.66 8.51
C GLY A 401 -12.86 32.71 7.79
N ARG A 402 -13.88 33.28 7.15
CA ARG A 402 -14.78 32.50 6.31
C ARG A 402 -14.07 32.08 5.03
N VAL A 403 -14.29 30.83 4.62
CA VAL A 403 -13.55 30.27 3.49
C VAL A 403 -14.26 30.52 2.17
N ALA A 404 -15.58 30.32 2.13
CA ALA A 404 -16.35 30.65 0.95
C ALA A 404 -16.72 32.13 0.97
N GLY A 405 -17.35 32.60 -0.11
CA GLY A 405 -17.84 33.96 -0.20
C GLY A 405 -16.92 34.92 -0.92
N GLY A 406 -15.67 34.53 -1.17
CA GLY A 406 -14.76 35.34 -1.95
C GLY A 406 -14.04 36.40 -1.14
N ARG A 407 -12.92 36.86 -1.69
CA ARG A 407 -12.18 38.03 -1.22
C ARG A 407 -11.86 37.95 0.27
N ASN A 408 -11.30 36.81 0.68
CA ASN A 408 -10.89 36.66 2.06
C ASN A 408 -9.54 35.99 2.22
N VAL A 409 -8.74 35.89 1.16
CA VAL A 409 -7.38 35.35 1.27
C VAL A 409 -6.48 36.46 1.77
N PRO A 410 -5.88 36.33 2.95
CA PRO A 410 -5.02 37.40 3.47
C PRO A 410 -3.86 37.67 2.53
N ILE A 411 -3.52 38.96 2.37
CA ILE A 411 -2.51 39.35 1.40
C ILE A 411 -1.16 38.73 1.70
N ALA A 412 -0.89 38.42 2.98
CA ALA A 412 0.38 37.82 3.35
C ALA A 412 0.62 36.46 2.72
N VAL A 413 -0.44 35.74 2.35
CA VAL A 413 -0.29 34.39 1.79
C VAL A 413 -0.66 34.34 0.31
N GLN A 414 -0.59 35.48 -0.38
CA GLN A 414 -1.06 35.54 -1.76
C GLN A 414 -0.25 34.65 -2.69
N ALA A 415 1.05 34.48 -2.40
CA ALA A 415 1.89 33.69 -3.29
C ALA A 415 1.51 32.22 -3.27
N VAL A 416 1.23 31.68 -2.07
CA VAL A 416 0.85 30.27 -2.00
C VAL A 416 -0.60 30.07 -2.46
N ALA A 417 -1.46 31.09 -2.31
CA ALA A 417 -2.81 30.97 -2.85
C ALA A 417 -2.78 30.91 -4.37
N LYS A 418 -1.93 31.72 -5.01
CA LYS A 418 -1.76 31.61 -6.45
C LYS A 418 -1.20 30.25 -6.84
N ALA A 419 -0.30 29.70 -6.02
CA ALA A 419 0.24 28.36 -6.29
C ALA A 419 -0.86 27.31 -6.33
N SER A 420 -1.87 27.43 -5.47
CA SER A 420 -2.95 26.45 -5.46
C SER A 420 -3.74 26.47 -6.77
N ILE A 421 -3.94 27.67 -7.32
CA ILE A 421 -4.55 27.75 -8.65
C ILE A 421 -3.67 27.09 -9.68
N ASP A 422 -2.38 27.47 -9.70
CA ASP A 422 -1.46 26.99 -10.74
C ASP A 422 -1.23 25.49 -10.63
N GLN A 423 -1.07 24.96 -9.43
CA GLN A 423 -0.85 23.53 -9.29
C GLN A 423 -2.03 22.72 -9.83
N SER A 424 -3.25 23.22 -9.67
CA SER A 424 -4.41 22.57 -10.28
C SER A 424 -4.27 22.49 -11.79
N ARG A 425 -3.75 23.55 -12.41
CA ARG A 425 -3.55 23.57 -13.85
C ARG A 425 -2.42 22.65 -14.27
N GLU A 426 -1.34 22.60 -13.49
CA GLU A 426 -0.24 21.69 -13.79
C GLU A 426 -0.69 20.25 -13.78
N MET A 427 -1.63 19.91 -12.91
CA MET A 427 -2.15 18.56 -12.81
C MET A 427 -3.36 18.32 -13.72
N LYS A 428 -3.65 19.27 -14.60
CA LYS A 428 -4.68 19.13 -15.64
C LYS A 428 -6.05 18.78 -15.05
N TYR A 429 -6.44 19.50 -13.99
CA TYR A 429 -7.77 19.34 -13.41
C TYR A 429 -8.85 19.67 -14.43
N GLN A 430 -9.92 18.87 -14.43
CA GLN A 430 -11.14 19.23 -15.14
C GLN A 430 -11.85 20.38 -14.43
N SER A 431 -12.90 20.88 -15.06
CA SER A 431 -13.53 22.11 -14.60
C SER A 431 -14.37 21.87 -13.35
N LEU A 432 -14.75 22.98 -12.71
CA LEU A 432 -15.68 22.96 -11.58
C LEU A 432 -16.93 22.14 -11.88
N ASN A 433 -17.58 22.42 -13.02
CA ASN A 433 -18.84 21.75 -13.32
C ASN A 433 -18.66 20.27 -13.58
N GLU A 434 -17.51 19.87 -14.12
CA GLU A 434 -17.22 18.45 -14.24
C GLU A 434 -17.13 17.80 -12.85
N TYR A 435 -16.49 18.48 -11.90
CA TYR A 435 -16.40 17.92 -10.55
C TYR A 435 -17.75 17.95 -9.86
N ARG A 436 -18.55 19.00 -10.09
CA ARG A 436 -19.88 19.05 -9.52
C ARG A 436 -20.73 17.86 -9.98
N LYS A 437 -20.73 17.59 -11.29
CA LYS A 437 -21.45 16.43 -11.80
C LYS A 437 -20.91 15.13 -11.22
N ARG A 438 -19.58 15.05 -11.06
CA ARG A 438 -18.98 13.84 -10.52
C ARG A 438 -19.51 13.50 -9.14
N PHE A 439 -19.85 14.52 -8.34
CA PHE A 439 -20.39 14.33 -7.01
C PHE A 439 -21.89 14.63 -6.94
N SER A 440 -22.61 14.37 -8.04
CA SER A 440 -24.07 14.43 -8.09
C SER A 440 -24.60 15.83 -7.79
N LEU A 441 -23.86 16.85 -8.19
CA LEU A 441 -24.30 18.23 -8.07
C LEU A 441 -24.70 18.76 -9.44
N LYS A 442 -25.69 19.62 -9.46
CA LYS A 442 -26.11 20.23 -10.72
C LYS A 442 -25.06 21.23 -11.18
N PRO A 443 -24.68 21.21 -12.45
CA PRO A 443 -23.71 22.21 -12.94
C PRO A 443 -24.25 23.62 -12.78
N TYR A 444 -23.36 24.54 -12.43
CA TYR A 444 -23.74 25.95 -12.41
C TYR A 444 -23.98 26.43 -13.84
N THR A 445 -25.06 27.19 -14.02
CA THR A 445 -25.41 27.72 -15.33
C THR A 445 -24.88 29.12 -15.59
N SER A 446 -24.28 29.76 -14.58
CA SER A 446 -23.67 31.07 -14.75
C SER A 446 -22.77 31.34 -13.55
N PHE A 447 -21.94 32.38 -13.70
CA PHE A 447 -21.09 32.81 -12.59
C PHE A 447 -21.90 33.45 -11.49
N GLU A 448 -23.00 34.14 -11.83
CA GLU A 448 -23.84 34.73 -10.80
C GLU A 448 -24.47 33.67 -9.91
N GLU A 449 -24.91 32.55 -10.51
CA GLU A 449 -25.41 31.44 -9.70
C GLU A 449 -24.29 30.84 -8.84
N LEU A 450 -23.05 30.83 -9.35
CA LEU A 450 -21.95 30.30 -8.55
C LEU A 450 -21.71 31.16 -7.33
N THR A 451 -21.65 32.48 -7.51
CA THR A 451 -21.28 33.36 -6.40
C THR A 451 -22.48 33.87 -5.61
N GLY A 452 -23.68 33.85 -6.20
CA GLY A 452 -24.83 34.41 -5.54
C GLY A 452 -24.88 35.91 -5.54
N GLU A 453 -23.98 36.58 -6.27
CA GLU A 453 -23.93 38.03 -6.31
C GLU A 453 -23.62 38.45 -7.75
N LYS A 454 -23.30 39.74 -7.93
CA LYS A 454 -23.13 40.33 -9.25
C LYS A 454 -21.71 40.78 -9.55
N GLU A 455 -20.99 41.30 -8.55
CA GLU A 455 -19.71 41.96 -8.82
C GLU A 455 -18.62 40.95 -9.14
N MET A 456 -18.39 39.98 -8.25
CA MET A 456 -17.39 38.97 -8.53
C MET A 456 -17.74 38.14 -9.74
N ALA A 457 -19.04 37.90 -9.97
CA ALA A 457 -19.46 37.11 -11.13
C ALA A 457 -19.07 37.79 -12.44
N ALA A 458 -19.30 39.10 -12.53
CA ALA A 458 -18.91 39.83 -13.74
C ALA A 458 -17.40 39.76 -13.95
N GLU A 459 -16.62 39.91 -12.87
CA GLU A 459 -15.17 39.75 -12.96
C GLU A 459 -14.81 38.37 -13.52
N LEU A 460 -15.42 37.32 -12.97
CA LEU A 460 -15.10 35.96 -13.40
C LEU A 460 -15.54 35.71 -14.84
N LYS A 461 -16.69 36.26 -15.25
CA LYS A 461 -17.14 36.05 -16.61
C LYS A 461 -16.20 36.71 -17.62
N ALA A 462 -15.65 37.88 -17.26
CA ALA A 462 -14.70 38.54 -18.16
C ALA A 462 -13.39 37.76 -18.26
N LEU A 463 -13.02 37.02 -17.22
CA LEU A 463 -11.77 36.26 -17.22
C LEU A 463 -11.93 34.88 -17.84
N TYR A 464 -13.04 34.21 -17.57
CA TYR A 464 -13.23 32.82 -17.99
C TYR A 464 -14.14 32.66 -19.19
N SER A 465 -14.99 33.66 -19.48
CA SER A 465 -15.97 33.64 -20.57
C SER A 465 -17.10 32.64 -20.34
N ASP A 466 -16.75 31.36 -20.15
CA ASP A 466 -17.74 30.29 -20.08
C ASP A 466 -17.71 29.66 -18.70
N ILE A 467 -18.89 29.53 -18.08
CA ILE A 467 -18.98 28.96 -16.74
C ILE A 467 -18.46 27.53 -16.72
N ASP A 468 -18.58 26.82 -17.83
CA ASP A 468 -18.13 25.43 -17.88
C ASP A 468 -16.61 25.29 -17.89
N VAL A 469 -15.84 26.37 -17.96
CA VAL A 469 -14.38 26.29 -17.82
C VAL A 469 -13.90 26.97 -16.56
N MET A 470 -14.80 27.48 -15.72
CA MET A 470 -14.41 27.91 -14.38
C MET A 470 -13.68 26.78 -13.67
N GLU A 471 -12.65 27.15 -12.90
CA GLU A 471 -11.78 26.20 -12.22
C GLU A 471 -12.31 25.86 -10.83
N LEU A 472 -11.95 24.66 -10.36
CA LEU A 472 -12.50 24.14 -9.13
C LEU A 472 -12.03 24.94 -7.91
N TYR A 473 -10.71 25.17 -7.79
CA TYR A 473 -10.20 25.77 -6.55
C TYR A 473 -10.69 27.20 -6.34
N PRO A 474 -10.51 28.14 -7.29
CA PRO A 474 -11.05 29.50 -7.03
C PRO A 474 -12.57 29.51 -6.85
N ALA A 475 -13.29 28.60 -7.52
CA ALA A 475 -14.74 28.53 -7.32
C ALA A 475 -15.10 28.20 -5.88
N LEU A 476 -14.33 27.30 -5.25
CA LEU A 476 -14.57 26.94 -3.86
C LEU A 476 -14.46 28.15 -2.94
N LEU A 477 -13.56 29.09 -3.24
CA LEU A 477 -13.33 30.24 -2.37
C LEU A 477 -14.29 31.40 -2.63
N VAL A 478 -14.89 31.47 -3.83
CA VAL A 478 -15.86 32.51 -4.15
C VAL A 478 -17.28 32.00 -4.15
N GLU A 479 -17.49 30.72 -3.88
CA GLU A 479 -18.81 30.13 -3.95
C GLU A 479 -19.75 30.83 -2.97
N LYS A 480 -21.01 30.92 -3.36
CA LYS A 480 -22.05 31.38 -2.44
C LYS A 480 -22.11 30.45 -1.24
N PRO A 481 -21.89 30.95 -0.02
CA PRO A 481 -21.97 30.07 1.16
C PRO A 481 -23.42 29.72 1.48
N ARG A 482 -23.59 28.58 2.15
CA ARG A 482 -24.84 28.30 2.81
C ARG A 482 -25.13 29.40 3.83
N PRO A 483 -26.41 29.65 4.15
CA PRO A 483 -26.75 30.76 5.07
C PRO A 483 -25.94 30.75 6.35
N ASP A 484 -25.14 31.81 6.56
CA ASP A 484 -24.28 31.96 7.75
C ASP A 484 -23.35 30.76 7.93
N ALA A 485 -22.89 30.19 6.83
CA ALA A 485 -22.00 29.04 6.88
C ALA A 485 -20.62 29.41 6.37
N ILE A 486 -19.64 28.56 6.67
CA ILE A 486 -18.26 28.81 6.25
C ILE A 486 -18.01 28.34 4.82
N PHE A 487 -18.81 27.40 4.32
CA PHE A 487 -18.59 26.75 3.05
C PHE A 487 -19.79 26.89 2.13
N GLY A 488 -19.55 26.72 0.83
CA GLY A 488 -20.60 26.55 -0.14
C GLY A 488 -20.84 25.08 -0.43
N GLU A 489 -21.82 24.84 -1.32
CA GLU A 489 -22.24 23.47 -1.60
C GLU A 489 -21.10 22.61 -2.12
N THR A 490 -20.29 23.14 -3.04
CA THR A 490 -19.27 22.32 -3.68
C THR A 490 -18.22 21.85 -2.68
N MET A 491 -17.85 22.69 -1.71
CA MET A 491 -16.85 22.29 -0.74
C MET A 491 -17.33 21.11 0.11
N VAL A 492 -18.57 21.19 0.60
CA VAL A 492 -19.09 20.15 1.49
C VAL A 492 -19.28 18.84 0.72
N GLU A 493 -19.92 18.90 -0.45
CA GLU A 493 -20.28 17.68 -1.15
C GLU A 493 -19.07 16.99 -1.80
N LEU A 494 -17.95 17.67 -1.94
CA LEU A 494 -16.72 16.98 -2.31
C LEU A 494 -15.90 16.59 -1.09
N GLY A 495 -15.75 17.50 -0.13
CA GLY A 495 -14.91 17.23 1.02
C GLY A 495 -15.45 16.13 1.91
N ALA A 496 -16.78 16.09 2.10
CA ALA A 496 -17.37 15.11 3.01
C ALA A 496 -17.11 13.67 2.59
N PRO A 497 -17.30 13.26 1.33
CA PRO A 497 -16.96 11.88 0.96
C PRO A 497 -15.50 11.55 1.18
N PHE A 498 -14.58 12.43 0.74
CA PHE A 498 -13.16 12.21 0.98
C PHE A 498 -12.87 12.09 2.47
N SER A 499 -13.51 12.94 3.26
CA SER A 499 -13.18 13.03 4.68
C SER A 499 -13.64 11.79 5.44
N LEU A 500 -14.91 11.41 5.27
CA LEU A 500 -15.44 10.27 6.03
C LEU A 500 -14.83 8.96 5.56
N LYS A 501 -14.58 8.83 4.26
CA LYS A 501 -13.91 7.65 3.75
C LYS A 501 -12.51 7.51 4.33
N GLY A 502 -11.79 8.63 4.50
CA GLY A 502 -10.46 8.56 5.08
C GLY A 502 -10.49 8.23 6.55
N LEU A 503 -11.59 8.51 7.22
CA LEU A 503 -11.67 8.23 8.64
C LEU A 503 -12.09 6.80 8.91
N MET A 504 -13.19 6.37 8.28
CA MET A 504 -13.69 5.02 8.49
C MET A 504 -12.90 3.96 7.71
N GLY A 505 -12.24 4.35 6.64
CA GLY A 505 -11.38 3.42 5.93
C GLY A 505 -10.19 2.93 6.73
N ASN A 506 -9.94 3.50 7.90
CA ASN A 506 -8.79 3.11 8.70
C ASN A 506 -8.94 1.67 9.21
N PRO A 507 -7.87 0.87 9.20
CA PRO A 507 -7.99 -0.53 9.63
C PRO A 507 -8.48 -0.72 11.05
N ILE A 508 -8.27 0.24 11.94
CA ILE A 508 -8.77 0.07 13.30
C ILE A 508 -10.30 0.11 13.32
N CYS A 509 -10.94 0.56 12.25
CA CYS A 509 -12.40 0.53 12.14
C CYS A 509 -12.93 -0.79 11.59
N SER A 510 -12.05 -1.65 11.09
CA SER A 510 -12.48 -2.95 10.60
C SER A 510 -12.86 -3.86 11.78
N PRO A 511 -13.74 -4.84 11.55
CA PRO A 511 -14.19 -5.68 12.67
C PRO A 511 -13.07 -6.44 13.37
N GLN A 512 -12.04 -6.87 12.65
CA GLN A 512 -10.98 -7.62 13.32
C GLN A 512 -10.10 -6.74 14.20
N TYR A 513 -10.16 -5.41 14.04
CA TYR A 513 -9.42 -4.49 14.89
C TYR A 513 -10.29 -3.81 15.94
N TRP A 514 -11.58 -3.61 15.67
CA TRP A 514 -12.41 -2.79 16.53
C TRP A 514 -12.92 -3.66 17.68
N LYS A 515 -12.02 -3.94 18.61
CA LYS A 515 -12.35 -4.73 19.80
C LYS A 515 -11.44 -4.27 20.93
N PRO A 516 -11.87 -4.48 22.19
CA PRO A 516 -11.09 -3.91 23.31
C PRO A 516 -9.66 -4.40 23.40
N SER A 517 -9.39 -5.67 23.12
CA SER A 517 -8.02 -6.18 23.28
C SER A 517 -7.04 -5.51 22.32
N THR A 518 -7.52 -4.99 21.19
CA THR A 518 -6.64 -4.24 20.29
C THR A 518 -6.00 -3.05 21.00
N PHE A 519 -6.73 -2.43 21.93
CA PHE A 519 -6.29 -1.21 22.60
C PHE A 519 -5.94 -1.46 24.07
N GLY A 520 -5.56 -2.69 24.40
CA GLY A 520 -5.13 -3.02 25.74
C GLY A 520 -6.24 -3.34 26.72
N GLY A 521 -7.46 -3.53 26.26
CA GLY A 521 -8.57 -3.87 27.11
C GLY A 521 -9.60 -2.75 27.18
N GLU A 522 -10.55 -2.92 28.11
CA GLU A 522 -11.69 -2.00 28.19
C GLU A 522 -11.24 -0.59 28.56
N VAL A 523 -10.20 -0.46 29.39
CA VAL A 523 -9.73 0.86 29.80
C VAL A 523 -9.21 1.64 28.59
N GLY A 524 -8.32 1.02 27.82
CA GLY A 524 -7.83 1.66 26.61
C GLY A 524 -8.91 1.89 25.58
N PHE A 525 -9.85 0.95 25.47
CA PHE A 525 -10.97 1.12 24.56
C PHE A 525 -11.80 2.35 24.94
N LYS A 526 -12.04 2.52 26.24
CA LYS A 526 -12.85 3.64 26.73
C LYS A 526 -12.18 4.98 26.44
N ILE A 527 -10.84 5.02 26.43
CA ILE A 527 -10.13 6.27 26.11
C ILE A 527 -10.54 6.76 24.73
N ILE A 528 -10.71 5.83 23.78
CA ILE A 528 -11.14 6.20 22.43
C ILE A 528 -12.59 6.68 22.45
N ASN A 529 -13.48 5.88 23.04
CA ASN A 529 -14.92 6.11 22.93
C ASN A 529 -15.41 7.25 23.81
N THR A 530 -14.55 7.83 24.65
CA THR A 530 -14.90 9.02 25.42
C THR A 530 -14.05 10.22 25.04
N ALA A 531 -13.23 10.12 24.01
CA ALA A 531 -12.34 11.21 23.63
C ALA A 531 -13.12 12.40 23.08
N SER A 532 -12.56 13.59 23.27
CA SER A 532 -13.10 14.83 22.72
C SER A 532 -11.99 15.86 22.70
N ILE A 533 -12.22 16.95 21.97
CA ILE A 533 -11.25 18.04 21.95
C ILE A 533 -11.13 18.66 23.34
N GLN A 534 -12.22 18.68 24.11
CA GLN A 534 -12.15 19.25 25.45
C GLN A 534 -11.38 18.35 26.41
N SER A 535 -11.60 17.03 26.33
CA SER A 535 -10.86 16.13 27.20
C SER A 535 -9.39 16.02 26.80
N LEU A 536 -9.09 16.15 25.50
CA LEU A 536 -7.69 16.17 25.08
C LEU A 536 -6.94 17.34 25.69
N ILE A 537 -7.54 18.52 25.66
CA ILE A 537 -6.88 19.70 26.24
C ILE A 537 -6.90 19.61 27.76
N CYS A 538 -7.98 19.11 28.34
CA CYS A 538 -8.10 19.08 29.80
C CYS A 538 -7.05 18.17 30.43
N ASN A 539 -6.78 17.02 29.80
CA ASN A 539 -5.83 16.07 30.37
C ASN A 539 -4.37 16.48 30.16
N ASN A 540 -4.09 17.35 29.20
CA ASN A 540 -2.71 17.61 28.80
C ASN A 540 -2.31 19.08 28.86
N VAL A 541 -3.19 19.96 29.32
CA VAL A 541 -2.88 21.38 29.44
C VAL A 541 -3.16 21.81 30.87
N LYS A 542 -2.18 22.44 31.51
CA LYS A 542 -2.31 22.84 32.90
C LYS A 542 -3.50 23.78 33.08
N GLY A 543 -4.27 23.55 34.14
CA GLY A 543 -5.44 24.34 34.42
C GLY A 543 -6.71 23.86 33.77
N CYS A 544 -6.63 22.89 32.85
CA CYS A 544 -7.78 22.36 32.11
C CYS A 544 -8.65 23.51 31.58
N PRO A 545 -8.15 24.33 30.66
CA PRO A 545 -8.98 25.41 30.14
C PRO A 545 -10.12 24.88 29.28
N PHE A 546 -11.23 25.62 29.28
CA PHE A 546 -12.29 25.34 28.34
C PHE A 546 -11.79 25.56 26.92
N THR A 547 -12.13 24.63 26.03
CA THR A 547 -11.81 24.78 24.62
C THR A 547 -12.93 24.20 23.78
N SER A 548 -13.01 24.66 22.54
CA SER A 548 -13.89 24.12 21.52
C SER A 548 -13.42 24.71 20.19
N PHE A 549 -14.08 24.28 19.11
CA PHE A 549 -13.78 24.79 17.78
C PHE A 549 -14.65 25.99 17.41
N ASN A 550 -15.45 26.48 18.34
CA ASN A 550 -16.34 27.61 18.12
C ASN A 550 -16.08 28.65 19.20
N VAL A 551 -16.20 29.92 18.82
CA VAL A 551 -16.05 31.01 19.79
C VAL A 551 -17.31 31.09 20.65
N GLN A 552 -17.13 31.50 21.89
CA GLN A 552 -18.25 31.60 22.84
C GLN A 552 -18.48 33.03 23.29
N ALA B 1 6.52 -17.84 30.71
CA ALA B 1 6.21 -16.82 31.71
C ALA B 1 4.98 -16.02 31.30
N ASN B 2 4.78 -15.85 30.00
CA ASN B 2 3.64 -15.10 29.49
C ASN B 2 2.36 -15.91 29.65
N PRO B 3 1.34 -15.39 30.34
CA PRO B 3 0.14 -16.20 30.60
C PRO B 3 -0.68 -16.55 29.37
N CYS B 4 -0.30 -16.10 28.18
CA CYS B 4 -0.95 -16.50 26.94
C CYS B 4 -0.19 -17.60 26.20
N CYS B 5 0.92 -18.08 26.74
CA CYS B 5 1.73 -19.10 26.06
C CYS B 5 0.94 -20.36 25.77
N SER B 6 -0.03 -20.72 26.62
CA SER B 6 -0.77 -21.96 26.41
C SER B 6 -1.83 -21.84 25.32
N ASN B 7 -1.97 -20.68 24.70
CA ASN B 7 -3.01 -20.45 23.69
C ASN B 7 -4.40 -20.80 24.24
N PRO B 8 -4.84 -20.15 25.33
CA PRO B 8 -6.06 -20.59 26.00
C PRO B 8 -7.34 -20.21 25.29
N CYS B 9 -7.32 -19.09 24.56
CA CYS B 9 -8.52 -18.57 23.93
C CYS B 9 -8.84 -19.38 22.66
N GLN B 10 -10.11 -19.80 22.55
CA GLN B 10 -10.55 -20.65 21.47
C GLN B 10 -11.40 -19.87 20.48
N ASN B 11 -11.70 -20.51 19.35
CA ASN B 11 -12.65 -20.00 18.36
C ASN B 11 -12.29 -18.60 17.87
N ARG B 12 -11.00 -18.36 17.64
CA ARG B 12 -10.48 -17.09 17.16
C ARG B 12 -10.64 -15.96 18.16
N GLY B 13 -10.91 -16.28 19.43
CA GLY B 13 -10.75 -15.30 20.48
C GLY B 13 -9.28 -14.95 20.66
N GLU B 14 -9.03 -13.75 21.19
CA GLU B 14 -7.69 -13.21 21.29
C GLU B 14 -7.27 -13.12 22.76
N CYS B 15 -6.04 -13.55 23.04
CA CYS B 15 -5.52 -13.58 24.39
C CYS B 15 -4.75 -12.31 24.70
N MET B 16 -5.05 -11.72 25.86
CA MET B 16 -4.36 -10.53 26.35
C MET B 16 -3.99 -10.77 27.79
N SER B 17 -2.71 -10.58 28.12
CA SER B 17 -2.30 -10.70 29.51
C SER B 17 -2.90 -9.57 30.33
N THR B 18 -3.22 -9.87 31.59
CA THR B 18 -3.75 -8.89 32.55
C THR B 18 -2.94 -9.06 33.83
N GLY B 19 -1.67 -8.70 33.78
CA GLY B 19 -0.75 -8.98 34.86
C GLY B 19 0.22 -10.09 34.47
N PHE B 20 1.10 -10.41 35.42
CA PHE B 20 2.18 -11.36 35.12
C PHE B 20 1.66 -12.80 35.02
N ASP B 21 0.56 -13.12 35.71
CA ASP B 21 0.12 -14.50 35.82
C ASP B 21 -1.36 -14.68 35.50
N GLN B 22 -1.96 -13.75 34.78
CA GLN B 22 -3.37 -13.82 34.43
C GLN B 22 -3.58 -13.33 33.02
N TYR B 23 -4.66 -13.80 32.39
CA TYR B 23 -5.02 -13.42 31.04
C TYR B 23 -6.54 -13.23 30.96
N LYS B 24 -6.97 -12.58 29.88
CA LYS B 24 -8.37 -12.43 29.56
C LYS B 24 -8.55 -12.62 28.07
N CYS B 25 -9.62 -13.31 27.68
CA CYS B 25 -9.91 -13.58 26.28
C CYS B 25 -10.91 -12.56 25.75
N ASP B 26 -10.63 -12.00 24.58
CA ASP B 26 -11.55 -11.13 23.87
C ASP B 26 -12.34 -11.99 22.89
N CYS B 27 -13.61 -12.26 23.20
CA CYS B 27 -14.46 -13.11 22.39
C CYS B 27 -15.36 -12.31 21.44
N THR B 28 -15.04 -11.03 21.23
CA THR B 28 -15.87 -10.17 20.39
C THR B 28 -16.09 -10.79 19.01
N ARG B 29 -17.37 -10.96 18.66
CA ARG B 29 -17.82 -11.40 17.34
C ARG B 29 -17.29 -12.79 16.95
N THR B 30 -16.77 -13.56 17.91
CA THR B 30 -16.40 -14.93 17.63
C THR B 30 -17.61 -15.87 17.59
N GLY B 31 -18.76 -15.46 18.11
CA GLY B 31 -19.89 -16.34 18.29
C GLY B 31 -19.92 -17.07 19.61
N PHE B 32 -18.92 -16.88 20.46
CA PHE B 32 -18.83 -17.55 21.76
C PHE B 32 -18.57 -16.52 22.84
N TYR B 33 -18.74 -16.96 24.08
CA TYR B 33 -18.41 -16.16 25.25
C TYR B 33 -17.88 -17.09 26.33
N GLY B 34 -17.67 -16.55 27.52
CA GLY B 34 -17.04 -17.30 28.60
C GLY B 34 -15.55 -17.02 28.66
N GLU B 35 -14.90 -17.65 29.65
CA GLU B 35 -13.52 -17.32 29.96
C GLU B 35 -12.59 -17.56 28.78
N ASN B 36 -12.84 -18.62 28.00
CA ASN B 36 -11.97 -18.96 26.88
C ASN B 36 -12.71 -18.97 25.55
N CYS B 37 -13.84 -18.27 25.47
CA CYS B 37 -14.66 -18.24 24.26
C CYS B 37 -15.07 -19.64 23.83
N THR B 38 -15.50 -20.45 24.80
CA THR B 38 -15.92 -21.82 24.54
C THR B 38 -17.42 -22.02 24.70
N THR B 39 -18.14 -21.08 25.31
CA THR B 39 -19.58 -21.21 25.47
C THR B 39 -20.27 -20.62 24.25
N PRO B 40 -20.91 -21.41 23.40
CA PRO B 40 -21.48 -20.88 22.17
C PRO B 40 -22.79 -20.14 22.42
N GLU B 41 -22.97 -19.05 21.68
CA GLU B 41 -24.24 -18.35 21.70
C GLU B 41 -25.32 -19.20 21.05
N PHE B 42 -26.58 -18.80 21.27
CA PHE B 42 -27.71 -19.60 20.81
C PHE B 42 -27.63 -19.86 19.31
N LEU B 43 -27.44 -18.79 18.53
CA LEU B 43 -27.40 -18.94 17.07
C LEU B 43 -26.15 -19.69 16.62
N THR B 44 -25.06 -19.58 17.38
CA THR B 44 -23.86 -20.32 17.06
C THR B 44 -24.08 -21.82 17.17
N ARG B 45 -24.86 -22.23 18.17
CA ARG B 45 -25.21 -23.65 18.34
C ARG B 45 -25.93 -24.17 17.10
N ILE B 46 -26.84 -23.38 16.54
CA ILE B 46 -27.58 -23.82 15.37
C ILE B 46 -26.66 -23.92 14.16
N LYS B 47 -25.85 -22.89 13.93
CA LYS B 47 -24.97 -22.89 12.77
C LYS B 47 -23.94 -24.01 12.84
N LEU B 48 -23.42 -24.29 14.04
CA LEU B 48 -22.47 -25.39 14.19
C LEU B 48 -23.15 -26.74 13.95
N LEU B 49 -24.40 -26.89 14.40
CA LEU B 49 -25.10 -28.16 14.22
C LEU B 49 -25.43 -28.42 12.74
N LEU B 50 -25.60 -27.36 11.96
CA LEU B 50 -25.93 -27.49 10.54
C LEU B 50 -24.71 -27.52 9.64
N LYS B 51 -23.52 -27.27 10.17
CA LYS B 51 -22.32 -27.17 9.34
C LYS B 51 -21.75 -28.56 9.10
N PRO B 52 -21.55 -28.97 7.85
CA PRO B 52 -20.91 -30.26 7.58
C PRO B 52 -19.40 -30.16 7.59
N THR B 53 -18.76 -31.30 7.83
CA THR B 53 -17.30 -31.32 7.89
C THR B 53 -16.72 -31.13 6.48
N PRO B 54 -15.48 -30.65 6.40
CA PRO B 54 -14.81 -30.57 5.09
C PRO B 54 -14.75 -31.90 4.36
N ASN B 55 -14.58 -33.01 5.07
CA ASN B 55 -14.53 -34.31 4.39
C ASN B 55 -15.90 -34.68 3.82
N THR B 56 -16.99 -34.33 4.51
CA THR B 56 -18.31 -34.58 3.96
C THR B 56 -18.55 -33.77 2.70
N VAL B 57 -18.21 -32.47 2.73
CA VAL B 57 -18.38 -31.63 1.56
C VAL B 57 -17.47 -32.11 0.44
N HIS B 58 -16.24 -32.49 0.77
CA HIS B 58 -15.31 -32.98 -0.24
C HIS B 58 -15.85 -34.22 -0.95
N TYR B 59 -16.49 -35.12 -0.19
CA TYR B 59 -17.08 -36.30 -0.81
C TYR B 59 -18.18 -35.91 -1.79
N ILE B 60 -19.05 -34.97 -1.40
CA ILE B 60 -20.15 -34.59 -2.27
C ILE B 60 -19.63 -33.94 -3.54
N LEU B 61 -18.59 -33.11 -3.42
CA LEU B 61 -18.01 -32.43 -4.58
C LEU B 61 -17.26 -33.38 -5.50
N THR B 62 -16.82 -34.54 -5.01
CA THR B 62 -16.04 -35.48 -5.81
C THR B 62 -16.85 -36.67 -6.27
N HIS B 63 -18.15 -36.70 -6.00
CA HIS B 63 -19.03 -37.76 -6.44
C HIS B 63 -20.25 -37.14 -7.10
N PHE B 64 -21.18 -38.00 -7.54
CA PHE B 64 -22.43 -37.56 -8.18
C PHE B 64 -22.15 -36.71 -9.41
N LYS B 65 -21.31 -37.23 -10.31
CA LYS B 65 -20.88 -36.45 -11.46
C LYS B 65 -22.06 -36.10 -12.36
N GLY B 66 -23.02 -37.02 -12.51
CA GLY B 66 -24.19 -36.73 -13.32
C GLY B 66 -25.00 -35.57 -12.77
N VAL B 67 -25.09 -35.48 -11.44
CA VAL B 67 -25.82 -34.36 -10.83
C VAL B 67 -25.06 -33.05 -11.04
N TRP B 68 -23.74 -33.06 -10.84
CA TRP B 68 -22.96 -31.85 -11.04
C TRP B 68 -22.99 -31.39 -12.49
N ASN B 69 -23.03 -32.33 -13.43
CA ASN B 69 -23.14 -31.95 -14.84
C ASN B 69 -24.41 -31.17 -15.10
N ILE B 70 -25.52 -31.56 -14.46
CA ILE B 70 -26.75 -30.78 -14.55
C ILE B 70 -26.57 -29.43 -13.87
N VAL B 71 -26.01 -29.43 -12.66
CA VAL B 71 -25.79 -28.19 -11.92
C VAL B 71 -24.91 -27.24 -12.72
N ASN B 72 -23.86 -27.75 -13.35
CA ASN B 72 -22.92 -26.88 -14.08
C ASN B 72 -23.61 -26.20 -15.26
N ASN B 73 -24.66 -26.80 -15.80
CA ASN B 73 -25.37 -26.22 -16.93
C ASN B 73 -26.54 -25.33 -16.52
N ILE B 74 -26.69 -25.05 -15.23
CA ILE B 74 -27.69 -24.10 -14.76
C ILE B 74 -26.95 -22.88 -14.26
N PRO B 75 -26.86 -21.80 -15.05
CA PRO B 75 -26.02 -20.66 -14.67
C PRO B 75 -26.36 -20.08 -13.30
N PHE B 76 -27.65 -19.94 -12.98
CA PHE B 76 -28.04 -19.38 -11.69
C PHE B 76 -27.52 -20.24 -10.54
N LEU B 77 -27.65 -21.56 -10.67
CA LEU B 77 -27.22 -22.44 -9.60
C LEU B 77 -25.69 -22.50 -9.51
N ARG B 78 -25.01 -22.54 -10.65
CA ARG B 78 -23.55 -22.52 -10.64
C ARG B 78 -23.02 -21.26 -9.98
N SER B 79 -23.64 -20.11 -10.25
CA SER B 79 -23.22 -18.86 -9.64
C SER B 79 -23.43 -18.88 -8.14
N LEU B 80 -24.58 -19.38 -7.70
CA LEU B 80 -24.88 -19.41 -6.27
C LEU B 80 -23.91 -20.29 -5.49
N ILE B 81 -23.53 -21.43 -6.07
CA ILE B 81 -22.58 -22.31 -5.40
C ILE B 81 -21.20 -21.68 -5.35
N MET B 82 -20.76 -21.11 -6.47
CA MET B 82 -19.46 -20.46 -6.50
C MET B 82 -19.41 -19.27 -5.55
N LYS B 83 -20.53 -18.55 -5.44
CA LYS B 83 -20.58 -17.41 -4.51
C LYS B 83 -20.39 -17.88 -3.07
N TYR B 84 -21.03 -18.99 -2.70
CA TYR B 84 -20.86 -19.53 -1.35
C TYR B 84 -19.42 -19.98 -1.12
N VAL B 85 -18.79 -20.55 -2.14
CA VAL B 85 -17.40 -20.98 -2.00
C VAL B 85 -16.51 -19.78 -1.71
N LEU B 86 -16.66 -18.71 -2.49
CA LEU B 86 -15.81 -17.53 -2.30
C LEU B 86 -16.03 -16.89 -0.95
N THR B 87 -17.30 -16.73 -0.56
CA THR B 87 -17.60 -15.99 0.67
C THR B 87 -17.20 -16.79 1.91
N SER B 88 -17.46 -18.10 1.91
CA SER B 88 -17.12 -18.88 3.09
C SER B 88 -15.61 -19.01 3.25
N ARG B 89 -14.87 -19.15 2.15
CA ARG B 89 -13.41 -19.20 2.25
C ARG B 89 -12.84 -17.87 2.73
N SER B 90 -13.34 -16.76 2.19
CA SER B 90 -12.77 -15.45 2.53
C SER B 90 -13.02 -15.10 3.98
N TYR B 91 -14.11 -15.59 4.57
CA TYR B 91 -14.37 -15.34 5.98
C TYR B 91 -13.24 -15.84 6.89
N LEU B 92 -12.43 -16.79 6.43
CA LEU B 92 -11.35 -17.34 7.27
C LEU B 92 -10.11 -16.47 7.29
N ILE B 93 -10.01 -15.46 6.44
CA ILE B 93 -8.80 -14.65 6.30
C ILE B 93 -9.05 -13.28 6.91
N ASP B 94 -8.13 -12.84 7.77
CA ASP B 94 -8.21 -11.49 8.33
C ASP B 94 -7.84 -10.47 7.27
N SER B 95 -8.76 -9.57 6.98
CA SER B 95 -8.51 -8.55 5.96
C SER B 95 -9.23 -7.27 6.36
N PRO B 96 -8.52 -6.18 6.70
CA PRO B 96 -7.08 -5.93 6.80
C PRO B 96 -6.30 -6.94 7.65
N PRO B 97 -5.03 -7.14 7.33
CA PRO B 97 -4.23 -8.16 8.03
C PRO B 97 -3.84 -7.71 9.42
N THR B 98 -3.36 -8.68 10.21
CA THR B 98 -3.08 -8.44 11.62
C THR B 98 -1.63 -8.70 11.98
N TYR B 99 -1.29 -9.94 12.34
CA TYR B 99 0.01 -10.24 12.94
C TYR B 99 1.10 -10.43 11.86
N ASN B 100 2.35 -10.40 12.32
CA ASN B 100 3.48 -10.88 11.51
C ASN B 100 4.48 -11.57 12.45
N VAL B 101 5.66 -11.90 11.92
CA VAL B 101 6.64 -12.68 12.69
C VAL B 101 7.10 -11.93 13.94
N HIS B 102 6.98 -10.61 13.95
CA HIS B 102 7.45 -9.81 15.08
C HIS B 102 6.33 -9.33 16.00
N TYR B 103 5.06 -9.50 15.63
CA TYR B 103 3.97 -8.93 16.41
C TYR B 103 2.88 -9.98 16.63
N GLY B 104 2.81 -10.49 17.86
CA GLY B 104 1.74 -11.35 18.30
C GLY B 104 0.49 -10.61 18.74
N TYR B 105 0.52 -9.28 18.62
CA TYR B 105 -0.60 -8.40 18.90
C TYR B 105 -0.73 -7.41 17.76
N LYS B 106 -1.91 -6.84 17.62
CA LYS B 106 -2.14 -5.90 16.53
C LYS B 106 -1.38 -4.59 16.79
N SER B 107 -0.76 -4.08 15.74
CA SER B 107 0.00 -2.84 15.85
C SER B 107 0.01 -2.14 14.51
N TRP B 108 0.29 -0.83 14.54
CA TRP B 108 0.40 -0.11 13.28
C TRP B 108 1.62 -0.55 12.49
N GLU B 109 2.69 -0.98 13.18
CA GLU B 109 3.84 -1.51 12.47
C GLU B 109 3.48 -2.77 11.70
N ALA B 110 2.73 -3.70 12.32
CA ALA B 110 2.38 -4.93 11.63
C ALA B 110 1.40 -4.68 10.50
N PHE B 111 0.46 -3.74 10.67
CA PHE B 111 -0.45 -3.43 9.59
C PHE B 111 0.27 -2.78 8.41
N SER B 112 1.09 -1.77 8.68
CA SER B 112 1.53 -0.86 7.62
C SER B 112 2.80 -1.30 6.91
N ASN B 113 3.59 -2.18 7.51
CA ASN B 113 4.90 -2.52 6.96
C ASN B 113 4.73 -3.67 5.96
N LEU B 114 4.72 -3.31 4.66
CA LEU B 114 4.47 -4.27 3.59
C LEU B 114 5.61 -5.25 3.38
N SER B 115 6.78 -5.01 3.99
CA SER B 115 7.92 -5.92 3.81
C SER B 115 7.73 -7.24 4.57
N TYR B 116 6.80 -7.29 5.51
CA TYR B 116 6.49 -8.53 6.24
C TYR B 116 5.50 -9.39 5.46
N TYR B 117 5.72 -10.70 5.50
CA TYR B 117 4.59 -11.62 5.33
C TYR B 117 3.67 -11.45 6.53
N THR B 118 2.36 -11.50 6.27
CA THR B 118 1.45 -11.47 7.41
C THR B 118 1.31 -12.88 8.01
N ARG B 119 0.59 -12.98 9.12
CA ARG B 119 0.50 -14.22 9.87
C ARG B 119 -0.96 -14.50 10.21
N ALA B 120 -1.45 -15.67 9.80
CA ALA B 120 -2.80 -16.09 10.17
C ALA B 120 -2.88 -16.42 11.65
N LEU B 121 -1.79 -16.87 12.27
CA LEU B 121 -1.71 -17.05 13.71
C LEU B 121 -0.49 -16.30 14.25
N PRO B 122 -0.61 -15.65 15.40
CA PRO B 122 0.54 -14.91 15.94
C PRO B 122 1.67 -15.85 16.28
N PRO B 123 2.90 -15.35 16.30
CA PRO B 123 4.02 -16.20 16.71
C PRO B 123 3.95 -16.53 18.19
N VAL B 124 4.54 -17.68 18.54
CA VAL B 124 4.72 -18.02 19.95
C VAL B 124 5.69 -17.05 20.57
N ALA B 125 5.29 -16.43 21.69
CA ALA B 125 6.12 -15.43 22.34
C ALA B 125 7.47 -16.01 22.72
N ASP B 126 8.47 -15.13 22.79
CA ASP B 126 9.85 -15.57 23.03
C ASP B 126 10.05 -16.08 24.46
N ASP B 127 9.27 -15.61 25.42
CA ASP B 127 9.41 -16.02 26.80
C ASP B 127 8.57 -17.26 27.13
N CYS B 128 8.06 -17.95 26.12
CA CYS B 128 7.33 -19.19 26.42
C CYS B 128 8.31 -20.32 26.67
N PRO B 129 7.98 -21.24 27.59
CA PRO B 129 8.98 -22.25 27.98
C PRO B 129 9.26 -23.28 26.90
N THR B 130 8.33 -23.54 26.00
CA THR B 130 8.52 -24.51 24.93
C THR B 130 8.31 -23.83 23.58
N PRO B 131 8.83 -24.41 22.50
CA PRO B 131 8.64 -23.80 21.17
C PRO B 131 7.17 -23.63 20.79
N MET B 132 6.29 -24.54 21.20
CA MET B 132 4.89 -24.47 20.82
C MET B 132 4.02 -23.74 21.85
N GLY B 133 4.61 -23.29 22.95
CA GLY B 133 3.84 -22.66 24.00
C GLY B 133 4.20 -23.15 25.38
N VAL B 134 3.48 -24.17 25.87
CA VAL B 134 3.76 -24.76 27.18
C VAL B 134 3.84 -26.28 27.04
N LYS B 135 3.37 -26.82 25.92
CA LYS B 135 3.37 -28.25 25.71
C LYS B 135 4.65 -28.70 25.02
N GLY B 136 4.95 -29.99 25.16
CA GLY B 136 6.12 -30.57 24.54
C GLY B 136 7.40 -30.39 25.33
N ASN B 137 8.50 -30.78 24.70
CA ASN B 137 9.81 -30.65 25.30
C ASN B 137 10.36 -29.24 25.08
N LYS B 138 11.46 -28.94 25.76
CA LYS B 138 12.08 -27.62 25.62
C LYS B 138 12.61 -27.39 24.21
N GLU B 139 12.83 -28.45 23.44
CA GLU B 139 13.28 -28.36 22.06
C GLU B 139 12.45 -29.27 21.18
N LEU B 140 12.13 -28.78 19.98
CA LEU B 140 11.51 -29.61 18.98
C LEU B 140 12.48 -30.70 18.54
N PRO B 141 11.99 -31.79 17.95
CA PRO B 141 12.90 -32.86 17.52
C PRO B 141 13.81 -32.39 16.40
N ASP B 142 14.92 -33.12 16.26
CA ASP B 142 15.89 -32.82 15.21
C ASP B 142 15.20 -32.85 13.83
N SER B 143 15.21 -31.71 13.15
CA SER B 143 14.51 -31.63 11.86
C SER B 143 15.14 -32.55 10.82
N LYS B 144 16.41 -32.92 10.99
CA LYS B 144 17.02 -33.89 10.09
C LYS B 144 16.44 -35.28 10.28
N GLU B 145 16.15 -35.67 11.54
CA GLU B 145 15.53 -36.97 11.77
C GLU B 145 14.09 -36.99 11.26
N VAL B 146 13.34 -35.92 11.50
CA VAL B 146 11.99 -35.82 10.96
C VAL B 146 12.02 -35.95 9.44
N LEU B 147 12.98 -35.29 8.80
CA LEU B 147 13.08 -35.34 7.34
C LEU B 147 13.40 -36.76 6.87
N GLU B 148 14.40 -37.39 7.48
CA GLU B 148 14.84 -38.70 7.00
C GLU B 148 13.81 -39.79 7.28
N LYS B 149 13.08 -39.70 8.38
CA LYS B 149 12.25 -40.82 8.81
C LYS B 149 10.89 -40.87 8.12
N VAL B 150 10.28 -39.73 7.80
CA VAL B 150 8.93 -39.71 7.26
C VAL B 150 8.77 -38.81 6.04
N LEU B 151 9.82 -38.11 5.61
CA LEU B 151 9.70 -37.17 4.49
C LEU B 151 10.49 -37.57 3.25
N LEU B 152 11.68 -38.13 3.40
CA LEU B 152 12.50 -38.40 2.23
C LEU B 152 11.88 -39.48 1.35
N ARG B 153 12.08 -39.34 0.04
CA ARG B 153 11.49 -40.25 -0.92
C ARG B 153 12.30 -41.54 -0.98
N ARG B 154 11.63 -42.68 -0.86
CA ARG B 154 12.26 -43.98 -1.11
C ARG B 154 12.10 -44.31 -2.59
N GLU B 155 10.88 -44.60 -3.01
CA GLU B 155 10.53 -44.71 -4.42
C GLU B 155 9.62 -43.55 -4.78
N PHE B 156 9.69 -43.14 -6.05
CA PHE B 156 8.84 -42.05 -6.53
C PHE B 156 7.38 -42.44 -6.40
N ILE B 157 6.61 -41.67 -5.64
CA ILE B 157 5.19 -41.89 -5.46
C ILE B 157 4.44 -40.94 -6.40
N PRO B 158 3.85 -41.42 -7.48
CA PRO B 158 3.15 -40.52 -8.41
C PRO B 158 1.85 -39.99 -7.82
N ASP B 159 1.48 -38.80 -8.25
CA ASP B 159 0.22 -38.20 -7.84
C ASP B 159 -0.95 -38.99 -8.39
N PRO B 160 -1.78 -39.61 -7.56
CA PRO B 160 -2.99 -40.28 -8.08
C PRO B 160 -3.99 -39.33 -8.72
N GLN B 161 -3.89 -38.02 -8.47
CA GLN B 161 -4.76 -37.08 -9.16
C GLN B 161 -4.30 -36.75 -10.57
N GLY B 162 -3.13 -37.24 -10.97
CA GLY B 162 -2.66 -37.06 -12.34
C GLY B 162 -2.00 -35.73 -12.64
N SER B 163 -1.57 -34.98 -11.62
CA SER B 163 -0.88 -33.72 -11.86
C SER B 163 0.39 -33.94 -12.67
N ASN B 164 0.57 -33.13 -13.71
CA ASN B 164 1.71 -33.28 -14.61
C ASN B 164 2.75 -32.18 -14.36
N MET B 165 3.80 -32.18 -15.18
CA MET B 165 4.86 -31.18 -15.02
C MET B 165 4.47 -29.82 -15.56
N MET B 166 3.50 -29.75 -16.49
CA MET B 166 2.91 -28.46 -16.83
C MET B 166 2.28 -27.82 -15.61
N PHE B 167 1.61 -28.63 -14.78
CA PHE B 167 1.07 -28.11 -13.53
C PHE B 167 2.19 -27.68 -12.58
N ALA B 168 3.19 -28.54 -12.40
CA ALA B 168 4.23 -28.29 -11.41
C ALA B 168 4.97 -26.98 -11.72
N PHE B 169 5.36 -26.79 -12.97
CA PHE B 169 6.07 -25.56 -13.34
C PHE B 169 5.14 -24.36 -13.39
N PHE B 170 3.85 -24.57 -13.66
CA PHE B 170 2.90 -23.47 -13.52
C PHE B 170 2.78 -23.05 -12.07
N ALA B 171 2.62 -24.02 -11.15
CA ALA B 171 2.59 -23.71 -9.73
C ALA B 171 3.83 -22.92 -9.32
N GLN B 172 5.00 -23.34 -9.79
CA GLN B 172 6.23 -22.65 -9.41
C GLN B 172 6.29 -21.26 -10.03
N HIS B 173 5.92 -21.13 -11.30
CA HIS B 173 5.97 -19.83 -11.98
C HIS B 173 4.97 -18.86 -11.38
N PHE B 174 3.72 -19.31 -11.21
CA PHE B 174 2.66 -18.44 -10.70
C PHE B 174 2.98 -17.94 -9.30
N THR B 175 3.37 -18.84 -8.39
CA THR B 175 3.55 -18.41 -7.00
C THR B 175 4.85 -17.65 -6.76
N HIS B 176 5.79 -17.71 -7.69
CA HIS B 176 7.03 -16.94 -7.54
C HIS B 176 6.82 -15.44 -7.69
N GLN B 177 5.61 -14.96 -8.02
CA GLN B 177 5.38 -13.53 -8.04
C GLN B 177 5.00 -12.96 -6.67
N PHE B 178 4.46 -13.78 -5.76
CA PHE B 178 4.12 -13.29 -4.44
C PHE B 178 4.78 -14.03 -3.29
N PHE B 179 5.52 -15.11 -3.58
CA PHE B 179 6.45 -15.71 -2.62
C PHE B 179 7.85 -15.31 -3.08
N LYS B 180 8.36 -14.20 -2.52
CA LYS B 180 9.67 -13.65 -2.87
C LYS B 180 10.34 -13.24 -1.57
N THR B 181 10.81 -14.24 -0.82
CA THR B 181 11.34 -14.00 0.51
C THR B 181 12.61 -13.15 0.43
N ASP B 182 12.71 -12.15 1.30
CA ASP B 182 13.89 -11.30 1.41
C ASP B 182 14.74 -11.83 2.56
N HIS B 183 15.62 -12.78 2.25
CA HIS B 183 16.42 -13.41 3.29
C HIS B 183 17.46 -12.47 3.91
N LYS B 184 17.70 -11.30 3.32
CA LYS B 184 18.56 -10.33 3.99
C LYS B 184 17.98 -9.93 5.34
N ARG B 185 16.64 -9.83 5.42
CA ARG B 185 15.99 -9.56 6.69
C ARG B 185 15.59 -10.83 7.43
N GLY B 186 15.15 -11.86 6.72
CA GLY B 186 14.74 -13.10 7.34
C GLY B 186 13.60 -13.78 6.62
N PRO B 187 13.26 -15.01 7.03
CA PRO B 187 12.23 -15.77 6.30
C PRO B 187 10.84 -15.20 6.41
N GLY B 188 10.57 -14.34 7.40
CA GLY B 188 9.30 -13.68 7.54
C GLY B 188 9.10 -12.42 6.71
N PHE B 189 10.02 -12.12 5.79
CA PHE B 189 9.98 -10.89 5.01
C PHE B 189 9.93 -11.19 3.51
N THR B 190 9.34 -10.28 2.76
CA THR B 190 9.11 -10.47 1.34
C THR B 190 9.53 -9.24 0.54
N ARG B 191 9.90 -9.48 -0.71
CA ARG B 191 10.14 -8.43 -1.69
C ARG B 191 8.95 -8.18 -2.60
N GLY B 192 7.92 -9.02 -2.53
CA GLY B 192 6.73 -8.81 -3.32
C GLY B 192 5.77 -7.86 -2.66
N LEU B 193 6.05 -6.55 -2.77
CA LEU B 193 5.27 -5.57 -2.04
C LEU B 193 3.85 -5.44 -2.58
N GLY B 194 3.57 -5.99 -3.77
CA GLY B 194 2.20 -6.01 -4.26
C GLY B 194 1.33 -7.04 -3.57
N HIS B 195 1.92 -8.06 -2.95
CA HIS B 195 1.21 -9.04 -2.12
C HIS B 195 0.06 -9.72 -2.88
N GLY B 196 0.30 -10.12 -4.13
CA GLY B 196 -0.77 -10.75 -4.89
C GLY B 196 -0.42 -10.94 -6.36
N VAL B 197 -1.47 -10.98 -7.18
CA VAL B 197 -1.32 -11.36 -8.60
C VAL B 197 -1.18 -10.04 -9.36
N ASP B 198 0.05 -9.52 -9.38
CA ASP B 198 0.36 -8.33 -10.15
C ASP B 198 1.23 -8.64 -11.36
N LEU B 199 1.65 -9.90 -11.52
CA LEU B 199 2.49 -10.33 -12.64
C LEU B 199 3.83 -9.60 -12.65
N ASN B 200 4.36 -9.32 -11.45
CA ASN B 200 5.68 -8.72 -11.36
C ASN B 200 6.77 -9.67 -11.82
N HIS B 201 6.50 -10.99 -11.83
CA HIS B 201 7.46 -11.96 -12.35
C HIS B 201 7.55 -11.91 -13.86
N ILE B 202 6.69 -11.14 -14.52
CA ILE B 202 6.78 -10.87 -15.95
C ILE B 202 7.26 -9.45 -16.21
N TYR B 203 6.73 -8.49 -15.46
CA TYR B 203 6.93 -7.07 -15.73
C TYR B 203 7.98 -6.43 -14.84
N GLY B 204 8.43 -7.10 -13.79
CA GLY B 204 9.36 -6.51 -12.83
C GLY B 204 8.65 -5.93 -11.64
N GLU B 205 9.29 -5.97 -10.46
CA GLU B 205 8.67 -5.43 -9.26
C GLU B 205 8.68 -3.91 -9.26
N THR B 206 9.73 -3.31 -9.82
CA THR B 206 9.91 -1.86 -9.80
C THR B 206 9.79 -1.27 -11.18
N LEU B 207 9.50 0.04 -11.22
CA LEU B 207 9.35 0.74 -12.49
C LEU B 207 10.64 0.73 -13.28
N ASP B 208 11.78 0.85 -12.60
CA ASP B 208 13.06 0.85 -13.29
C ASP B 208 13.29 -0.46 -14.04
N ARG B 209 13.01 -1.59 -13.37
CA ARG B 209 13.13 -2.89 -14.01
C ARG B 209 12.15 -3.05 -15.15
N GLN B 210 10.89 -2.63 -14.94
CA GLN B 210 9.88 -2.70 -16.00
C GLN B 210 10.34 -1.93 -17.23
N HIS B 211 10.91 -0.74 -17.03
CA HIS B 211 11.27 0.09 -18.17
C HIS B 211 12.43 -0.49 -18.96
N LYS B 212 13.31 -1.26 -18.30
CA LYS B 212 14.38 -1.92 -19.04
C LYS B 212 13.89 -3.13 -19.83
N LEU B 213 12.76 -3.72 -19.42
CA LEU B 213 12.17 -4.87 -20.10
C LEU B 213 11.23 -4.48 -21.23
N ARG B 214 10.84 -3.21 -21.34
CA ARG B 214 9.85 -2.77 -22.31
C ARG B 214 10.52 -2.30 -23.59
N LEU B 215 9.87 -2.59 -24.73
CA LEU B 215 10.32 -2.12 -26.02
C LEU B 215 9.95 -0.66 -26.28
N PHE B 216 8.92 -0.16 -25.60
CA PHE B 216 8.43 1.21 -25.77
C PHE B 216 7.94 1.46 -27.20
N LYS B 217 7.55 0.39 -27.89
CA LYS B 217 6.80 0.49 -29.14
C LYS B 217 5.65 -0.50 -29.07
N ASP B 218 4.46 -0.04 -29.47
CA ASP B 218 3.25 -0.85 -29.51
C ASP B 218 2.91 -1.49 -28.16
N GLY B 219 3.40 -0.92 -27.06
CA GLY B 219 3.15 -1.47 -25.75
C GLY B 219 3.90 -2.75 -25.43
N LYS B 220 4.76 -3.20 -26.31
CA LYS B 220 5.31 -4.55 -26.21
C LYS B 220 6.49 -4.62 -25.25
N LEU B 221 6.80 -5.85 -24.83
CA LEU B 221 8.02 -6.15 -24.10
C LEU B 221 9.14 -6.47 -25.08
N LYS B 222 10.37 -6.16 -24.69
CA LYS B 222 11.52 -6.50 -25.53
C LYS B 222 11.61 -8.01 -25.70
N TYR B 223 12.27 -8.41 -26.79
CA TYR B 223 12.39 -9.83 -27.12
C TYR B 223 13.56 -10.01 -28.07
N GLN B 224 13.94 -11.27 -28.25
CA GLN B 224 14.92 -11.67 -29.25
C GLN B 224 14.37 -12.84 -30.06
N VAL B 225 15.00 -13.11 -31.19
CA VAL B 225 14.59 -14.18 -32.09
C VAL B 225 15.72 -15.19 -32.16
N ILE B 226 15.41 -16.45 -31.83
CA ILE B 226 16.36 -17.54 -31.84
C ILE B 226 15.78 -18.66 -32.68
N GLY B 227 16.36 -18.88 -33.86
CA GLY B 227 15.82 -19.91 -34.75
C GLY B 227 14.41 -19.63 -35.20
N GLY B 228 14.07 -18.35 -35.41
CA GLY B 228 12.74 -17.97 -35.83
C GLY B 228 11.71 -17.93 -34.73
N GLU B 229 12.10 -18.16 -33.48
CA GLU B 229 11.17 -18.17 -32.36
C GLU B 229 11.43 -16.99 -31.44
N VAL B 230 10.37 -16.51 -30.82
CA VAL B 230 10.44 -15.34 -29.94
C VAL B 230 10.78 -15.81 -28.53
N TYR B 231 11.81 -15.20 -27.94
CA TYR B 231 12.25 -15.50 -26.60
C TYR B 231 12.50 -14.19 -25.86
N PRO B 232 12.59 -14.23 -24.53
CA PRO B 232 12.90 -13.02 -23.79
C PRO B 232 14.25 -12.47 -24.20
N PRO B 233 14.48 -11.16 -24.04
CA PRO B 233 15.75 -10.58 -24.45
C PRO B 233 16.91 -10.97 -23.54
N THR B 234 18.12 -10.55 -23.87
CA THR B 234 19.28 -10.87 -23.07
C THR B 234 19.50 -9.82 -21.98
N VAL B 235 20.31 -10.19 -20.98
CA VAL B 235 20.74 -9.24 -19.97
C VAL B 235 21.55 -8.11 -20.61
N LYS B 236 22.36 -8.44 -21.62
CA LYS B 236 23.21 -7.43 -22.24
C LYS B 236 22.39 -6.35 -22.93
N ASP B 237 21.28 -6.72 -23.54
CA ASP B 237 20.46 -5.75 -24.27
C ASP B 237 19.60 -4.91 -23.34
N THR B 238 19.23 -5.43 -22.17
CA THR B 238 18.32 -4.75 -21.27
C THR B 238 18.98 -4.20 -20.01
N GLN B 239 20.09 -4.81 -19.57
CA GLN B 239 20.81 -4.43 -18.36
C GLN B 239 19.95 -4.60 -17.10
N VAL B 240 19.11 -5.65 -17.08
CA VAL B 240 18.37 -5.97 -15.87
C VAL B 240 19.15 -7.00 -15.07
N GLU B 241 19.00 -6.94 -13.75
CA GLU B 241 19.71 -7.85 -12.86
C GLU B 241 19.03 -9.22 -12.89
N MET B 242 19.80 -10.24 -13.25
CA MET B 242 19.35 -11.63 -13.21
C MET B 242 20.36 -12.43 -12.42
N ILE B 243 19.95 -13.62 -11.99
CA ILE B 243 20.80 -14.53 -11.23
C ILE B 243 21.14 -15.70 -12.13
N TYR B 244 22.43 -15.82 -12.49
CA TYR B 244 22.92 -16.92 -13.32
C TYR B 244 24.25 -17.42 -12.78
N PRO B 245 24.52 -18.72 -12.87
CA PRO B 245 25.85 -19.23 -12.50
C PRO B 245 26.91 -18.68 -13.43
N PRO B 246 28.18 -18.66 -12.99
CA PRO B 246 29.22 -17.98 -13.79
C PRO B 246 29.60 -18.67 -15.09
N HIS B 247 28.97 -19.79 -15.44
CA HIS B 247 29.30 -20.48 -16.68
C HIS B 247 28.32 -20.21 -17.82
N ILE B 248 27.22 -19.49 -17.56
CA ILE B 248 26.23 -19.21 -18.58
C ILE B 248 26.76 -18.14 -19.54
N PRO B 249 26.82 -18.42 -20.84
CA PRO B 249 27.25 -17.39 -21.79
C PRO B 249 26.29 -16.21 -21.82
N GLU B 250 26.81 -15.08 -22.31
CA GLU B 250 25.98 -13.87 -22.38
C GLU B 250 24.75 -14.07 -23.25
N ASN B 251 24.90 -14.79 -24.37
CA ASN B 251 23.78 -15.01 -25.27
C ASN B 251 22.74 -15.96 -24.68
N LEU B 252 22.95 -16.49 -23.48
CA LEU B 252 21.96 -17.35 -22.82
C LEU B 252 21.48 -16.76 -21.51
N GLN B 253 21.83 -15.52 -21.18
CA GLN B 253 21.38 -14.85 -19.97
C GLN B 253 20.08 -14.11 -20.31
N PHE B 254 18.96 -14.82 -20.22
CA PHE B 254 17.67 -14.23 -20.53
C PHE B 254 17.26 -13.26 -19.42
N ALA B 255 16.59 -12.18 -19.83
CA ALA B 255 16.14 -11.15 -18.91
C ALA B 255 14.62 -11.20 -18.81
N VAL B 256 14.10 -11.54 -17.62
CA VAL B 256 12.68 -11.62 -17.37
C VAL B 256 12.35 -10.94 -16.04
N GLY B 257 11.05 -10.80 -15.78
CA GLY B 257 10.62 -10.05 -14.61
C GLY B 257 11.17 -10.58 -13.29
N GLN B 258 11.24 -11.90 -13.16
CA GLN B 258 11.76 -12.55 -11.96
C GLN B 258 13.21 -12.98 -12.18
N GLU B 259 14.08 -12.60 -11.26
CA GLU B 259 15.51 -12.78 -11.47
C GLU B 259 16.01 -14.22 -11.36
N VAL B 260 15.20 -15.16 -10.85
CA VAL B 260 15.66 -16.54 -10.73
C VAL B 260 15.10 -17.44 -11.84
N PHE B 261 14.25 -16.91 -12.72
CA PHE B 261 13.57 -17.76 -13.68
C PHE B 261 14.52 -18.37 -14.72
N GLY B 262 15.69 -17.77 -14.93
CA GLY B 262 16.67 -18.35 -15.83
C GLY B 262 17.37 -19.58 -15.28
N LEU B 263 17.15 -19.91 -14.01
CA LEU B 263 17.83 -21.04 -13.39
C LEU B 263 17.15 -22.38 -13.68
N VAL B 264 15.93 -22.38 -14.20
CA VAL B 264 15.27 -23.64 -14.51
C VAL B 264 14.51 -23.51 -15.83
N PRO B 265 14.75 -24.40 -16.80
CA PRO B 265 14.07 -24.29 -18.10
C PRO B 265 12.56 -24.36 -18.01
N GLY B 266 12.02 -25.05 -17.01
CA GLY B 266 10.57 -25.10 -16.85
C GLY B 266 9.97 -23.73 -16.56
N LEU B 267 10.65 -22.94 -15.72
CA LEU B 267 10.21 -21.57 -15.49
C LEU B 267 10.42 -20.71 -16.72
N MET B 268 11.52 -20.92 -17.45
CA MET B 268 11.76 -20.14 -18.65
C MET B 268 10.73 -20.46 -19.73
N MET B 269 10.16 -21.67 -19.69
CA MET B 269 9.08 -22.02 -20.61
C MET B 269 7.88 -21.10 -20.42
N TYR B 270 7.40 -20.96 -19.17
CA TYR B 270 6.25 -20.11 -18.91
C TYR B 270 6.57 -18.63 -19.09
N ALA B 271 7.80 -18.23 -18.77
CA ALA B 271 8.21 -16.84 -18.98
C ALA B 271 8.13 -16.47 -20.46
N THR B 272 8.51 -17.41 -21.34
CA THR B 272 8.44 -17.17 -22.78
C THR B 272 7.00 -17.14 -23.26
N ILE B 273 6.17 -18.08 -22.80
CA ILE B 273 4.77 -18.12 -23.21
C ILE B 273 4.06 -16.84 -22.80
N TRP B 274 4.31 -16.37 -21.57
CA TRP B 274 3.61 -15.19 -21.09
C TRP B 274 4.14 -13.91 -21.76
N LEU B 275 5.43 -13.85 -22.08
CA LEU B 275 5.94 -12.72 -22.84
C LEU B 275 5.28 -12.66 -24.21
N ARG B 276 5.15 -13.81 -24.87
CA ARG B 276 4.45 -13.85 -26.16
C ARG B 276 3.00 -13.42 -26.01
N GLU B 277 2.34 -13.84 -24.93
CA GLU B 277 0.95 -13.48 -24.75
C GLU B 277 0.77 -11.97 -24.60
N HIS B 278 1.69 -11.32 -23.88
CA HIS B 278 1.61 -9.86 -23.74
C HIS B 278 1.70 -9.17 -25.10
N ASN B 279 2.69 -9.53 -25.90
CA ASN B 279 2.85 -8.90 -27.21
C ASN B 279 1.71 -9.28 -28.15
N ARG B 280 1.14 -10.47 -27.98
CA ARG B 280 -0.04 -10.85 -28.76
C ARG B 280 -1.23 -9.98 -28.40
N VAL B 281 -1.41 -9.69 -27.11
CA VAL B 281 -2.48 -8.81 -26.68
C VAL B 281 -2.21 -7.37 -27.13
N CYS B 282 -0.94 -6.97 -27.17
CA CYS B 282 -0.59 -5.67 -27.73
C CYS B 282 -1.03 -5.56 -29.19
N ASP B 283 -0.81 -6.62 -29.98
CA ASP B 283 -1.23 -6.60 -31.38
C ASP B 283 -2.74 -6.47 -31.49
N ILE B 284 -3.48 -7.23 -30.67
CA ILE B 284 -4.94 -7.18 -30.73
C ILE B 284 -5.44 -5.79 -30.34
N LEU B 285 -4.93 -5.25 -29.23
CA LEU B 285 -5.36 -3.93 -28.78
C LEU B 285 -5.00 -2.85 -29.80
N LYS B 286 -3.82 -2.96 -30.42
CA LYS B 286 -3.42 -1.98 -31.43
C LYS B 286 -4.37 -1.99 -32.62
N GLN B 287 -4.83 -3.18 -33.02
CA GLN B 287 -5.80 -3.27 -34.10
C GLN B 287 -7.14 -2.67 -33.69
N GLU B 288 -7.48 -2.74 -32.40
CA GLU B 288 -8.72 -2.14 -31.92
C GLU B 288 -8.58 -0.64 -31.70
N HIS B 289 -7.37 -0.17 -31.38
CA HIS B 289 -7.12 1.23 -31.03
C HIS B 289 -5.87 1.71 -31.75
N PRO B 290 -5.96 2.02 -33.05
CA PRO B 290 -4.80 2.62 -33.73
C PRO B 290 -4.41 3.98 -33.18
N GLU B 291 -5.31 4.64 -32.44
CA GLU B 291 -5.02 5.94 -31.84
C GLU B 291 -4.29 5.83 -30.50
N TRP B 292 -4.13 4.62 -29.96
CA TRP B 292 -3.49 4.45 -28.67
C TRP B 292 -1.97 4.54 -28.80
N GLY B 293 -1.34 5.05 -27.74
CA GLY B 293 0.11 5.09 -27.66
C GLY B 293 0.67 3.88 -26.94
N ASP B 294 2.01 3.84 -26.90
CA ASP B 294 2.72 2.70 -26.31
C ASP B 294 2.36 2.51 -24.85
N GLU B 295 2.30 3.60 -24.08
CA GLU B 295 2.06 3.47 -22.64
C GLU B 295 0.71 2.84 -22.35
N GLN B 296 -0.36 3.30 -23.01
CA GLN B 296 -1.68 2.72 -22.76
C GLN B 296 -1.77 1.30 -23.29
N LEU B 297 -1.15 1.01 -24.43
CA LEU B 297 -1.08 -0.35 -24.93
C LEU B 297 -0.43 -1.28 -23.91
N PHE B 298 0.69 -0.85 -23.31
CA PHE B 298 1.36 -1.67 -22.31
C PHE B 298 0.48 -1.89 -21.08
N GLN B 299 -0.06 -0.81 -20.51
CA GLN B 299 -0.80 -0.93 -19.26
C GLN B 299 -2.06 -1.74 -19.44
N THR B 300 -2.78 -1.55 -20.56
CA THR B 300 -4.01 -2.30 -20.78
C THR B 300 -3.73 -3.78 -20.98
N SER B 301 -2.69 -4.10 -21.76
CA SER B 301 -2.29 -5.50 -21.93
C SER B 301 -1.98 -6.15 -20.59
N ARG B 302 -1.31 -5.42 -19.69
CA ARG B 302 -0.97 -5.98 -18.38
C ARG B 302 -2.22 -6.30 -17.57
N LEU B 303 -3.21 -5.39 -17.59
CA LEU B 303 -4.46 -5.66 -16.89
C LEU B 303 -5.16 -6.89 -17.47
N ILE B 304 -5.10 -7.06 -18.80
CA ILE B 304 -5.69 -8.23 -19.44
C ILE B 304 -4.98 -9.50 -18.99
N LEU B 305 -3.64 -9.47 -18.95
CA LEU B 305 -2.92 -10.68 -18.56
C LEU B 305 -3.10 -11.01 -17.09
N ILE B 306 -3.28 -10.00 -16.24
CA ILE B 306 -3.66 -10.26 -14.85
C ILE B 306 -4.99 -11.00 -14.81
N GLY B 307 -5.98 -10.53 -15.59
CA GLY B 307 -7.26 -11.21 -15.64
C GLY B 307 -7.15 -12.62 -16.21
N GLU B 308 -6.36 -12.80 -17.27
CA GLU B 308 -6.12 -14.14 -17.81
C GLU B 308 -5.51 -15.05 -16.76
N THR B 309 -4.56 -14.54 -15.98
CA THR B 309 -3.92 -15.36 -14.95
C THR B 309 -4.95 -15.83 -13.92
N ILE B 310 -5.78 -14.91 -13.42
CA ILE B 310 -6.77 -15.29 -12.42
C ILE B 310 -7.78 -16.27 -13.01
N LYS B 311 -8.20 -16.01 -14.25
CA LYS B 311 -9.14 -16.92 -14.92
C LYS B 311 -8.58 -18.33 -14.99
N ILE B 312 -7.32 -18.47 -15.43
CA ILE B 312 -6.71 -19.79 -15.59
C ILE B 312 -6.51 -20.45 -14.24
N VAL B 313 -6.04 -19.68 -13.24
CA VAL B 313 -5.77 -20.28 -11.93
C VAL B 313 -7.04 -20.84 -11.32
N ILE B 314 -8.17 -20.15 -11.52
CA ILE B 314 -9.42 -20.63 -10.93
C ILE B 314 -9.99 -21.80 -11.73
N GLU B 315 -10.16 -21.61 -13.04
CA GLU B 315 -10.95 -22.56 -13.81
C GLU B 315 -10.13 -23.71 -14.40
N ASP B 316 -8.80 -23.65 -14.33
CA ASP B 316 -7.94 -24.76 -14.73
C ASP B 316 -7.08 -25.27 -13.60
N TYR B 317 -6.32 -24.38 -12.95
CA TYR B 317 -5.35 -24.78 -11.94
C TYR B 317 -6.04 -25.26 -10.66
N VAL B 318 -6.83 -24.40 -10.03
CA VAL B 318 -7.57 -24.79 -8.84
C VAL B 318 -8.65 -25.83 -9.18
N GLN B 319 -9.24 -25.73 -10.37
CA GLN B 319 -10.21 -26.73 -10.79
C GLN B 319 -9.60 -28.13 -10.76
N HIS B 320 -8.39 -28.29 -11.31
CA HIS B 320 -7.73 -29.59 -11.29
C HIS B 320 -7.38 -30.00 -9.87
N LEU B 321 -6.75 -29.10 -9.10
CA LEU B 321 -6.33 -29.43 -7.74
C LEU B 321 -7.49 -29.87 -6.86
N SER B 322 -8.64 -29.21 -6.99
CA SER B 322 -9.77 -29.52 -6.13
C SER B 322 -10.29 -30.93 -6.37
N GLY B 323 -10.20 -31.42 -7.61
CA GLY B 323 -10.84 -32.67 -8.00
C GLY B 323 -12.35 -32.60 -8.07
N TYR B 324 -12.94 -31.41 -7.98
CA TYR B 324 -14.40 -31.31 -7.89
C TYR B 324 -15.06 -31.57 -9.24
N HIS B 325 -16.23 -32.18 -9.20
CA HIS B 325 -17.08 -32.26 -10.38
C HIS B 325 -17.82 -30.96 -10.64
N PHE B 326 -17.95 -30.11 -9.63
CA PHE B 326 -18.51 -28.77 -9.82
C PHE B 326 -17.52 -27.90 -10.59
N LYS B 327 -18.00 -27.27 -11.66
CA LYS B 327 -17.17 -26.42 -12.49
C LYS B 327 -17.03 -25.05 -11.84
N LEU B 328 -15.84 -24.76 -11.31
CA LEU B 328 -15.57 -23.46 -10.71
C LEU B 328 -15.72 -22.35 -11.75
N LYS B 329 -15.83 -21.12 -11.25
CA LYS B 329 -16.11 -19.98 -12.12
C LYS B 329 -15.38 -18.74 -11.59
N PHE B 330 -14.67 -18.07 -12.48
CA PHE B 330 -14.11 -16.75 -12.18
C PHE B 330 -15.13 -15.70 -12.62
N ASP B 331 -15.82 -15.11 -11.64
CA ASP B 331 -16.87 -14.13 -11.90
C ASP B 331 -16.83 -13.11 -10.78
N PRO B 332 -16.14 -11.98 -10.96
CA PRO B 332 -16.12 -10.94 -9.91
C PRO B 332 -17.50 -10.42 -9.54
N GLU B 333 -18.48 -10.52 -10.43
CA GLU B 333 -19.82 -10.04 -10.12
C GLU B 333 -20.48 -10.83 -9.01
N LEU B 334 -20.05 -12.08 -8.78
CA LEU B 334 -20.60 -12.87 -7.68
C LEU B 334 -20.43 -12.16 -6.34
N LEU B 335 -19.42 -11.31 -6.21
CA LEU B 335 -19.14 -10.66 -4.94
C LEU B 335 -19.71 -9.25 -4.84
N PHE B 336 -20.36 -8.74 -5.89
CA PHE B 336 -20.80 -7.35 -5.88
C PHE B 336 -21.89 -7.09 -4.86
N ASN B 337 -22.70 -8.09 -4.52
CA ASN B 337 -23.72 -7.94 -3.50
C ASN B 337 -23.30 -8.52 -2.16
N GLN B 338 -22.02 -8.85 -2.00
CA GLN B 338 -21.48 -9.45 -0.80
C GLN B 338 -20.55 -8.48 -0.09
N GLN B 339 -20.24 -8.81 1.16
CA GLN B 339 -19.20 -8.11 1.91
C GLN B 339 -17.86 -8.76 1.61
N PHE B 340 -16.93 -7.99 1.06
CA PHE B 340 -15.66 -8.53 0.62
C PHE B 340 -14.65 -7.40 0.50
N GLN B 341 -13.43 -7.63 0.99
CA GLN B 341 -12.37 -6.63 0.95
C GLN B 341 -11.50 -6.89 -0.26
N TYR B 342 -11.47 -5.93 -1.20
CA TYR B 342 -10.63 -6.04 -2.39
C TYR B 342 -9.21 -5.59 -2.05
N GLN B 343 -8.56 -6.43 -1.24
CA GLN B 343 -7.17 -6.23 -0.83
C GLN B 343 -6.65 -7.56 -0.31
N ASN B 344 -5.33 -7.69 -0.28
CA ASN B 344 -4.71 -8.94 0.14
C ASN B 344 -3.32 -8.67 0.71
N ARG B 345 -2.96 -9.44 1.72
CA ARG B 345 -1.61 -9.46 2.27
C ARG B 345 -1.18 -10.92 2.34
N ILE B 346 -0.03 -11.24 1.76
CA ILE B 346 0.39 -12.63 1.64
C ILE B 346 0.82 -13.15 3.00
N ALA B 347 0.26 -14.30 3.37
CA ALA B 347 0.54 -14.90 4.68
C ALA B 347 1.77 -15.79 4.61
N SER B 348 2.58 -15.73 5.68
CA SER B 348 3.73 -16.62 5.80
C SER B 348 3.32 -18.08 5.73
N GLU B 349 2.19 -18.43 6.36
CA GLU B 349 1.75 -19.83 6.34
C GLU B 349 1.32 -20.26 4.96
N PHE B 350 0.81 -19.32 4.14
CA PHE B 350 0.51 -19.62 2.74
C PHE B 350 1.78 -19.98 1.99
N ASN B 351 2.85 -19.23 2.21
CA ASN B 351 4.16 -19.57 1.65
C ASN B 351 4.61 -20.95 2.13
N THR B 352 4.55 -21.18 3.45
CA THR B 352 5.05 -22.43 4.01
C THR B 352 4.31 -23.64 3.44
N LEU B 353 2.97 -23.58 3.42
CA LEU B 353 2.24 -24.73 2.92
C LEU B 353 2.44 -24.94 1.42
N TYR B 354 2.92 -23.94 0.70
CA TYR B 354 3.14 -24.06 -0.73
C TYR B 354 4.50 -24.67 -1.08
N HIS B 355 5.30 -25.05 -0.08
CA HIS B 355 6.59 -25.71 -0.33
C HIS B 355 6.36 -27.17 -0.74
N TRP B 356 5.85 -27.33 -1.96
CA TRP B 356 5.43 -28.64 -2.47
C TRP B 356 6.61 -29.41 -3.06
N HIS B 357 7.64 -29.60 -2.25
CA HIS B 357 8.82 -30.33 -2.70
C HIS B 357 8.52 -31.73 -3.24
N PRO B 358 7.61 -32.52 -2.67
CA PRO B 358 7.32 -33.85 -3.25
C PRO B 358 6.79 -33.81 -4.67
N LEU B 359 6.29 -32.66 -5.15
CA LEU B 359 5.83 -32.57 -6.53
C LEU B 359 6.94 -32.91 -7.52
N LEU B 360 8.19 -32.61 -7.17
CA LEU B 360 9.29 -32.77 -8.10
C LEU B 360 9.51 -34.24 -8.43
N PRO B 361 9.72 -34.58 -9.70
CA PRO B 361 10.01 -35.96 -10.08
C PRO B 361 11.50 -36.26 -9.90
N ASP B 362 11.87 -37.52 -10.13
CA ASP B 362 13.26 -37.92 -10.06
C ASP B 362 14.06 -37.38 -11.24
N THR B 363 13.46 -37.41 -12.43
CA THR B 363 14.08 -36.89 -13.64
C THR B 363 13.08 -35.99 -14.36
N PHE B 364 13.59 -35.21 -15.30
CA PHE B 364 12.76 -34.34 -16.14
C PHE B 364 12.72 -34.96 -17.53
N ASN B 365 11.57 -35.55 -17.88
CA ASN B 365 11.45 -36.36 -19.09
C ASN B 365 11.00 -35.47 -20.24
N ILE B 366 11.94 -35.11 -21.10
CA ILE B 366 11.67 -34.27 -22.26
C ILE B 366 11.94 -35.12 -23.50
N GLU B 367 10.89 -35.37 -24.28
CA GLU B 367 10.95 -36.21 -25.48
C GLU B 367 11.47 -37.58 -25.06
N ASP B 368 12.57 -38.07 -25.62
CA ASP B 368 13.11 -39.38 -25.24
C ASP B 368 14.21 -39.28 -24.20
N GLN B 369 14.46 -38.10 -23.65
CA GLN B 369 15.51 -37.88 -22.67
C GLN B 369 14.94 -37.82 -21.27
N GLU B 370 15.75 -38.24 -20.30
CA GLU B 370 15.39 -38.20 -18.88
C GLU B 370 16.53 -37.48 -18.15
N TYR B 371 16.44 -36.15 -18.09
CA TYR B 371 17.50 -35.33 -17.51
C TYR B 371 17.48 -35.40 -15.99
N SER B 372 18.66 -35.43 -15.40
CA SER B 372 18.82 -35.36 -13.97
C SER B 372 18.69 -33.91 -13.50
N PHE B 373 18.67 -33.71 -12.18
CA PHE B 373 18.60 -32.35 -11.64
C PHE B 373 19.80 -31.52 -12.08
N LYS B 374 21.00 -32.13 -12.09
CA LYS B 374 22.20 -31.39 -12.48
C LYS B 374 22.19 -31.08 -13.97
N GLN B 375 21.70 -32.00 -14.79
CA GLN B 375 21.66 -31.76 -16.24
C GLN B 375 20.58 -30.76 -16.61
N PHE B 376 19.47 -30.72 -15.86
CA PHE B 376 18.35 -29.87 -16.21
C PHE B 376 18.54 -28.45 -15.68
N LEU B 377 19.01 -28.30 -14.44
CA LEU B 377 19.16 -26.98 -13.85
C LEU B 377 20.17 -26.15 -14.62
N TYR B 378 19.82 -24.88 -14.86
CA TYR B 378 20.66 -23.84 -15.44
C TYR B 378 20.96 -24.07 -16.92
N ASN B 379 20.40 -25.12 -17.54
CA ASN B 379 20.72 -25.48 -18.92
C ASN B 379 19.52 -25.09 -19.80
N ASN B 380 19.45 -23.81 -20.15
CA ASN B 380 18.37 -23.33 -21.00
C ASN B 380 18.58 -23.69 -22.47
N SER B 381 19.71 -24.29 -22.83
CA SER B 381 19.86 -24.82 -24.18
C SER B 381 18.98 -26.04 -24.40
N ILE B 382 18.55 -26.70 -23.32
CA ILE B 382 17.57 -27.78 -23.44
C ILE B 382 16.26 -27.26 -24.03
N LEU B 383 15.83 -26.07 -23.58
CA LEU B 383 14.62 -25.47 -24.13
C LEU B 383 14.80 -25.10 -25.60
N LEU B 384 15.93 -24.47 -25.94
CA LEU B 384 16.17 -24.10 -27.33
C LEU B 384 16.37 -25.31 -28.22
N GLU B 385 16.93 -26.40 -27.69
CA GLU B 385 17.18 -27.58 -28.51
C GLU B 385 15.88 -28.29 -28.84
N HIS B 386 15.12 -28.68 -27.81
CA HIS B 386 13.86 -29.37 -28.05
C HIS B 386 12.79 -28.43 -28.58
N GLY B 387 12.79 -27.17 -28.13
CA GLY B 387 11.79 -26.21 -28.55
C GLY B 387 10.60 -26.16 -27.60
N LEU B 388 9.89 -25.03 -27.65
CA LEU B 388 8.76 -24.81 -26.75
C LEU B 388 7.66 -25.83 -26.98
N THR B 389 7.43 -26.21 -28.24
CA THR B 389 6.39 -27.20 -28.53
C THR B 389 6.67 -28.53 -27.85
N GLN B 390 7.91 -29.02 -27.96
CA GLN B 390 8.26 -30.30 -27.36
C GLN B 390 8.23 -30.23 -25.84
N PHE B 391 8.58 -29.09 -25.25
CA PHE B 391 8.47 -28.94 -23.81
C PHE B 391 7.03 -29.09 -23.34
N VAL B 392 6.08 -28.46 -24.04
CA VAL B 392 4.68 -28.58 -23.64
C VAL B 392 4.20 -30.01 -23.80
N GLU B 393 4.53 -30.64 -24.93
CA GLU B 393 4.09 -32.01 -25.17
C GLU B 393 4.63 -32.97 -24.12
N SER B 394 5.91 -32.83 -23.77
CA SER B 394 6.54 -33.75 -22.82
C SER B 394 6.00 -33.54 -21.41
N PHE B 395 6.00 -32.29 -20.93
CA PHE B 395 5.60 -32.03 -19.55
C PHE B 395 4.10 -32.24 -19.33
N THR B 396 3.29 -32.21 -20.40
CA THR B 396 1.90 -32.59 -20.28
C THR B 396 1.76 -34.10 -20.01
N ARG B 397 2.74 -34.89 -20.46
CA ARG B 397 2.70 -36.34 -20.29
C ARG B 397 3.37 -36.83 -19.01
N GLN B 398 4.31 -36.06 -18.45
CA GLN B 398 5.07 -36.54 -17.30
C GLN B 398 4.30 -36.33 -16.02
N ILE B 399 4.15 -37.41 -15.24
CA ILE B 399 3.41 -37.36 -13.99
C ILE B 399 4.29 -36.70 -12.91
N ALA B 400 3.65 -35.93 -12.05
CA ALA B 400 4.32 -35.34 -10.89
C ALA B 400 4.06 -36.17 -9.65
N GLY B 401 4.75 -35.80 -8.56
CA GLY B 401 4.70 -36.58 -7.35
C GLY B 401 3.57 -36.19 -6.41
N ARG B 402 3.17 -37.15 -5.58
CA ARG B 402 2.14 -36.91 -4.58
C ARG B 402 2.70 -36.05 -3.45
N VAL B 403 1.95 -35.03 -3.05
CA VAL B 403 2.44 -34.09 -2.04
C VAL B 403 2.16 -34.61 -0.64
N ALA B 404 0.94 -35.11 -0.40
CA ALA B 404 0.60 -35.70 0.88
C ALA B 404 0.96 -37.19 0.88
N GLY B 405 0.80 -37.83 2.04
CA GLY B 405 1.03 -39.24 2.19
C GLY B 405 2.40 -39.60 2.72
N GLY B 406 3.36 -38.69 2.66
CA GLY B 406 4.65 -38.87 3.29
C GLY B 406 5.66 -39.56 2.38
N ARG B 407 6.94 -39.40 2.76
CA ARG B 407 8.07 -40.11 2.15
C ARG B 407 8.09 -39.95 0.64
N ASN B 408 8.05 -38.69 0.19
CA ASN B 408 8.09 -38.41 -1.24
C ASN B 408 8.91 -37.18 -1.57
N VAL B 409 9.72 -36.67 -0.64
CA VAL B 409 10.61 -35.56 -0.93
C VAL B 409 11.84 -36.11 -1.64
N PRO B 410 12.12 -35.70 -2.87
CA PRO B 410 13.29 -36.23 -3.58
C PRO B 410 14.57 -35.84 -2.85
N ILE B 411 15.51 -36.79 -2.80
CA ILE B 411 16.75 -36.59 -2.05
C ILE B 411 17.59 -35.45 -2.61
N ALA B 412 17.36 -35.08 -3.88
CA ALA B 412 18.10 -33.96 -4.43
C ALA B 412 17.76 -32.63 -3.75
N VAL B 413 16.60 -32.53 -3.11
CA VAL B 413 16.18 -31.26 -2.51
C VAL B 413 16.12 -31.37 -0.99
N GLN B 414 16.92 -32.28 -0.42
CA GLN B 414 16.95 -32.48 1.03
C GLN B 414 17.18 -31.17 1.77
N ALA B 415 18.13 -30.36 1.30
CA ALA B 415 18.52 -29.17 2.04
C ALA B 415 17.38 -28.16 2.10
N VAL B 416 16.70 -27.93 0.99
CA VAL B 416 15.62 -26.95 0.99
C VAL B 416 14.39 -27.48 1.74
N ALA B 417 14.17 -28.80 1.73
CA ALA B 417 13.05 -29.35 2.50
C ALA B 417 13.30 -29.21 4.00
N LYS B 418 14.55 -29.40 4.44
CA LYS B 418 14.87 -29.21 5.85
C LYS B 418 14.76 -27.75 6.24
N ALA B 419 15.15 -26.84 5.35
CA ALA B 419 15.01 -25.41 5.63
C ALA B 419 13.56 -25.00 5.79
N SER B 420 12.63 -25.67 5.09
CA SER B 420 11.21 -25.36 5.28
C SER B 420 10.75 -25.71 6.68
N ILE B 421 11.25 -26.81 7.24
CA ILE B 421 10.99 -27.12 8.64
C ILE B 421 11.59 -26.06 9.54
N ASP B 422 12.88 -25.78 9.35
CA ASP B 422 13.61 -24.91 10.27
C ASP B 422 13.09 -23.47 10.22
N GLN B 423 12.73 -22.98 9.03
CA GLN B 423 12.23 -21.61 8.94
C GLN B 423 10.91 -21.43 9.68
N SER B 424 10.06 -22.46 9.66
CA SER B 424 8.84 -22.42 10.47
C SER B 424 9.18 -22.22 11.94
N ARG B 425 10.22 -22.90 12.42
CA ARG B 425 10.62 -22.74 13.82
C ARG B 425 11.22 -21.37 14.06
N GLU B 426 12.03 -20.87 13.11
CA GLU B 426 12.59 -19.53 13.23
C GLU B 426 11.51 -18.48 13.38
N MET B 427 10.38 -18.67 12.71
CA MET B 427 9.27 -17.72 12.77
C MET B 427 8.28 -18.06 13.89
N LYS B 428 8.63 -19.01 14.76
CA LYS B 428 7.85 -19.35 15.95
C LYS B 428 6.40 -19.70 15.60
N TYR B 429 6.25 -20.58 14.62
CA TYR B 429 4.92 -21.04 14.23
C TYR B 429 4.26 -21.79 15.38
N GLN B 430 2.96 -21.59 15.55
CA GLN B 430 2.21 -22.46 16.44
C GLN B 430 2.08 -23.85 15.81
N SER B 431 1.52 -24.77 16.59
CA SER B 431 1.48 -26.18 16.23
C SER B 431 0.49 -26.42 15.09
N LEU B 432 0.53 -27.65 14.58
CA LEU B 432 -0.45 -28.09 13.58
C LEU B 432 -1.88 -27.95 14.11
N ASN B 433 -2.12 -28.44 15.33
CA ASN B 433 -3.49 -28.46 15.85
C ASN B 433 -4.02 -27.06 16.12
N GLU B 434 -3.15 -26.11 16.48
CA GLU B 434 -3.61 -24.73 16.61
C GLU B 434 -4.03 -24.19 15.24
N TYR B 435 -3.31 -24.56 14.18
CA TYR B 435 -3.68 -24.11 12.85
C TYR B 435 -4.93 -24.80 12.34
N ARG B 436 -5.15 -26.05 12.73
CA ARG B 436 -6.39 -26.72 12.36
C ARG B 436 -7.60 -26.06 13.00
N LYS B 437 -7.50 -25.73 14.30
CA LYS B 437 -8.61 -25.04 14.95
C LYS B 437 -8.81 -23.65 14.36
N ARG B 438 -7.71 -22.98 14.01
CA ARG B 438 -7.81 -21.66 13.39
C ARG B 438 -8.64 -21.71 12.11
N PHE B 439 -8.62 -22.84 11.40
CA PHE B 439 -9.38 -22.98 10.16
C PHE B 439 -10.55 -23.95 10.32
N SER B 440 -11.12 -24.02 11.52
CA SER B 440 -12.36 -24.76 11.80
C SER B 440 -12.20 -26.26 11.56
N LEU B 441 -11.01 -26.79 11.76
CA LEU B 441 -10.77 -28.22 11.63
C LEU B 441 -10.65 -28.85 13.00
N LYS B 442 -11.16 -30.05 13.14
CA LYS B 442 -11.00 -30.79 14.38
C LYS B 442 -9.52 -31.09 14.60
N PRO B 443 -8.99 -30.84 15.79
CA PRO B 443 -7.59 -31.20 16.04
C PRO B 443 -7.40 -32.71 15.98
N TYR B 444 -6.25 -33.13 15.50
CA TYR B 444 -5.91 -34.55 15.54
C TYR B 444 -5.65 -34.97 16.98
N THR B 445 -6.04 -36.22 17.30
CA THR B 445 -5.87 -36.74 18.64
C THR B 445 -4.77 -37.78 18.73
N SER B 446 -4.08 -38.07 17.64
CA SER B 446 -2.97 -39.00 17.63
C SER B 446 -2.25 -38.86 16.30
N PHE B 447 -1.06 -39.46 16.23
CA PHE B 447 -0.29 -39.44 15.00
C PHE B 447 -0.83 -40.43 13.98
N GLU B 448 -1.48 -41.50 14.44
CA GLU B 448 -2.09 -42.45 13.51
C GLU B 448 -3.27 -41.83 12.80
N GLU B 449 -4.07 -41.03 13.50
CA GLU B 449 -5.16 -40.32 12.83
C GLU B 449 -4.63 -39.31 11.83
N LEU B 450 -3.51 -38.65 12.14
CA LEU B 450 -2.92 -37.68 11.21
C LEU B 450 -2.49 -38.35 9.92
N THR B 451 -1.78 -39.49 10.02
CA THR B 451 -1.21 -40.15 8.85
C THR B 451 -2.14 -41.20 8.24
N GLY B 452 -3.07 -41.75 9.01
CA GLY B 452 -3.87 -42.85 8.51
C GLY B 452 -3.15 -44.18 8.43
N GLU B 453 -1.98 -44.29 9.06
CA GLU B 453 -1.21 -45.53 9.05
C GLU B 453 -0.49 -45.65 10.39
N LYS B 454 0.39 -46.65 10.51
CA LYS B 454 1.05 -46.92 11.77
C LYS B 454 2.56 -46.73 11.75
N GLU B 455 3.22 -46.92 10.60
CA GLU B 455 4.68 -46.90 10.57
C GLU B 455 5.22 -45.48 10.76
N MET B 456 4.80 -44.55 9.88
CA MET B 456 5.23 -43.17 10.03
C MET B 456 4.73 -42.54 11.32
N ALA B 457 3.53 -42.92 11.75
CA ALA B 457 2.98 -42.38 13.00
C ALA B 457 3.88 -42.72 14.18
N ALA B 458 4.35 -43.96 14.26
CA ALA B 458 5.20 -44.36 15.37
C ALA B 458 6.52 -43.59 15.38
N GLU B 459 7.10 -43.37 14.19
CA GLU B 459 8.29 -42.53 14.10
C GLU B 459 8.01 -41.13 14.62
N LEU B 460 6.87 -40.55 14.25
CA LEU B 460 6.55 -39.20 14.67
C LEU B 460 6.27 -39.12 16.16
N LYS B 461 5.61 -40.16 16.71
CA LYS B 461 5.35 -40.17 18.15
C LYS B 461 6.63 -40.22 18.95
N ALA B 462 7.59 -41.06 18.53
CA ALA B 462 8.87 -41.10 19.22
C ALA B 462 9.59 -39.75 19.18
N LEU B 463 9.45 -39.01 18.08
CA LEU B 463 10.12 -37.72 17.96
C LEU B 463 9.38 -36.57 18.65
N TYR B 464 8.06 -36.51 18.52
CA TYR B 464 7.29 -35.38 19.03
C TYR B 464 6.59 -35.66 20.36
N SER B 465 6.32 -36.93 20.67
CA SER B 465 5.69 -37.37 21.91
C SER B 465 4.20 -37.01 21.98
N ASP B 466 3.87 -35.72 21.84
CA ASP B 466 2.50 -35.26 21.96
C ASP B 466 2.01 -34.71 20.62
N ILE B 467 0.83 -35.16 20.20
CA ILE B 467 0.29 -34.75 18.91
C ILE B 467 0.05 -33.24 18.88
N ASP B 468 -0.18 -32.63 20.04
CA ASP B 468 -0.38 -31.19 20.10
C ASP B 468 0.91 -30.41 19.89
N VAL B 469 2.05 -31.10 19.78
CA VAL B 469 3.33 -30.48 19.48
C VAL B 469 3.76 -30.70 18.03
N MET B 470 3.03 -31.50 17.27
CA MET B 470 3.35 -31.72 15.86
C MET B 470 3.37 -30.40 15.11
N GLU B 471 4.29 -30.28 14.15
CA GLU B 471 4.47 -29.04 13.41
C GLU B 471 3.65 -29.03 12.13
N LEU B 472 3.32 -27.82 11.68
CA LEU B 472 2.41 -27.65 10.54
C LEU B 472 3.01 -28.20 9.26
N TYR B 473 4.25 -27.80 8.94
CA TYR B 473 4.78 -28.14 7.62
C TYR B 473 5.01 -29.62 7.43
N PRO B 474 5.74 -30.34 8.31
CA PRO B 474 5.88 -31.79 8.08
C PRO B 474 4.55 -32.54 8.14
N ALA B 475 3.59 -32.04 8.92
CA ALA B 475 2.27 -32.69 8.94
C ALA B 475 1.60 -32.64 7.57
N LEU B 476 1.78 -31.52 6.85
CA LEU B 476 1.15 -31.39 5.53
C LEU B 476 1.66 -32.45 4.57
N LEU B 477 2.94 -32.81 4.67
CA LEU B 477 3.52 -33.75 3.73
C LEU B 477 3.26 -35.20 4.12
N VAL B 478 3.01 -35.47 5.40
CA VAL B 478 2.73 -36.84 5.85
C VAL B 478 1.25 -37.09 6.06
N GLU B 479 0.41 -36.07 5.95
CA GLU B 479 -1.01 -36.21 6.26
C GLU B 479 -1.65 -37.27 5.37
N LYS B 480 -2.62 -37.99 5.92
CA LYS B 480 -3.41 -38.91 5.12
C LYS B 480 -4.05 -38.14 3.98
N PRO B 481 -3.82 -38.53 2.73
CA PRO B 481 -4.48 -37.85 1.61
C PRO B 481 -5.95 -38.23 1.53
N ARG B 482 -6.74 -37.34 0.93
CA ARG B 482 -8.08 -37.72 0.52
C ARG B 482 -7.99 -38.88 -0.45
N PRO B 483 -9.07 -39.66 -0.63
CA PRO B 483 -8.99 -40.83 -1.51
C PRO B 483 -8.49 -40.48 -2.90
N ASP B 484 -7.37 -41.09 -3.30
CA ASP B 484 -6.75 -40.89 -4.61
C ASP B 484 -6.48 -39.42 -4.91
N ALA B 485 -6.16 -38.65 -3.87
CA ALA B 485 -5.95 -37.21 -3.99
C ALA B 485 -4.50 -36.86 -3.72
N ILE B 486 -4.13 -35.63 -4.11
CA ILE B 486 -2.75 -35.19 -3.94
C ILE B 486 -2.55 -34.62 -2.54
N PHE B 487 -3.61 -34.10 -1.93
CA PHE B 487 -3.53 -33.41 -0.65
C PHE B 487 -4.40 -34.07 0.40
N GLY B 488 -4.10 -33.74 1.66
CA GLY B 488 -4.95 -34.06 2.78
C GLY B 488 -5.76 -32.84 3.22
N GLU B 489 -6.56 -33.05 4.28
CA GLU B 489 -7.54 -32.06 4.70
C GLU B 489 -6.88 -30.73 5.09
N THR B 490 -5.75 -30.77 5.79
CA THR B 490 -5.15 -29.54 6.28
C THR B 490 -4.66 -28.66 5.13
N MET B 491 -4.08 -29.27 4.09
CA MET B 491 -3.57 -28.48 2.97
C MET B 491 -4.70 -27.68 2.30
N VAL B 492 -5.81 -28.35 2.01
CA VAL B 492 -6.89 -27.69 1.28
C VAL B 492 -7.57 -26.63 2.13
N GLU B 493 -7.91 -26.98 3.38
CA GLU B 493 -8.67 -26.05 4.21
C GLU B 493 -7.85 -24.84 4.66
N LEU B 494 -6.52 -24.94 4.60
CA LEU B 494 -5.70 -23.74 4.78
C LEU B 494 -5.40 -23.06 3.46
N GLY B 495 -5.05 -23.84 2.44
CA GLY B 495 -4.62 -23.25 1.17
C GLY B 495 -5.75 -22.60 0.38
N ALA B 496 -6.95 -23.17 0.44
CA ALA B 496 -8.07 -22.60 -0.31
C ALA B 496 -8.42 -21.19 0.14
N PRO B 497 -8.62 -20.91 1.43
CA PRO B 497 -8.92 -19.51 1.81
C PRO B 497 -7.84 -18.52 1.38
N PHE B 498 -6.56 -18.87 1.56
CA PHE B 498 -5.49 -18.00 1.09
C PHE B 498 -5.54 -17.83 -0.42
N SER B 499 -5.77 -18.91 -1.16
CA SER B 499 -5.76 -18.84 -2.62
C SER B 499 -6.87 -17.94 -3.14
N LEU B 500 -8.11 -18.26 -2.78
CA LEU B 500 -9.26 -17.53 -3.32
C LEU B 500 -9.24 -16.07 -2.88
N LYS B 501 -8.85 -15.82 -1.63
CA LYS B 501 -8.73 -14.45 -1.14
C LYS B 501 -7.69 -13.67 -1.96
N GLY B 502 -6.53 -14.29 -2.22
CA GLY B 502 -5.52 -13.63 -3.04
C GLY B 502 -5.95 -13.44 -4.49
N LEU B 503 -6.83 -14.31 -4.98
CA LEU B 503 -7.27 -14.19 -6.37
C LEU B 503 -8.36 -13.13 -6.51
N MET B 504 -9.41 -13.22 -5.70
CA MET B 504 -10.51 -12.27 -5.81
C MET B 504 -10.23 -10.95 -5.10
N GLY B 505 -9.20 -10.90 -4.26
CA GLY B 505 -8.82 -9.65 -3.62
C GLY B 505 -8.19 -8.63 -4.54
N ASN B 506 -7.95 -9.00 -5.79
CA ASN B 506 -7.27 -8.13 -6.74
C ASN B 506 -8.18 -6.97 -7.15
N PRO B 507 -7.64 -5.75 -7.28
CA PRO B 507 -8.50 -4.60 -7.62
C PRO B 507 -9.23 -4.75 -8.95
N ILE B 508 -8.72 -5.56 -9.89
CA ILE B 508 -9.45 -5.73 -11.15
C ILE B 508 -10.76 -6.49 -10.96
N CYS B 509 -10.95 -7.15 -9.82
CA CYS B 509 -12.22 -7.77 -9.47
C CYS B 509 -13.18 -6.81 -8.79
N SER B 510 -12.73 -5.61 -8.42
CA SER B 510 -13.62 -4.65 -7.80
C SER B 510 -14.59 -4.08 -8.84
N PRO B 511 -15.78 -3.67 -8.42
CA PRO B 511 -16.78 -3.23 -9.40
C PRO B 511 -16.34 -2.06 -10.28
N GLN B 512 -15.55 -1.14 -9.76
CA GLN B 512 -15.14 -0.02 -10.61
C GLN B 512 -14.07 -0.41 -11.63
N TYR B 513 -13.38 -1.54 -11.43
CA TYR B 513 -12.45 -2.04 -12.43
C TYR B 513 -13.08 -3.06 -13.37
N TRP B 514 -14.02 -3.89 -12.89
CA TRP B 514 -14.53 -5.03 -13.66
C TRP B 514 -15.59 -4.53 -14.64
N LYS B 515 -15.11 -3.95 -15.73
CA LYS B 515 -15.97 -3.44 -16.80
C LYS B 515 -15.16 -3.43 -18.09
N PRO B 516 -15.82 -3.52 -19.25
CA PRO B 516 -15.07 -3.66 -20.51
C PRO B 516 -14.06 -2.55 -20.77
N SER B 517 -14.39 -1.30 -20.45
CA SER B 517 -13.50 -0.20 -20.81
C SER B 517 -12.16 -0.29 -20.10
N THR B 518 -12.11 -0.96 -18.94
CA THR B 518 -10.84 -1.17 -18.24
C THR B 518 -9.85 -1.92 -19.11
N PHE B 519 -10.33 -2.83 -19.94
CA PHE B 519 -9.48 -3.74 -20.71
C PHE B 519 -9.53 -3.44 -22.20
N GLY B 520 -9.77 -2.18 -22.56
CA GLY B 520 -9.76 -1.76 -23.94
C GLY B 520 -11.03 -2.02 -24.72
N GLY B 521 -12.09 -2.50 -24.07
CA GLY B 521 -13.36 -2.74 -24.73
C GLY B 521 -13.76 -4.20 -24.63
N GLU B 522 -14.82 -4.55 -25.38
CA GLU B 522 -15.34 -5.91 -25.32
C GLU B 522 -14.35 -6.94 -25.85
N VAL B 523 -13.51 -6.56 -26.81
CA VAL B 523 -12.50 -7.49 -27.32
C VAL B 523 -11.51 -7.84 -26.22
N GLY B 524 -11.02 -6.84 -25.50
CA GLY B 524 -10.09 -7.11 -24.41
C GLY B 524 -10.76 -7.82 -23.25
N PHE B 525 -11.98 -7.42 -22.90
CA PHE B 525 -12.74 -8.09 -21.86
C PHE B 525 -12.91 -9.57 -22.18
N LYS B 526 -13.19 -9.89 -23.45
CA LYS B 526 -13.42 -11.28 -23.83
C LYS B 526 -12.14 -12.13 -23.72
N ILE B 527 -10.97 -11.51 -23.90
CA ILE B 527 -9.73 -12.26 -23.74
C ILE B 527 -9.61 -12.82 -22.33
N ILE B 528 -10.05 -12.05 -21.33
CA ILE B 528 -10.03 -12.54 -19.95
C ILE B 528 -11.03 -13.66 -19.76
N ASN B 529 -12.27 -13.46 -20.23
CA ASN B 529 -13.36 -14.35 -19.89
C ASN B 529 -13.42 -15.62 -20.74
N THR B 530 -12.53 -15.76 -21.73
CA THR B 530 -12.39 -17.01 -22.46
C THR B 530 -11.02 -17.64 -22.28
N ALA B 531 -10.18 -17.10 -21.38
CA ALA B 531 -8.83 -17.61 -21.23
C ALA B 531 -8.81 -18.99 -20.58
N SER B 532 -7.81 -19.78 -20.97
CA SER B 532 -7.59 -21.10 -20.40
C SER B 532 -6.14 -21.48 -20.64
N ILE B 533 -5.66 -22.47 -19.88
CA ILE B 533 -4.30 -22.94 -20.09
C ILE B 533 -4.13 -23.47 -21.52
N GLN B 534 -5.18 -24.08 -22.08
CA GLN B 534 -5.09 -24.61 -23.43
C GLN B 534 -5.02 -23.49 -24.47
N SER B 535 -5.82 -22.43 -24.28
CA SER B 535 -5.78 -21.33 -25.24
C SER B 535 -4.51 -20.52 -25.11
N LEU B 536 -3.98 -20.39 -23.88
CA LEU B 536 -2.71 -19.70 -23.68
C LEU B 536 -1.60 -20.38 -24.48
N ILE B 537 -1.51 -21.71 -24.40
CA ILE B 537 -0.46 -22.44 -25.11
C ILE B 537 -0.74 -22.43 -26.61
N CYS B 538 -2.00 -22.58 -27.00
CA CYS B 538 -2.34 -22.67 -28.42
C CYS B 538 -2.00 -21.38 -29.15
N ASN B 539 -2.23 -20.23 -28.51
CA ASN B 539 -1.98 -18.95 -29.15
C ASN B 539 -0.50 -18.58 -29.22
N ASN B 540 0.34 -19.20 -28.38
CA ASN B 540 1.71 -18.74 -28.22
C ASN B 540 2.76 -19.82 -28.39
N VAL B 541 2.37 -21.06 -28.69
CA VAL B 541 3.31 -22.16 -28.91
C VAL B 541 3.06 -22.71 -30.31
N LYS B 542 4.13 -22.83 -31.10
CA LYS B 542 4.00 -23.24 -32.48
C LYS B 542 3.33 -24.60 -32.58
N GLY B 543 2.39 -24.73 -33.51
CA GLY B 543 1.67 -25.96 -33.72
C GLY B 543 0.46 -26.17 -32.84
N CYS B 544 0.25 -25.30 -31.84
CA CYS B 544 -0.87 -25.42 -30.91
C CYS B 544 -0.95 -26.84 -30.33
N PRO B 545 -0.02 -27.24 -29.48
CA PRO B 545 -0.08 -28.58 -28.90
C PRO B 545 -1.13 -28.66 -27.80
N PHE B 546 -1.72 -29.84 -27.66
CA PHE B 546 -2.65 -30.07 -26.57
C PHE B 546 -1.93 -29.96 -25.24
N THR B 547 -2.62 -29.40 -24.24
CA THR B 547 -2.04 -29.33 -22.90
C THR B 547 -3.16 -29.30 -21.87
N SER B 548 -2.80 -29.73 -20.66
CA SER B 548 -3.65 -29.62 -19.48
C SER B 548 -2.77 -29.85 -18.27
N PHE B 549 -3.37 -29.77 -17.09
CA PHE B 549 -2.68 -30.02 -15.83
C PHE B 549 -2.78 -31.47 -15.38
N ASN B 550 -3.44 -32.32 -16.18
CA ASN B 550 -3.68 -33.71 -15.85
C ASN B 550 -3.17 -34.58 -16.98
N VAL B 551 -2.51 -35.70 -16.63
CA VAL B 551 -2.03 -36.62 -17.65
C VAL B 551 -3.22 -37.36 -18.26
N GLN B 552 -3.18 -37.54 -19.57
CA GLN B 552 -4.27 -38.19 -20.30
C GLN B 552 -3.87 -39.60 -20.72
N GLN C 2 15.73 21.72 5.63
CA GLN C 2 16.41 22.87 5.06
C GLN C 2 16.95 22.51 3.68
N VAL C 3 17.14 23.52 2.84
CA VAL C 3 17.63 23.34 1.47
C VAL C 3 18.85 24.23 1.27
N GLN C 4 19.94 23.64 0.78
CA GLN C 4 21.15 24.39 0.46
C GLN C 4 21.22 24.61 -1.04
N LEU C 5 21.61 25.81 -1.43
CA LEU C 5 21.71 26.20 -2.83
C LEU C 5 23.10 26.73 -3.11
N GLN C 6 23.70 26.30 -4.22
CA GLN C 6 25.05 26.70 -4.58
C GLN C 6 25.10 26.96 -6.08
N GLU C 7 25.31 28.22 -6.44
CA GLU C 7 25.36 28.60 -7.85
C GLU C 7 26.75 28.40 -8.42
N SER C 8 26.81 28.17 -9.74
CA SER C 8 28.05 28.12 -10.47
C SER C 8 27.77 28.42 -11.93
N GLY C 9 28.84 28.62 -12.70
CA GLY C 9 28.73 28.85 -14.13
C GLY C 9 28.92 30.30 -14.54
N GLY C 10 28.91 31.24 -13.61
CA GLY C 10 29.12 32.62 -13.95
C GLY C 10 30.55 32.93 -14.31
N GLY C 11 30.74 34.04 -15.02
CA GLY C 11 32.07 34.44 -15.41
C GLY C 11 32.04 35.67 -16.29
N LEU C 12 33.18 35.94 -16.91
CA LEU C 12 33.34 37.09 -17.79
C LEU C 12 33.16 36.64 -19.24
N VAL C 13 32.28 37.34 -19.96
CA VAL C 13 32.04 37.07 -21.38
C VAL C 13 31.89 38.39 -22.11
N GLN C 14 31.99 38.31 -23.43
CA GLN C 14 31.81 39.45 -24.31
C GLN C 14 30.36 39.51 -24.80
N PRO C 15 29.93 40.64 -25.36
CA PRO C 15 28.55 40.73 -25.87
C PRO C 15 28.26 39.64 -26.90
N GLY C 16 27.05 39.09 -26.82
CA GLY C 16 26.63 38.03 -27.70
C GLY C 16 26.95 36.64 -27.23
N GLY C 17 27.85 36.50 -26.25
CA GLY C 17 28.22 35.19 -25.76
C GLY C 17 27.11 34.53 -24.96
N SER C 18 27.35 33.26 -24.63
CA SER C 18 26.39 32.44 -23.89
C SER C 18 27.00 32.00 -22.56
N LEU C 19 26.13 31.56 -21.66
CA LEU C 19 26.55 31.13 -20.33
C LEU C 19 25.43 30.33 -19.65
N ARG C 20 25.75 29.15 -19.13
CA ARG C 20 24.77 28.33 -18.44
C ARG C 20 25.06 28.37 -16.94
N LEU C 21 24.12 28.91 -16.17
CA LEU C 21 24.24 28.92 -14.73
C LEU C 21 23.64 27.63 -14.16
N SER C 22 24.31 27.08 -13.16
CA SER C 22 23.86 25.87 -12.49
C SER C 22 23.59 26.17 -11.03
N CYS C 23 22.48 25.65 -10.51
CA CYS C 23 22.13 25.78 -9.10
C CYS C 23 21.97 24.37 -8.52
N ALA C 24 22.96 23.94 -7.76
CA ALA C 24 22.89 22.64 -7.09
C ALA C 24 22.13 22.78 -5.79
N ALA C 25 21.11 21.94 -5.60
CA ALA C 25 20.28 21.95 -4.41
C ALA C 25 20.43 20.64 -3.66
N SER C 26 20.31 20.71 -2.33
CA SER C 26 20.40 19.55 -1.47
C SER C 26 19.57 19.78 -0.22
N GLY C 27 19.17 18.69 0.42
CA GLY C 27 18.38 18.77 1.63
C GLY C 27 16.91 18.48 1.43
N SER C 28 16.05 19.30 2.02
CA SER C 28 14.60 19.05 2.05
C SER C 28 13.94 19.43 0.72
N ILE C 29 14.39 18.76 -0.34
CA ILE C 29 13.94 19.10 -1.69
C ILE C 29 12.45 18.87 -1.84
N PHE C 30 11.89 17.97 -1.02
CA PHE C 30 10.47 17.66 -1.11
C PHE C 30 9.59 18.86 -0.84
N SER C 31 10.10 19.88 -0.15
CA SER C 31 9.29 21.01 0.30
C SER C 31 9.27 22.18 -0.69
N ILE C 32 10.00 22.11 -1.79
CA ILE C 32 10.24 23.27 -2.65
C ILE C 32 9.19 23.28 -3.77
N ARG C 33 8.22 24.18 -3.65
CA ARG C 33 7.19 24.30 -4.68
C ARG C 33 7.64 25.15 -5.87
N GLU C 34 8.72 25.92 -5.73
CA GLU C 34 9.12 26.82 -6.81
C GLU C 34 10.61 27.13 -6.70
N TRP C 35 11.29 27.08 -7.85
CA TRP C 35 12.68 27.46 -8.00
C TRP C 35 12.77 28.73 -8.82
N GLY C 36 13.79 29.54 -8.55
CA GLY C 36 13.90 30.83 -9.23
C GLY C 36 15.33 31.30 -9.40
N TRP C 37 15.53 32.11 -10.43
CA TRP C 37 16.78 32.82 -10.65
C TRP C 37 16.51 34.32 -10.54
N TYR C 38 17.36 35.02 -9.80
CA TYR C 38 17.27 36.45 -9.60
C TYR C 38 18.64 37.06 -9.83
N ARG C 39 18.67 38.31 -10.24
CA ARG C 39 19.91 39.02 -10.46
C ARG C 39 19.87 40.37 -9.77
N GLN C 40 21.05 40.89 -9.44
CA GLN C 40 21.18 42.14 -8.71
C GLN C 40 22.35 42.90 -9.30
N ALA C 41 22.05 43.86 -10.17
CA ALA C 41 23.09 44.69 -10.76
C ALA C 41 23.64 45.66 -9.72
N PRO C 42 24.89 46.10 -9.87
CA PRO C 42 25.47 47.06 -8.91
C PRO C 42 24.63 48.34 -8.84
N GLY C 43 24.10 48.61 -7.65
CA GLY C 43 23.38 49.83 -7.40
C GLY C 43 21.89 49.77 -7.61
N LYS C 44 21.36 48.67 -8.14
CA LYS C 44 19.93 48.55 -8.44
C LYS C 44 19.31 47.43 -7.62
N GLN C 45 17.97 47.41 -7.62
CA GLN C 45 17.23 46.44 -6.83
C GLN C 45 17.34 45.05 -7.45
N ARG C 46 17.18 44.04 -6.60
CA ARG C 46 17.11 42.67 -7.08
C ARG C 46 15.84 42.49 -7.91
N GLU C 47 15.96 41.79 -9.03
CA GLU C 47 14.84 41.61 -9.93
C GLU C 47 14.70 40.14 -10.30
N LEU C 48 13.45 39.75 -10.58
CA LEU C 48 13.18 38.41 -11.03
C LEU C 48 13.72 38.19 -12.44
N VAL C 49 14.30 37.02 -12.67
CA VAL C 49 14.77 36.60 -13.98
C VAL C 49 13.90 35.47 -14.53
N ALA C 50 13.79 34.38 -13.79
CA ALA C 50 13.00 33.24 -14.23
C ALA C 50 12.66 32.37 -13.03
N THR C 51 11.47 31.79 -13.06
CA THR C 51 11.04 30.85 -12.02
C THR C 51 10.45 29.63 -12.68
N ILE C 52 10.53 28.50 -11.98
CA ILE C 52 9.88 27.27 -12.41
C ILE C 52 9.33 26.56 -11.17
N THR C 53 8.09 26.13 -11.23
CA THR C 53 7.47 25.43 -10.12
C THR C 53 7.80 23.95 -10.18
N SER C 54 7.50 23.25 -9.08
CA SER C 54 7.68 21.81 -9.03
C SER C 54 6.88 21.09 -10.11
N GLY C 55 5.79 21.70 -10.58
CA GLY C 55 4.99 21.17 -11.67
C GLY C 55 5.41 21.60 -13.06
N GLY C 56 6.41 22.47 -13.17
CA GLY C 56 6.94 22.84 -14.46
C GLY C 56 6.44 24.15 -15.03
N THR C 57 5.66 24.92 -14.29
CA THR C 57 5.19 26.22 -14.75
C THR C 57 6.34 27.21 -14.73
N THR C 58 6.74 27.68 -15.91
CA THR C 58 7.85 28.62 -16.03
C THR C 58 7.32 30.04 -16.24
N ASN C 59 8.01 31.01 -15.63
CA ASN C 59 7.73 32.42 -15.85
C ASN C 59 9.06 33.14 -16.03
N TYR C 60 9.05 34.16 -16.89
CA TYR C 60 10.25 34.92 -17.20
C TYR C 60 9.96 36.41 -17.12
N ALA C 61 11.00 37.17 -16.78
CA ALA C 61 10.92 38.62 -16.89
C ALA C 61 10.93 39.02 -18.37
N ASP C 62 10.28 40.15 -18.66
CA ASP C 62 10.19 40.61 -20.05
C ASP C 62 11.57 40.78 -20.67
N SER C 63 12.52 41.38 -19.93
CA SER C 63 13.82 41.69 -20.48
C SER C 63 14.66 40.47 -20.83
N VAL C 64 14.32 39.30 -20.30
CA VAL C 64 15.10 38.09 -20.55
C VAL C 64 14.33 37.00 -21.27
N ARG C 65 13.02 37.15 -21.46
CA ARG C 65 12.21 36.10 -22.05
C ARG C 65 12.67 35.84 -23.49
N GLY C 66 12.83 34.57 -23.84
CA GLY C 66 13.23 34.21 -25.18
C GLY C 66 14.69 33.82 -25.30
N ARG C 67 15.58 34.59 -24.68
CA ARG C 67 17.00 34.28 -24.70
C ARG C 67 17.48 33.62 -23.42
N PHE C 68 16.66 33.60 -22.36
CA PHE C 68 16.97 32.87 -21.14
C PHE C 68 16.01 31.70 -21.00
N THR C 69 16.53 30.57 -20.51
CA THR C 69 15.73 29.37 -20.30
C THR C 69 16.06 28.77 -18.95
N ILE C 70 15.04 28.52 -18.14
CA ILE C 70 15.20 27.89 -16.83
C ILE C 70 14.62 26.48 -16.90
N SER C 71 15.30 25.54 -16.24
CA SER C 71 14.86 24.15 -16.23
C SER C 71 15.44 23.46 -14.99
N ARG C 72 14.84 22.34 -14.62
CA ARG C 72 15.26 21.58 -13.45
C ARG C 72 15.58 20.14 -13.85
N ASP C 73 16.73 19.65 -13.39
CA ASP C 73 17.09 18.25 -13.50
C ASP C 73 16.77 17.61 -12.16
N ASN C 74 15.63 16.89 -12.11
CA ASN C 74 15.18 16.31 -10.84
C ASN C 74 16.16 15.27 -10.32
N ALA C 75 16.73 14.46 -11.22
CA ALA C 75 17.65 13.42 -10.80
C ALA C 75 18.91 14.00 -10.18
N LYS C 76 19.34 15.18 -10.61
CA LYS C 76 20.53 15.83 -10.08
C LYS C 76 20.22 16.96 -9.12
N ASP C 77 18.94 17.27 -8.90
CA ASP C 77 18.53 18.36 -8.01
C ASP C 77 19.20 19.68 -8.41
N THR C 78 19.30 19.90 -9.71
CA THR C 78 19.99 21.06 -10.24
C THR C 78 19.04 21.86 -11.12
N VAL C 79 18.95 23.16 -10.86
CA VAL C 79 18.18 24.09 -11.67
C VAL C 79 19.13 24.87 -12.55
N TYR C 80 18.92 24.81 -13.85
CA TYR C 80 19.79 25.46 -14.82
C TYR C 80 19.14 26.74 -15.36
N LEU C 81 19.99 27.71 -15.68
CA LEU C 81 19.57 28.92 -16.38
C LEU C 81 20.48 29.08 -17.60
N GLN C 82 19.96 28.75 -18.78
CA GLN C 82 20.71 28.92 -20.01
C GLN C 82 20.54 30.35 -20.52
N MET C 83 21.65 31.08 -20.61
CA MET C 83 21.64 32.47 -21.04
C MET C 83 22.33 32.60 -22.39
N ASN C 84 21.64 33.21 -23.35
CA ASN C 84 22.19 33.48 -24.66
C ASN C 84 22.00 34.95 -24.99
N SER C 85 22.80 35.44 -25.95
CA SER C 85 22.75 36.84 -26.38
C SER C 85 22.94 37.78 -25.20
N LEU C 86 24.00 37.55 -24.44
CA LEU C 86 24.27 38.33 -23.23
C LEU C 86 24.69 39.75 -23.62
N THR C 87 23.77 40.69 -23.45
CA THR C 87 24.09 42.10 -23.60
C THR C 87 24.70 42.63 -22.30
N PRO C 88 25.46 43.73 -22.37
CA PRO C 88 26.05 44.27 -21.14
C PRO C 88 25.05 44.60 -20.05
N GLU C 89 23.78 44.84 -20.39
CA GLU C 89 22.75 45.08 -19.41
C GLU C 89 22.46 43.88 -18.52
N ASP C 90 22.91 42.68 -18.90
CA ASP C 90 22.72 41.47 -18.11
C ASP C 90 23.78 41.31 -17.03
N THR C 91 24.70 42.27 -16.89
CA THR C 91 25.73 42.20 -15.87
C THR C 91 25.08 42.34 -14.49
N ALA C 92 25.24 41.34 -13.65
CA ALA C 92 24.68 41.34 -12.31
C ALA C 92 25.22 40.14 -11.56
N VAL C 93 24.88 40.09 -10.26
CA VAL C 93 25.10 38.90 -9.46
C VAL C 93 23.82 38.09 -9.51
N TYR C 94 23.90 36.90 -10.12
CA TYR C 94 22.73 36.05 -10.28
C TYR C 94 22.62 35.12 -9.08
N TYR C 95 21.43 35.11 -8.46
CA TYR C 95 21.17 34.32 -7.26
C TYR C 95 20.15 33.23 -7.54
N CYS C 96 20.35 32.08 -6.91
CA CYS C 96 19.39 30.99 -6.96
C CYS C 96 18.46 31.08 -5.76
N ASN C 97 17.21 30.66 -5.96
CA ASN C 97 16.17 30.82 -4.95
C ASN C 97 15.27 29.58 -4.96
N ALA C 98 14.75 29.24 -3.79
CA ALA C 98 13.81 28.14 -3.64
C ALA C 98 12.73 28.54 -2.66
N GLU C 99 11.47 28.35 -3.05
CA GLU C 99 10.33 28.72 -2.23
C GLU C 99 9.62 27.47 -1.74
N SER C 100 9.36 27.41 -0.44
CA SER C 100 8.81 26.22 0.18
C SER C 100 7.28 26.23 0.15
N ASP C 101 6.72 25.04 0.26
CA ASP C 101 5.29 24.86 0.27
C ASP C 101 4.69 25.42 1.56
N GLY C 102 3.43 25.81 1.48
CA GLY C 102 2.73 26.28 2.67
C GLY C 102 2.93 27.76 2.93
N TRP C 103 1.91 28.38 3.54
CA TRP C 103 2.00 29.79 3.90
C TRP C 103 3.11 30.07 4.91
N TYR C 104 3.56 29.05 5.63
CA TYR C 104 4.67 29.15 6.56
C TYR C 104 6.02 28.88 5.90
N GLY C 105 6.03 28.52 4.62
CA GLY C 105 7.22 27.94 4.03
C GLY C 105 8.39 28.90 4.01
N LEU C 106 9.59 28.35 4.13
CA LEU C 106 10.81 29.13 4.15
C LEU C 106 11.23 29.52 2.74
N SER C 107 11.96 30.62 2.64
CA SER C 107 12.61 31.04 1.40
C SER C 107 14.11 30.78 1.55
N TYR C 108 14.70 30.15 0.53
CA TYR C 108 16.13 29.89 0.51
C TYR C 108 16.79 30.65 -0.63
N TRP C 109 18.00 31.14 -0.37
CA TRP C 109 18.79 31.89 -1.35
C TRP C 109 20.20 31.32 -1.38
N GLY C 110 20.80 31.33 -2.58
CA GLY C 110 22.17 30.91 -2.74
C GLY C 110 23.16 32.01 -2.42
N GLN C 111 24.42 31.73 -2.74
CA GLN C 111 25.51 32.68 -2.53
C GLN C 111 25.74 33.59 -3.72
N GLY C 112 25.15 33.28 -4.86
CA GLY C 112 25.31 34.11 -6.05
C GLY C 112 26.49 33.68 -6.91
N THR C 113 26.45 34.11 -8.16
CA THR C 113 27.55 33.91 -9.08
C THR C 113 27.60 35.11 -10.02
N GLN C 114 28.80 35.65 -10.21
CA GLN C 114 28.96 36.90 -10.95
C GLN C 114 28.93 36.65 -12.44
N VAL C 115 28.13 37.43 -13.16
CA VAL C 115 28.06 37.40 -14.61
C VAL C 115 28.40 38.81 -15.09
N THR C 116 29.63 38.98 -15.58
CA THR C 116 30.10 40.25 -16.11
C THR C 116 30.19 40.13 -17.62
N VAL C 117 29.47 41.01 -18.32
CA VAL C 117 29.49 41.00 -19.77
C VAL C 117 29.61 42.42 -20.31
N GLN D 2 23.57 -12.76 -8.27
CA GLN D 2 24.80 -13.43 -7.86
C GLN D 2 25.32 -12.82 -6.56
N VAL D 3 26.06 -13.60 -5.78
CA VAL D 3 26.59 -13.16 -4.49
C VAL D 3 28.10 -13.37 -4.50
N GLN D 4 28.83 -12.30 -4.22
CA GLN D 4 30.28 -12.36 -4.10
C GLN D 4 30.67 -12.46 -2.64
N LEU D 5 31.60 -13.36 -2.34
CA LEU D 5 32.11 -13.58 -0.99
C LEU D 5 33.61 -13.34 -0.98
N GLN D 6 34.07 -12.51 -0.05
CA GLN D 6 35.49 -12.17 0.06
C GLN D 6 35.89 -12.27 1.53
N GLU D 7 36.75 -13.23 1.85
CA GLU D 7 37.19 -13.45 3.22
C GLU D 7 38.29 -12.46 3.60
N SER D 8 38.51 -12.35 4.91
CA SER D 8 39.52 -11.48 5.48
C SER D 8 39.71 -11.79 6.96
N ARG D 20 39.55 -13.52 14.25
CA ARG D 20 38.18 -13.32 13.80
C ARG D 20 38.15 -13.32 12.29
N SER D 22 36.24 -12.77 8.83
CA SER D 22 35.16 -11.95 8.30
C SER D 22 34.90 -12.34 6.85
N CYS D 23 33.62 -12.44 6.51
CA CYS D 23 33.19 -12.77 5.15
C CYS D 23 32.28 -11.64 4.65
N ALA D 24 32.84 -10.78 3.82
CA ALA D 24 32.08 -9.67 3.23
C ALA D 24 31.29 -10.18 2.03
N ALA D 25 29.98 -9.98 2.06
CA ALA D 25 29.10 -10.43 0.99
C ALA D 25 28.52 -9.23 0.26
N SER D 26 28.28 -9.41 -1.04
CA SER D 26 27.65 -8.38 -1.86
C SER D 26 26.86 -9.05 -2.97
N GLY D 27 25.83 -8.35 -3.45
CA GLY D 27 25.03 -8.85 -4.54
C GLY D 27 23.60 -9.21 -4.17
N SER D 28 23.15 -10.38 -4.64
CA SER D 28 21.77 -10.83 -4.46
C SER D 28 21.57 -11.44 -3.07
N ILE D 29 21.80 -10.61 -2.05
CA ILE D 29 21.76 -11.07 -0.67
C ILE D 29 20.36 -11.58 -0.30
N PHE D 30 19.33 -11.08 -0.99
CA PHE D 30 17.95 -11.48 -0.69
C PHE D 30 17.71 -12.96 -0.91
N SER D 31 18.55 -13.63 -1.71
CA SER D 31 18.34 -15.02 -2.06
C SER D 31 19.05 -16.01 -1.15
N ILE D 32 19.89 -15.56 -0.23
CA ILE D 32 20.74 -16.45 0.56
C ILE D 32 19.99 -16.89 1.81
N ARG D 33 19.57 -18.16 1.83
CA ARG D 33 18.90 -18.72 3.01
C ARG D 33 19.85 -19.18 4.10
N GLU D 34 21.13 -19.40 3.78
CA GLU D 34 22.05 -19.97 4.76
C GLU D 34 23.48 -19.58 4.45
N TRP D 35 24.21 -19.12 5.47
CA TRP D 35 25.63 -18.82 5.37
C TRP D 35 26.42 -19.88 6.14
N GLY D 36 27.65 -20.13 5.72
CA GLY D 36 28.44 -21.19 6.29
C GLY D 36 29.93 -20.95 6.19
N TRP D 37 30.66 -21.49 7.17
CA TRP D 37 32.12 -21.48 7.18
C TRP D 37 32.60 -22.92 7.02
N TYR D 38 33.53 -23.13 6.10
CA TYR D 38 34.11 -24.44 5.85
C TYR D 38 35.63 -24.32 5.81
N ARG D 39 36.30 -25.38 6.26
CA ARG D 39 37.76 -25.42 6.28
C ARG D 39 38.24 -26.68 5.56
N GLN D 40 39.44 -26.60 5.02
CA GLN D 40 40.03 -27.71 4.26
C GLN D 40 41.51 -27.80 4.62
N PRO D 42 45.35 -29.36 4.66
CA PRO D 42 46.17 -29.96 3.58
C PRO D 42 46.07 -31.48 3.57
N GLY D 43 45.55 -32.01 2.46
CA GLY D 43 45.46 -33.44 2.26
C GLY D 43 44.17 -34.09 2.71
N GLN D 45 39.65 -33.81 3.36
CA GLN D 45 38.43 -33.35 2.73
C GLN D 45 37.93 -32.06 3.37
N ARG D 46 37.16 -31.31 2.59
CA ARG D 46 36.46 -30.15 3.12
C ARG D 46 35.45 -30.60 4.18
N GLU D 47 35.41 -29.90 5.31
CA GLU D 47 34.50 -30.22 6.39
C GLU D 47 33.72 -28.99 6.83
N LEU D 48 32.52 -29.23 7.34
CA LEU D 48 31.69 -28.14 7.84
C LEU D 48 32.20 -27.66 9.19
N ALA D 50 30.67 -24.20 10.61
CA ALA D 50 29.57 -23.46 11.21
C ALA D 50 28.65 -22.96 10.10
N THR D 51 27.35 -23.05 10.35
CA THR D 51 26.34 -22.53 9.43
C THR D 51 25.29 -21.76 10.21
N ILE D 52 24.79 -20.69 9.60
CA ILE D 52 23.72 -19.89 10.17
C ILE D 52 22.72 -19.57 9.07
N THR D 53 21.45 -19.77 9.35
CA THR D 53 20.41 -19.49 8.37
C THR D 53 20.02 -18.02 8.43
N SER D 54 19.26 -17.59 7.41
CA SER D 54 18.77 -16.21 7.38
C SER D 54 17.88 -15.90 8.57
N GLY D 55 17.34 -16.93 9.23
CA GLY D 55 16.56 -16.76 10.43
C GLY D 55 17.32 -16.95 11.73
N GLY D 56 18.60 -17.31 11.67
CA GLY D 56 19.42 -17.42 12.86
C GLY D 56 19.65 -18.82 13.38
N THR D 57 19.21 -19.85 12.66
CA THR D 57 19.44 -21.22 13.10
C THR D 57 20.91 -21.59 12.88
N THR D 58 21.57 -22.05 13.94
CA THR D 58 23.00 -22.33 13.92
C THR D 58 23.25 -23.82 14.13
N ASN D 59 24.18 -24.35 13.35
CA ASN D 59 24.67 -25.72 13.46
C ASN D 59 26.19 -25.67 13.53
N TYR D 60 26.77 -26.68 14.17
CA TYR D 60 28.21 -26.71 14.40
C TYR D 60 28.74 -28.13 14.31
N ALA D 61 29.94 -28.26 13.76
CA ALA D 61 30.66 -29.50 13.86
C ALA D 61 30.95 -29.82 15.32
N ASP D 62 30.81 -31.09 15.68
CA ASP D 62 31.07 -31.51 17.06
C ASP D 62 32.49 -31.18 17.48
N SER D 63 33.46 -31.39 16.58
CA SER D 63 34.86 -31.11 16.90
C SER D 63 35.07 -29.65 17.28
N VAL D 64 34.26 -28.74 16.71
CA VAL D 64 34.41 -27.31 16.92
C VAL D 64 33.29 -26.73 17.77
N ARG D 65 32.39 -27.56 18.30
CA ARG D 65 31.28 -27.06 19.11
C ARG D 65 31.77 -26.46 20.43
N GLY D 66 32.74 -25.56 20.35
CA GLY D 66 33.27 -24.90 21.52
C GLY D 66 33.55 -23.45 21.26
N ARG D 67 34.72 -23.16 20.68
CA ARG D 67 35.09 -21.79 20.42
C ARG D 67 34.45 -21.33 19.11
N PHE D 68 34.79 -20.09 18.70
CA PHE D 68 34.23 -19.40 17.54
C PHE D 68 32.86 -19.84 17.08
N THR D 69 31.83 -19.14 17.53
CA THR D 69 30.49 -19.31 17.02
C THR D 69 30.22 -18.29 15.90
N ILE D 70 29.27 -18.63 15.04
CA ILE D 70 29.02 -17.88 13.82
C ILE D 70 27.96 -16.83 14.08
N SER D 71 28.03 -15.73 13.32
CA SER D 71 27.08 -14.62 13.44
C SER D 71 27.13 -13.79 12.16
N ARG D 72 26.02 -13.12 11.87
CA ARG D 72 25.88 -12.27 10.70
C ARG D 72 25.50 -10.85 11.11
N ASP D 73 26.15 -9.88 10.48
CA ASP D 73 25.82 -8.46 10.62
C ASP D 73 25.02 -8.05 9.38
N ASN D 74 23.70 -8.01 9.52
CA ASN D 74 22.82 -7.76 8.38
C ASN D 74 23.06 -6.37 7.79
N ALA D 75 23.41 -5.39 8.62
CA ALA D 75 23.63 -4.04 8.11
C ALA D 75 24.91 -3.96 7.28
N LYS D 76 25.90 -4.78 7.58
CA LYS D 76 27.17 -4.77 6.88
C LYS D 76 27.32 -5.92 5.89
N ASP D 77 26.33 -6.82 5.82
CA ASP D 77 26.37 -7.99 4.94
C ASP D 77 27.64 -8.80 5.16
N THR D 78 28.00 -8.99 6.44
CA THR D 78 29.22 -9.69 6.81
C THR D 78 28.90 -10.82 7.78
N VAL D 79 29.46 -12.00 7.52
CA VAL D 79 29.33 -13.17 8.38
C VAL D 79 30.66 -13.38 9.09
N TYR D 80 30.62 -13.46 10.42
CA TYR D 80 31.83 -13.54 11.22
C TYR D 80 32.00 -14.93 11.82
N LEU D 81 33.27 -15.29 12.08
CA LEU D 81 33.62 -16.51 12.81
C LEU D 81 34.71 -16.12 13.81
N THR D 87 43.78 -24.74 18.47
CA THR D 87 44.74 -25.83 18.52
C THR D 87 45.32 -26.05 17.13
N PRO D 88 46.53 -26.61 17.03
CA PRO D 88 47.14 -26.84 15.70
C PRO D 88 46.27 -27.67 14.77
N GLU D 89 45.31 -28.45 15.29
CA GLU D 89 44.41 -29.21 14.44
C GLU D 89 43.47 -28.32 13.64
N ASP D 90 43.34 -27.05 14.02
CA ASP D 90 42.49 -26.10 13.31
C ASP D 90 43.17 -25.49 12.09
N THR D 91 44.41 -25.89 11.80
CA THR D 91 45.13 -25.36 10.65
C THR D 91 44.49 -25.84 9.36
N ALA D 92 43.93 -24.91 8.59
CA ALA D 92 43.25 -25.24 7.34
C ALA D 92 43.00 -23.94 6.60
N VAL D 93 42.51 -24.08 5.37
CA VAL D 93 42.06 -22.93 4.58
C VAL D 93 40.55 -22.80 4.83
N TYR D 94 40.16 -21.71 5.49
CA TYR D 94 38.76 -21.49 5.85
C TYR D 94 38.03 -20.77 4.72
N TYR D 95 36.92 -21.35 4.27
CA TYR D 95 36.15 -20.83 3.16
C TYR D 95 34.78 -20.35 3.62
N CYS D 96 34.30 -19.29 2.98
CA CYS D 96 32.97 -18.76 3.23
C CYS D 96 32.00 -19.30 2.20
N ASN D 97 30.78 -19.58 2.63
CA ASN D 97 29.79 -20.22 1.78
C ASN D 97 28.43 -19.56 1.96
N ALA D 98 27.67 -19.47 0.87
CA ALA D 98 26.32 -18.95 0.89
C ALA D 98 25.44 -19.83 0.02
N GLU D 99 24.32 -20.30 0.58
CA GLU D 99 23.39 -21.16 -0.13
C GLU D 99 22.11 -20.39 -0.43
N SER D 100 21.61 -20.54 -1.65
CA SER D 100 20.45 -19.79 -2.13
C SER D 100 19.16 -20.53 -1.84
N ASP D 101 18.07 -19.78 -1.86
CA ASP D 101 16.76 -20.33 -1.60
C ASP D 101 16.26 -21.15 -2.79
N GLY D 102 15.31 -22.03 -2.54
CA GLY D 102 14.72 -22.86 -3.57
C GLY D 102 15.60 -24.03 -3.96
N TRP D 103 14.96 -25.06 -4.51
CA TRP D 103 15.67 -26.27 -4.92
C TRP D 103 16.61 -26.01 -6.09
N TYR D 104 16.42 -24.92 -6.81
CA TYR D 104 17.28 -24.50 -7.91
C TYR D 104 18.42 -23.61 -7.45
N GLY D 105 18.47 -23.26 -6.16
CA GLY D 105 19.34 -22.19 -5.73
C GLY D 105 20.81 -22.49 -5.98
N LEU D 106 21.57 -21.43 -6.23
CA LEU D 106 23.00 -21.52 -6.47
C LEU D 106 23.77 -21.60 -5.17
N SER D 107 24.96 -22.18 -5.25
CA SER D 107 25.92 -22.20 -4.15
C SER D 107 27.06 -21.25 -4.48
N TYR D 108 27.46 -20.44 -3.52
CA TYR D 108 28.55 -19.49 -3.67
C TYR D 108 29.67 -19.83 -2.71
N TRP D 109 30.91 -19.67 -3.17
CA TRP D 109 32.08 -19.95 -2.36
C TRP D 109 33.06 -18.80 -2.49
N GLY D 110 33.71 -18.47 -1.37
CA GLY D 110 34.73 -17.44 -1.36
C GLY D 110 36.08 -17.97 -1.80
N GLN D 111 37.08 -17.10 -1.70
CA GLN D 111 38.44 -17.44 -2.11
C GLN D 111 39.23 -18.10 -1.00
N GLY D 112 38.75 -18.07 0.23
CA GLY D 112 39.42 -18.71 1.34
C GLY D 112 40.43 -17.81 2.01
N GLN D 114 43.82 -18.30 4.88
CA GLN D 114 44.69 -19.27 5.54
C GLN D 114 44.73 -19.01 7.03
N THR D 116 46.94 -20.61 9.97
CA THR D 116 48.02 -21.49 10.38
C THR D 116 48.24 -21.32 11.88
N VAL D 117 48.14 -22.42 12.62
CA VAL D 117 48.36 -22.38 14.07
C VAL D 117 49.16 -23.60 14.50
#